data_2I6A
#
_entry.id   2I6A
#
_cell.length_a   61.850
_cell.length_b   66.930
_cell.length_c   87.140
_cell.angle_alpha   97.76
_cell.angle_beta   103.70
_cell.angle_gamma   89.95
#
_symmetry.space_group_name_H-M   'P 1'
#
loop_
_entity.id
_entity.type
_entity.pdbx_description
1 polymer 'Adenosine kinase'
2 non-polymer 7-(5-DEOXY-BETA-D-RIBOFURANOSYL)-5-IODO-7H-PYRROLO[2,3-D]PYRIMIDIN-4-AMINE
3 water water
#
_entity_poly.entity_id   1
_entity_poly.type   'polypeptide(L)'
_entity_poly.pdbx_seq_one_letter_code
;MTSVRENILFGMGNPLLDISAVVDKDFLDKYSLKPNDQILAEDKHKELFDELVKKFKVEYHAGGSTQNSIKVAQWMIQQP
HKAATFFGCIGIDKFGEILKRKAAEAHVDAHYYEQNEQPTGTCAACITGDNRSLIANLAAANCYKKEKHLDLEKNWMLVE
KARVCYIAGFFLTVSPESVLKVAHHASENNRIFTLNLSAPFISQFYKESLMKVMPYVDILFGNETEAATFAREQGFETKD
IKEIAKKTQALPKMNSKRQRIVIFTQGRDDTIMATESEVTAFAVLDQDQKEIIDTNGAGDAFVGGFLSQLVSDKPLTECI
RAGHYAASIIIRRTGCTFPEKPDFH
;
_entity_poly.pdbx_strand_id   A,B,C,D
#
# COMPACT_ATOMS: atom_id res chain seq x y z
N SER A 3 22.00 -18.08 -1.74
CA SER A 3 22.06 -19.54 -1.71
C SER A 3 21.62 -20.11 -0.35
N VAL A 4 20.94 -19.27 0.43
CA VAL A 4 20.42 -19.70 1.74
C VAL A 4 18.93 -19.48 1.68
N ARG A 5 18.15 -20.47 2.09
CA ARG A 5 16.70 -20.35 2.05
C ARG A 5 16.11 -19.52 3.19
N GLU A 6 14.80 -19.25 3.11
CA GLU A 6 14.16 -18.39 4.09
C GLU A 6 14.09 -19.05 5.46
N ASN A 7 14.13 -18.23 6.49
CA ASN A 7 14.01 -18.72 7.86
C ASN A 7 15.23 -19.51 8.30
N ILE A 8 16.37 -19.20 7.70
CA ILE A 8 17.64 -19.89 8.01
C ILE A 8 18.19 -19.38 9.32
N LEU A 9 17.81 -18.15 9.64
CA LEU A 9 18.23 -17.50 10.87
C LEU A 9 17.00 -17.26 11.72
N PHE A 10 17.00 -17.73 12.96
CA PHE A 10 15.84 -17.55 13.85
C PHE A 10 16.22 -16.75 15.08
N GLY A 11 15.41 -15.74 15.38
CA GLY A 11 15.62 -14.86 16.54
C GLY A 11 14.28 -14.53 17.24
N MET A 12 14.33 -14.36 18.55
CA MET A 12 13.14 -14.03 19.32
C MET A 12 13.61 -13.19 20.49
N GLY A 13 12.81 -12.22 20.92
CA GLY A 13 13.25 -11.37 22.02
C GLY A 13 12.17 -10.39 22.42
N ASN A 14 12.58 -9.23 22.94
CA ASN A 14 11.66 -8.17 23.32
C ASN A 14 11.43 -7.10 22.24
N PRO A 15 10.35 -7.21 21.49
CA PRO A 15 10.06 -6.16 20.48
C PRO A 15 9.74 -4.83 21.19
N LEU A 16 10.70 -3.90 21.22
CA LEU A 16 10.52 -2.58 21.86
C LEU A 16 10.57 -1.39 20.91
N LEU A 17 9.96 -0.25 21.31
CA LEU A 17 10.04 1.00 20.53
C LEU A 17 10.92 2.00 21.32
N ASP A 18 12.04 2.39 20.73
CA ASP A 18 12.95 3.30 21.39
C ASP A 18 12.47 4.74 21.39
N ILE A 19 12.42 5.31 22.59
CA ILE A 19 11.98 6.70 22.79
C ILE A 19 13.18 7.50 23.26
N SER A 20 13.80 8.21 22.33
CA SER A 20 15.03 8.92 22.65
C SER A 20 14.97 10.43 22.57
N ALA A 21 15.74 11.05 23.44
CA ALA A 21 15.80 12.49 23.54
C ALA A 21 17.00 12.91 24.36
N VAL A 22 17.51 14.11 24.08
CA VAL A 22 18.59 14.71 24.87
C VAL A 22 17.98 15.34 26.13
N VAL A 23 18.53 14.96 27.28
CA VAL A 23 18.03 15.38 28.60
C VAL A 23 19.14 16.04 29.39
N ASP A 24 18.80 16.48 30.59
CA ASP A 24 19.74 17.20 31.43
C ASP A 24 20.01 16.47 32.74
N LYS A 25 21.20 16.70 33.31
CA LYS A 25 21.59 16.06 34.56
C LYS A 25 20.55 16.16 35.68
N ASP A 26 19.57 17.05 35.53
CA ASP A 26 18.53 17.15 36.56
C ASP A 26 17.50 16.04 36.35
N PHE A 27 17.48 15.52 35.12
CA PHE A 27 16.54 14.45 34.75
C PHE A 27 17.06 13.10 35.22
N LEU A 28 18.35 12.90 35.01
CA LEU A 28 19.00 11.67 35.42
C LEU A 28 19.01 11.54 36.94
N ASP A 29 19.10 12.67 37.63
CA ASP A 29 19.19 12.66 39.08
C ASP A 29 17.82 12.54 39.71
N LYS A 30 16.81 13.00 38.99
CA LYS A 30 15.46 12.92 39.55
C LYS A 30 15.06 11.46 39.66
N TYR A 31 15.67 10.64 38.80
CA TYR A 31 15.33 9.25 38.67
C TYR A 31 16.49 8.38 39.14
N SER A 32 17.56 9.05 39.54
CA SER A 32 18.77 8.42 40.06
C SER A 32 19.40 7.47 39.04
N LEU A 33 19.47 7.95 37.81
CA LEU A 33 20.01 7.20 36.70
C LEU A 33 21.48 7.53 36.54
N LYS A 34 22.18 6.67 35.80
CA LYS A 34 23.59 6.85 35.49
C LYS A 34 23.65 7.26 34.04
N PRO A 35 24.52 8.23 33.72
CA PRO A 35 24.70 8.74 32.36
C PRO A 35 24.79 7.69 31.22
N ASN A 36 25.48 6.59 31.46
CA ASN A 36 25.59 5.52 30.46
C ASN A 36 25.31 4.19 31.15
N ASP A 37 24.19 3.55 30.82
CA ASP A 37 23.73 2.34 31.50
C ASP A 37 22.47 1.81 30.82
N GLN A 38 22.06 0.62 31.26
CA GLN A 38 20.90 -0.06 30.72
C GLN A 38 20.27 -0.71 31.90
N ILE A 39 18.96 -0.50 32.05
CA ILE A 39 18.23 -1.15 33.13
C ILE A 39 16.76 -1.32 32.84
N LEU A 40 16.11 -2.18 33.62
CA LEU A 40 14.69 -2.33 33.45
C LEU A 40 14.04 -1.36 34.43
N ALA A 41 12.90 -0.82 33.98
CA ALA A 41 12.06 0.09 34.74
C ALA A 41 11.53 -0.52 36.03
N GLU A 42 11.65 0.23 37.11
CA GLU A 42 11.04 -0.15 38.39
C GLU A 42 9.94 0.87 38.66
N ASP A 43 9.25 0.72 39.78
CA ASP A 43 8.15 1.61 40.07
C ASP A 43 8.55 3.06 40.12
N LYS A 44 9.77 3.31 40.52
CA LYS A 44 10.24 4.67 40.63
C LYS A 44 10.51 5.31 39.28
N HIS A 45 10.20 4.60 38.21
CA HIS A 45 10.51 5.07 36.88
C HIS A 45 9.27 5.40 36.08
N LYS A 46 8.13 4.83 36.48
CA LYS A 46 6.86 5.06 35.80
C LYS A 46 6.72 6.51 35.31
N GLU A 47 7.16 7.43 36.17
CA GLU A 47 7.04 8.87 35.95
C GLU A 47 8.11 9.40 34.99
N LEU A 48 9.09 8.56 34.70
CA LEU A 48 10.17 8.96 33.82
C LEU A 48 9.78 8.93 32.36
N PHE A 49 8.80 8.10 32.02
CA PHE A 49 8.37 8.04 30.64
C PHE A 49 7.43 9.17 30.26
N ASP A 50 6.45 9.44 31.12
CA ASP A 50 5.48 10.51 30.85
C ASP A 50 6.20 11.84 30.65
N GLU A 51 7.11 12.16 31.57
CA GLU A 51 7.77 13.45 31.56
C GLU A 51 8.84 13.63 30.52
N LEU A 52 9.38 12.51 30.05
CA LEU A 52 10.39 12.50 28.99
C LEU A 52 9.75 13.05 27.71
N VAL A 53 8.60 12.49 27.33
CA VAL A 53 7.86 12.92 26.14
C VAL A 53 7.16 14.27 26.28
N LYS A 54 6.83 14.68 27.50
CA LYS A 54 6.19 15.98 27.70
C LYS A 54 7.22 17.10 27.75
N LYS A 55 8.36 16.81 28.38
CA LYS A 55 9.36 17.83 28.57
C LYS A 55 10.50 17.91 27.61
N PHE A 56 10.62 16.96 26.68
CA PHE A 56 11.81 16.95 25.80
C PHE A 56 11.46 16.66 24.35
N LYS A 57 12.44 16.83 23.47
CA LYS A 57 12.22 16.61 22.03
C LYS A 57 12.56 15.16 21.65
N VAL A 58 11.64 14.27 21.96
CA VAL A 58 11.79 12.84 21.74
C VAL A 58 11.57 12.36 20.30
N GLU A 59 12.25 11.26 19.95
CA GLU A 59 12.08 10.59 18.65
C GLU A 59 11.80 9.09 18.80
N TYR A 60 11.12 8.50 17.82
CA TYR A 60 10.71 7.08 17.86
C TYR A 60 11.38 6.18 16.85
N HIS A 61 12.02 5.11 17.33
CA HIS A 61 12.72 4.12 16.48
C HIS A 61 12.41 2.69 16.91
N ALA A 62 12.05 1.83 15.96
CA ALA A 62 11.81 0.45 16.34
C ALA A 62 13.11 -0.12 16.93
N GLY A 63 13.00 -0.71 18.13
CA GLY A 63 14.15 -1.22 18.87
C GLY A 63 14.00 -2.69 19.32
N GLY A 64 14.67 -3.02 20.41
CA GLY A 64 14.69 -4.38 20.93
C GLY A 64 16.00 -4.90 20.35
N SER A 65 16.94 -5.24 21.24
CA SER A 65 18.24 -5.75 20.86
C SER A 65 18.20 -6.88 19.81
N THR A 66 17.68 -8.04 20.19
CA THR A 66 17.62 -9.15 19.23
C THR A 66 16.94 -8.74 17.92
N GLN A 67 15.84 -7.96 18.01
CA GLN A 67 15.15 -7.50 16.81
C GLN A 67 16.15 -6.78 15.91
N ASN A 68 16.89 -5.83 16.48
CA ASN A 68 17.87 -5.05 15.72
C ASN A 68 18.90 -5.94 15.00
N SER A 69 19.43 -6.92 15.72
CA SER A 69 20.38 -7.81 15.09
C SER A 69 19.69 -8.48 13.90
N ILE A 70 18.54 -9.08 14.14
CA ILE A 70 17.80 -9.76 13.09
C ILE A 70 17.62 -8.87 11.85
N LYS A 71 17.26 -7.63 12.06
CA LYS A 71 17.10 -6.71 10.96
C LYS A 71 18.45 -6.45 10.27
N VAL A 72 19.54 -6.27 11.04
CA VAL A 72 20.85 -6.02 10.46
C VAL A 72 21.34 -7.21 9.65
N ALA A 73 21.21 -8.40 10.24
CA ALA A 73 21.52 -9.68 9.62
C ALA A 73 20.78 -9.81 8.27
N GLN A 74 19.44 -9.75 8.28
CA GLN A 74 18.66 -9.81 7.04
C GLN A 74 19.10 -8.75 6.02
N TRP A 75 19.50 -7.56 6.49
CA TRP A 75 20.01 -6.58 5.56
C TRP A 75 21.25 -7.14 4.89
N MET A 76 22.24 -7.54 5.70
CA MET A 76 23.49 -8.15 5.17
C MET A 76 23.19 -9.35 4.26
N ILE A 77 22.32 -10.26 4.68
CA ILE A 77 21.89 -11.36 3.84
C ILE A 77 21.31 -10.83 2.52
N GLN A 78 20.41 -9.84 2.61
CA GLN A 78 19.83 -9.25 1.41
C GLN A 78 19.10 -10.26 0.53
N GLN A 79 19.80 -11.34 0.17
CA GLN A 79 19.29 -12.34 -0.77
C GLN A 79 17.84 -12.68 -0.79
N PRO A 80 17.45 -13.77 -0.14
CA PRO A 80 16.03 -14.13 -0.07
C PRO A 80 15.47 -13.34 1.08
N HIS A 81 14.37 -12.65 0.82
CA HIS A 81 13.71 -11.87 1.85
C HIS A 81 13.27 -12.92 2.84
N LYS A 82 13.03 -12.53 4.09
CA LYS A 82 12.56 -13.46 5.11
C LYS A 82 13.54 -14.61 5.37
N ALA A 83 14.83 -14.27 5.28
CA ALA A 83 15.94 -15.20 5.61
C ALA A 83 15.99 -15.33 7.13
N ALA A 84 15.71 -14.21 7.82
CA ALA A 84 15.72 -14.09 9.27
C ALA A 84 14.30 -14.05 9.86
N THR A 85 14.05 -14.88 10.86
CA THR A 85 12.74 -14.99 11.52
C THR A 85 12.82 -14.27 12.87
N PHE A 86 11.69 -13.76 13.37
CA PHE A 86 11.67 -13.08 14.68
C PHE A 86 10.30 -13.23 15.36
N PHE A 87 10.33 -13.75 16.60
CA PHE A 87 9.12 -13.89 17.44
C PHE A 87 9.15 -12.91 18.60
N GLY A 88 7.99 -12.53 19.08
CA GLY A 88 7.93 -11.68 20.24
C GLY A 88 6.54 -11.20 20.51
N CYS A 89 6.33 -10.61 21.67
CA CYS A 89 5.02 -10.14 22.04
C CYS A 89 4.90 -8.63 21.94
N ILE A 90 3.80 -8.21 21.35
CA ILE A 90 3.51 -6.81 21.27
C ILE A 90 2.05 -6.56 21.70
N GLY A 91 1.69 -5.30 21.86
CA GLY A 91 0.32 -4.96 22.20
C GLY A 91 -0.38 -4.67 20.91
N ILE A 92 -1.70 -4.50 21.01
CA ILE A 92 -2.51 -4.18 19.86
C ILE A 92 -2.74 -2.68 20.00
N ASP A 93 -1.81 -1.90 19.44
CA ASP A 93 -1.85 -0.47 19.51
C ASP A 93 -0.95 0.18 18.46
N LYS A 94 -0.87 1.51 18.49
CA LYS A 94 -0.07 2.32 17.57
C LYS A 94 1.36 1.85 17.43
N PHE A 95 2.09 1.82 18.54
CA PHE A 95 3.49 1.38 18.52
C PHE A 95 3.59 -0.05 17.97
N GLY A 96 2.65 -0.90 18.34
CA GLY A 96 2.61 -2.27 17.86
C GLY A 96 2.61 -2.23 16.35
N GLU A 97 1.62 -1.52 15.80
CA GLU A 97 1.50 -1.35 14.34
C GLU A 97 2.80 -0.85 13.64
N ILE A 98 3.50 0.06 14.31
CA ILE A 98 4.74 0.58 13.80
C ILE A 98 5.83 -0.48 13.75
N LEU A 99 6.00 -1.26 14.83
CA LEU A 99 7.04 -2.28 14.89
C LEU A 99 6.82 -3.30 13.82
N LYS A 100 5.59 -3.73 13.64
CA LYS A 100 5.29 -4.69 12.57
C LYS A 100 5.70 -4.11 11.20
N ARG A 101 5.33 -2.85 10.95
CA ARG A 101 5.62 -2.15 9.69
C ARG A 101 7.12 -2.06 9.45
N LYS A 102 7.83 -1.55 10.44
CA LYS A 102 9.30 -1.46 10.36
C LYS A 102 9.94 -2.83 10.14
N ALA A 103 9.26 -3.88 10.58
CA ALA A 103 9.74 -5.26 10.43
C ALA A 103 9.55 -5.78 8.99
N ALA A 104 8.48 -5.34 8.34
CA ALA A 104 8.20 -5.76 6.97
C ALA A 104 9.19 -5.06 6.03
N GLU A 105 9.44 -3.79 6.31
CA GLU A 105 10.36 -2.99 5.51
C GLU A 105 11.82 -3.45 5.68
N ALA A 106 12.03 -4.27 6.69
CA ALA A 106 13.34 -4.92 6.95
C ALA A 106 13.41 -6.24 6.17
N HIS A 107 12.25 -6.68 5.68
CA HIS A 107 12.09 -7.94 4.95
C HIS A 107 12.29 -9.09 5.89
N VAL A 108 12.03 -8.83 7.17
CA VAL A 108 12.15 -9.88 8.20
C VAL A 108 10.82 -10.58 8.28
N ASP A 109 10.87 -11.88 8.44
CA ASP A 109 9.67 -12.68 8.53
C ASP A 109 9.25 -12.71 9.99
N ALA A 110 8.67 -11.60 10.43
CA ALA A 110 8.20 -11.45 11.81
C ALA A 110 6.88 -12.15 12.09
N HIS A 111 6.76 -12.66 13.32
CA HIS A 111 5.54 -13.28 13.80
C HIS A 111 5.50 -12.88 15.24
N TYR A 112 4.50 -12.08 15.58
CA TYR A 112 4.35 -11.57 16.93
C TYR A 112 3.14 -12.20 17.57
N TYR A 113 3.15 -12.21 18.91
CA TYR A 113 1.99 -12.60 19.70
C TYR A 113 1.35 -11.27 20.11
N GLU A 114 0.20 -10.97 19.54
CA GLU A 114 -0.45 -9.71 19.87
C GLU A 114 -1.57 -9.94 20.87
N GLN A 115 -1.70 -9.01 21.83
CA GLN A 115 -2.73 -9.05 22.85
C GLN A 115 -3.20 -7.62 23.29
N ASN A 116 -4.33 -7.51 23.98
CA ASN A 116 -4.86 -6.21 24.41
C ASN A 116 -4.60 -5.81 25.88
N GLU A 117 -4.24 -6.77 26.70
CA GLU A 117 -3.94 -6.48 28.09
C GLU A 117 -2.77 -5.49 28.26
N GLN A 118 -1.65 -5.78 27.63
CA GLN A 118 -0.48 -4.94 27.76
C GLN A 118 -0.19 -4.19 26.48
N PRO A 119 0.28 -2.95 26.64
CA PRO A 119 0.66 -2.14 25.51
C PRO A 119 2.07 -2.52 25.05
N THR A 120 2.35 -2.33 23.76
CA THR A 120 3.69 -2.52 23.22
C THR A 120 4.74 -1.94 24.18
N GLY A 121 5.92 -2.56 24.22
CA GLY A 121 6.93 -2.17 25.20
C GLY A 121 7.83 -1.08 24.67
N THR A 122 8.44 -0.34 25.56
CA THR A 122 9.28 0.75 25.08
C THR A 122 10.59 0.75 25.83
N CYS A 123 11.56 1.46 25.28
CA CYS A 123 12.85 1.71 25.90
C CYS A 123 13.15 3.19 25.76
N ALA A 124 13.51 3.80 26.88
CA ALA A 124 13.86 5.22 26.93
C ALA A 124 15.36 5.31 26.81
N ALA A 125 15.80 6.19 25.91
CA ALA A 125 17.23 6.42 25.72
C ALA A 125 17.48 7.89 26.07
N CYS A 126 17.74 8.11 27.35
CA CYS A 126 17.94 9.45 27.86
C CYS A 126 19.36 9.85 27.61
N ILE A 127 19.57 10.66 26.58
CA ILE A 127 20.91 11.09 26.18
C ILE A 127 21.40 12.35 26.89
N THR A 128 22.70 12.37 27.11
CA THR A 128 23.39 13.53 27.68
C THR A 128 24.81 13.56 27.13
N GLY A 129 25.06 14.43 26.16
CA GLY A 129 26.35 14.49 25.53
C GLY A 129 26.54 13.22 24.70
N ASP A 130 27.52 12.42 25.07
CA ASP A 130 27.80 11.19 24.34
C ASP A 130 27.33 9.97 25.10
N ASN A 131 26.72 10.23 26.23
CA ASN A 131 26.22 9.22 27.11
C ASN A 131 24.77 8.82 26.72
N ARG A 132 24.40 7.59 27.11
CA ARG A 132 23.10 6.99 26.79
C ARG A 132 22.63 6.07 27.91
N SER A 133 21.62 6.53 28.61
CA SER A 133 21.08 5.79 29.73
C SER A 133 19.77 5.15 29.27
N LEU A 134 19.76 3.82 29.16
CA LEU A 134 18.56 3.12 28.69
C LEU A 134 17.76 2.55 29.85
N ILE A 135 16.45 2.71 29.78
CA ILE A 135 15.52 2.11 30.77
C ILE A 135 14.34 1.52 29.97
N ALA A 136 14.24 0.20 29.97
CA ALA A 136 13.15 -0.48 29.27
C ALA A 136 11.90 -0.66 30.13
N ASN A 137 10.74 -0.47 29.50
CA ASN A 137 9.44 -0.78 30.05
C ASN A 137 8.93 -1.87 29.12
N LEU A 138 9.36 -3.10 29.38
CA LEU A 138 8.97 -4.25 28.59
C LEU A 138 7.47 -4.29 28.32
N ALA A 139 6.66 -4.07 29.36
CA ALA A 139 5.20 -4.10 29.25
C ALA A 139 4.76 -5.32 28.48
N ALA A 140 4.23 -5.14 27.27
CA ALA A 140 3.85 -6.30 26.44
C ALA A 140 5.00 -7.29 26.05
N ALA A 141 6.25 -6.82 25.87
CA ALA A 141 7.29 -7.77 25.45
C ALA A 141 7.45 -8.85 26.51
N ASN A 142 7.06 -8.51 27.73
CA ASN A 142 7.07 -9.42 28.88
C ASN A 142 5.95 -10.48 28.88
N CYS A 143 4.99 -10.39 27.96
CA CYS A 143 3.88 -11.35 27.91
C CYS A 143 4.11 -12.64 27.18
N TYR A 144 5.30 -12.82 26.62
CA TYR A 144 5.56 -14.01 25.85
C TYR A 144 5.54 -15.31 26.62
N LYS A 145 4.67 -16.21 26.18
CA LYS A 145 4.51 -17.55 26.77
C LYS A 145 4.78 -18.55 25.65
N LYS A 146 5.62 -19.53 25.90
CA LYS A 146 5.89 -20.46 24.82
C LYS A 146 4.61 -21.20 24.45
N GLU A 147 3.88 -21.62 25.48
CA GLU A 147 2.71 -22.46 25.29
C GLU A 147 1.70 -21.86 24.32
N LYS A 148 1.66 -20.53 24.28
CA LYS A 148 0.66 -19.82 23.46
C LYS A 148 1.20 -19.12 22.23
N HIS A 149 2.41 -19.49 21.83
CA HIS A 149 2.99 -18.93 20.60
C HIS A 149 4.04 -19.80 19.98
N LEU A 150 5.18 -19.92 20.67
CA LEU A 150 6.32 -20.68 20.19
C LEU A 150 5.98 -22.16 20.05
N ASP A 151 5.00 -22.63 20.83
CA ASP A 151 4.58 -24.03 20.73
C ASP A 151 3.63 -24.31 19.57
N LEU A 152 2.88 -23.29 19.15
CA LEU A 152 1.97 -23.42 17.99
C LEU A 152 2.73 -24.04 16.83
N GLU A 153 2.10 -24.93 16.09
CA GLU A 153 2.82 -25.64 15.05
C GLU A 153 3.31 -24.75 13.93
N LYS A 154 2.45 -23.85 13.45
CA LYS A 154 2.88 -22.97 12.38
C LYS A 154 4.12 -22.15 12.78
N ASN A 155 4.22 -21.79 14.06
CA ASN A 155 5.35 -21.03 14.59
C ASN A 155 6.58 -21.90 14.87
N TRP A 156 6.40 -22.97 15.63
CA TRP A 156 7.53 -23.84 15.98
C TRP A 156 8.16 -24.45 14.74
N MET A 157 7.36 -24.46 13.67
CA MET A 157 7.71 -24.98 12.36
C MET A 157 8.80 -24.11 11.73
N LEU A 158 8.69 -22.80 11.90
CA LEU A 158 9.70 -21.88 11.35
C LEU A 158 11.02 -21.99 12.11
N VAL A 159 10.95 -22.32 13.40
CA VAL A 159 12.14 -22.49 14.25
C VAL A 159 12.88 -23.74 13.74
N GLU A 160 12.11 -24.76 13.39
CA GLU A 160 12.68 -25.99 12.86
C GLU A 160 13.42 -25.82 11.50
N LYS A 161 13.28 -24.67 10.86
CA LYS A 161 13.95 -24.43 9.59
C LYS A 161 15.35 -23.77 9.75
N ALA A 162 15.59 -23.12 10.88
CA ALA A 162 16.82 -22.36 11.06
C ALA A 162 18.08 -23.18 11.40
N ARG A 163 19.22 -22.73 10.89
CA ARG A 163 20.50 -23.39 11.09
C ARG A 163 21.13 -22.67 12.27
N VAL A 164 20.82 -21.38 12.38
CA VAL A 164 21.34 -20.57 13.47
C VAL A 164 20.21 -19.93 14.22
N CYS A 165 20.28 -19.97 15.54
CA CYS A 165 19.31 -19.31 16.40
C CYS A 165 20.03 -18.25 17.26
N TYR A 166 19.38 -17.11 17.50
CA TYR A 166 19.98 -16.09 18.33
C TYR A 166 18.92 -15.46 19.17
N ILE A 167 19.22 -15.35 20.47
CA ILE A 167 18.36 -14.70 21.45
C ILE A 167 19.29 -13.91 22.39
N ALA A 168 19.07 -12.61 22.45
CA ALA A 168 19.76 -11.75 23.39
C ALA A 168 19.35 -12.20 24.79
N GLY A 169 20.26 -12.08 25.74
CA GLY A 169 19.96 -12.55 27.11
C GLY A 169 18.85 -11.75 27.72
N PHE A 170 18.60 -10.57 27.16
CA PHE A 170 17.51 -9.73 27.64
C PHE A 170 16.22 -10.50 27.80
N PHE A 171 16.05 -11.57 27.04
CA PHE A 171 14.77 -12.27 27.01
C PHE A 171 14.64 -13.22 28.17
N LEU A 172 15.75 -13.51 28.81
CA LEU A 172 15.77 -14.41 29.98
C LEU A 172 14.90 -13.84 31.08
N THR A 173 14.69 -12.53 31.07
CA THR A 173 13.90 -11.95 32.16
C THR A 173 12.45 -12.15 31.83
N VAL A 174 12.17 -12.65 30.62
CA VAL A 174 10.78 -12.78 30.17
C VAL A 174 10.34 -14.22 30.10
N SER A 175 11.08 -15.04 29.35
CA SER A 175 10.73 -16.43 29.18
C SER A 175 11.97 -17.32 29.06
N PRO A 176 12.55 -17.72 30.18
CA PRO A 176 13.65 -18.72 30.16
C PRO A 176 13.17 -20.07 29.54
N GLU A 177 11.88 -20.36 29.71
CA GLU A 177 11.27 -21.60 29.21
C GLU A 177 11.33 -21.66 27.68
N SER A 178 10.98 -20.53 27.05
CA SER A 178 11.07 -20.39 25.60
C SER A 178 12.51 -20.51 25.12
N VAL A 179 13.45 -19.85 25.77
CA VAL A 179 14.83 -19.93 25.36
C VAL A 179 15.34 -21.36 25.47
N LEU A 180 15.11 -21.99 26.62
CA LEU A 180 15.56 -23.37 26.81
C LEU A 180 15.07 -24.30 25.75
N LYS A 181 13.77 -24.27 25.49
CA LYS A 181 13.17 -25.09 24.42
C LYS A 181 13.96 -24.89 23.12
N VAL A 182 14.19 -23.62 22.75
CA VAL A 182 14.94 -23.37 21.54
C VAL A 182 16.35 -23.88 21.69
N ALA A 183 16.97 -23.57 22.81
CA ALA A 183 18.34 -24.03 23.06
C ALA A 183 18.46 -25.55 22.98
N HIS A 184 17.60 -26.24 23.73
CA HIS A 184 17.62 -27.69 23.74
C HIS A 184 17.43 -28.33 22.36
N HIS A 185 16.58 -27.72 21.52
CA HIS A 185 16.33 -28.14 20.14
C HIS A 185 17.57 -28.00 19.24
N ALA A 186 18.31 -26.90 19.40
CA ALA A 186 19.55 -26.71 18.62
C ALA A 186 20.52 -27.88 18.95
N SER A 187 20.59 -28.21 20.23
CA SER A 187 21.49 -29.24 20.74
C SER A 187 21.15 -30.60 20.11
N GLU A 188 19.91 -31.01 20.31
CA GLU A 188 19.46 -32.29 19.79
C GLU A 188 19.60 -32.43 18.28
N ASN A 189 19.56 -31.33 17.54
CA ASN A 189 19.67 -31.40 16.10
C ASN A 189 20.95 -30.76 15.58
N ASN A 190 21.96 -30.60 16.45
CA ASN A 190 23.21 -29.99 16.05
C ASN A 190 23.04 -28.70 15.26
N ARG A 191 22.24 -27.78 15.78
CA ARG A 191 22.04 -26.46 15.18
C ARG A 191 22.83 -25.47 16.01
N ILE A 192 23.10 -24.30 15.46
CA ILE A 192 23.86 -23.34 16.22
C ILE A 192 22.99 -22.49 17.16
N PHE A 193 23.28 -22.53 18.45
CA PHE A 193 22.56 -21.73 19.43
C PHE A 193 23.42 -20.61 20.01
N THR A 194 23.03 -19.37 19.72
CA THR A 194 23.78 -18.22 20.17
C THR A 194 22.98 -17.32 21.08
N LEU A 195 23.68 -16.65 21.99
CA LEU A 195 23.06 -15.82 23.03
C LEU A 195 23.91 -14.58 23.25
N ASN A 196 23.34 -13.59 23.94
CA ASN A 196 24.09 -12.38 24.25
C ASN A 196 24.02 -12.22 25.73
N LEU A 197 25.03 -11.60 26.31
CA LEU A 197 25.09 -11.32 27.73
C LEU A 197 24.24 -10.09 27.96
N SER A 198 23.95 -9.39 26.88
CA SER A 198 23.03 -8.25 26.87
C SER A 198 23.31 -7.03 27.71
N ALA A 199 23.59 -7.24 28.98
CA ALA A 199 23.70 -6.14 29.94
C ALA A 199 24.21 -6.68 31.27
N PRO A 200 24.75 -5.83 32.13
CA PRO A 200 25.29 -6.34 33.39
C PRO A 200 24.24 -6.92 34.29
N PHE A 201 23.05 -6.36 34.24
CA PHE A 201 21.95 -6.78 35.09
C PHE A 201 21.54 -8.23 34.86
N ILE A 202 21.86 -8.72 33.65
CA ILE A 202 21.57 -10.10 33.32
C ILE A 202 22.43 -11.14 34.08
N SER A 203 23.69 -10.80 34.32
CA SER A 203 24.59 -11.62 35.13
C SER A 203 24.41 -11.36 36.64
N GLN A 204 23.76 -10.26 37.00
CA GLN A 204 23.62 -9.92 38.40
C GLN A 204 22.35 -10.51 39.02
N PHE A 205 21.23 -10.35 38.33
CA PHE A 205 19.95 -10.79 38.85
C PHE A 205 19.28 -11.93 38.09
N TYR A 206 19.94 -12.45 37.03
CA TYR A 206 19.40 -13.59 36.27
C TYR A 206 20.31 -14.76 36.03
N LYS A 207 21.43 -14.81 36.76
CA LYS A 207 22.41 -15.89 36.60
C LYS A 207 21.80 -17.30 36.53
N GLU A 208 20.74 -17.51 37.29
CA GLU A 208 20.13 -18.81 37.31
C GLU A 208 19.59 -19.27 35.95
N SER A 209 18.82 -18.40 35.31
CA SER A 209 18.31 -18.61 33.95
C SER A 209 19.46 -18.61 32.94
N LEU A 210 20.44 -17.73 33.11
CA LEU A 210 21.58 -17.63 32.18
C LEU A 210 22.50 -18.85 32.21
N MET A 211 22.79 -19.28 33.43
CA MET A 211 23.72 -20.39 33.66
C MET A 211 23.08 -21.74 33.31
N LYS A 212 21.76 -21.76 33.36
CA LYS A 212 20.98 -22.93 33.00
C LYS A 212 20.93 -23.03 31.48
N VAL A 213 21.00 -21.87 30.83
CA VAL A 213 20.99 -21.83 29.38
C VAL A 213 22.39 -22.01 28.75
N MET A 214 23.45 -21.64 29.48
CA MET A 214 24.86 -21.64 29.01
C MET A 214 25.44 -22.93 28.46
N PRO A 215 24.92 -24.07 28.92
CA PRO A 215 25.48 -25.35 28.51
C PRO A 215 25.05 -25.64 27.07
N TYR A 216 24.15 -24.80 26.56
CA TYR A 216 23.61 -24.93 25.20
C TYR A 216 24.09 -23.84 24.28
N VAL A 217 24.83 -22.88 24.83
CA VAL A 217 25.36 -21.78 24.04
C VAL A 217 26.59 -22.13 23.22
N ASP A 218 26.44 -22.10 21.89
CA ASP A 218 27.52 -22.44 20.98
C ASP A 218 28.43 -21.24 20.74
N ILE A 219 27.81 -20.08 20.63
CA ILE A 219 28.58 -18.84 20.52
C ILE A 219 28.00 -17.84 21.53
N LEU A 220 28.87 -17.32 22.41
CA LEU A 220 28.44 -16.29 23.36
C LEU A 220 28.94 -14.91 22.84
N PHE A 221 28.13 -13.88 23.01
CA PHE A 221 28.44 -12.51 22.61
C PHE A 221 28.24 -11.63 23.87
N GLY A 222 28.77 -10.43 23.81
CA GLY A 222 28.68 -9.51 24.92
C GLY A 222 29.84 -8.54 24.71
N ASN A 223 29.90 -7.49 25.54
CA ASN A 223 30.93 -6.48 25.39
C ASN A 223 31.79 -6.57 26.64
N GLU A 224 32.77 -5.65 26.78
CA GLU A 224 33.66 -5.60 27.92
C GLU A 224 33.00 -5.51 29.29
N THR A 225 32.07 -4.57 29.48
CA THR A 225 31.39 -4.37 30.76
C THR A 225 30.56 -5.57 31.17
N GLU A 226 29.83 -6.16 30.22
CA GLU A 226 29.08 -7.40 30.43
C GLU A 226 30.01 -8.58 30.72
N ALA A 227 31.16 -8.63 30.05
CA ALA A 227 32.12 -9.70 30.32
C ALA A 227 32.77 -9.50 31.72
N ALA A 228 32.99 -8.25 32.13
CA ALA A 228 33.61 -8.01 33.45
C ALA A 228 32.66 -8.40 34.59
N THR A 229 31.39 -8.03 34.42
CA THR A 229 30.36 -8.37 35.39
C THR A 229 30.15 -9.87 35.44
N PHE A 230 30.19 -10.53 34.27
CA PHE A 230 30.00 -11.99 34.17
C PHE A 230 31.13 -12.75 34.87
N ALA A 231 32.35 -12.22 34.78
CA ALA A 231 33.50 -12.85 35.42
C ALA A 231 33.34 -12.70 36.91
N ARG A 232 33.05 -11.49 37.34
CA ARG A 232 32.86 -11.27 38.78
C ARG A 232 31.74 -12.04 39.48
N GLU A 233 30.65 -12.28 38.76
CA GLU A 233 29.52 -13.00 39.35
C GLU A 233 29.70 -14.53 39.25
N GLN A 234 30.48 -14.97 38.29
CA GLN A 234 30.78 -16.38 38.16
C GLN A 234 31.96 -16.75 39.06
N GLY A 235 32.69 -15.75 39.56
CA GLY A 235 33.83 -16.04 40.44
C GLY A 235 35.14 -16.27 39.67
N PHE A 236 35.22 -15.75 38.45
CA PHE A 236 36.41 -15.92 37.60
C PHE A 236 37.72 -15.40 38.20
N GLU A 237 37.64 -14.32 39.00
CA GLU A 237 38.82 -13.77 39.65
C GLU A 237 39.84 -13.28 38.62
N THR A 238 39.38 -12.39 37.75
CA THR A 238 40.22 -11.84 36.71
C THR A 238 39.41 -10.79 35.94
N LYS A 239 40.07 -9.68 35.63
CA LYS A 239 39.48 -8.55 34.92
C LYS A 239 40.07 -8.60 33.50
N ASP A 240 40.98 -9.52 33.26
CA ASP A 240 41.59 -9.59 31.92
C ASP A 240 40.58 -10.16 30.94
N ILE A 241 40.13 -9.33 29.98
CA ILE A 241 39.14 -9.78 29.01
C ILE A 241 39.46 -11.12 28.28
N LYS A 242 40.70 -11.28 27.81
CA LYS A 242 41.10 -12.48 27.07
C LYS A 242 41.03 -13.70 27.99
N GLU A 243 41.40 -13.51 29.25
CA GLU A 243 41.32 -14.55 30.27
C GLU A 243 39.86 -14.92 30.59
N ILE A 244 38.99 -13.90 30.55
CA ILE A 244 37.57 -14.08 30.80
C ILE A 244 36.95 -14.86 29.63
N ALA A 245 37.35 -14.48 28.44
CA ALA A 245 36.83 -15.11 27.25
C ALA A 245 37.19 -16.59 27.30
N LYS A 246 38.40 -16.87 27.79
CA LYS A 246 38.93 -18.24 27.85
C LYS A 246 38.17 -19.07 28.86
N LYS A 247 38.00 -18.57 30.08
CA LYS A 247 37.26 -19.34 31.10
C LYS A 247 35.80 -19.51 30.72
N THR A 248 35.25 -18.48 30.06
CA THR A 248 33.86 -18.55 29.58
C THR A 248 33.71 -19.61 28.49
N GLN A 249 34.71 -19.70 27.59
CA GLN A 249 34.66 -20.72 26.53
C GLN A 249 34.75 -22.15 27.07
N ALA A 250 35.37 -22.33 28.23
CA ALA A 250 35.53 -23.67 28.79
C ALA A 250 34.32 -24.14 29.63
N LEU A 251 33.32 -23.29 29.79
CA LEU A 251 32.19 -23.63 30.67
C LEU A 251 31.51 -24.90 30.22
N PRO A 252 30.76 -25.53 31.13
CA PRO A 252 30.16 -26.84 30.80
C PRO A 252 29.24 -26.77 29.60
N LYS A 253 29.49 -27.65 28.64
CA LYS A 253 28.71 -27.62 27.40
C LYS A 253 27.97 -28.88 27.19
N MET A 254 26.71 -28.74 26.82
CA MET A 254 25.87 -29.92 26.60
C MET A 254 26.27 -30.70 25.32
N ASN A 255 26.26 -30.03 24.18
CA ASN A 255 26.57 -30.65 22.89
C ASN A 255 28.04 -30.58 22.52
N SER A 256 28.74 -31.69 22.71
CA SER A 256 30.16 -31.81 22.45
C SER A 256 30.58 -31.69 20.97
N LYS A 257 29.64 -31.84 20.03
CA LYS A 257 29.95 -31.74 18.58
C LYS A 257 30.46 -30.36 18.22
N ARG A 258 30.00 -29.37 18.95
CA ARG A 258 30.42 -28.00 18.71
C ARG A 258 31.18 -27.61 19.96
N GLN A 259 32.26 -26.86 19.76
CA GLN A 259 33.06 -26.36 20.85
C GLN A 259 32.58 -24.92 20.99
N ARG A 260 32.60 -24.38 22.20
CA ARG A 260 32.07 -23.04 22.34
C ARG A 260 32.93 -21.96 21.74
N ILE A 261 32.29 -20.87 21.34
CA ILE A 261 33.00 -19.68 20.87
C ILE A 261 32.47 -18.52 21.70
N VAL A 262 33.38 -17.70 22.20
CA VAL A 262 33.05 -16.48 22.94
C VAL A 262 33.54 -15.25 22.16
N ILE A 263 32.72 -14.20 22.13
CA ILE A 263 33.01 -13.02 21.31
C ILE A 263 32.68 -11.75 22.05
N PHE A 264 33.71 -11.01 22.45
CA PHE A 264 33.58 -9.77 23.25
C PHE A 264 34.04 -8.49 22.54
N THR A 265 33.10 -7.60 22.30
CA THR A 265 33.36 -6.34 21.70
C THR A 265 33.84 -5.34 22.73
N GLN A 266 34.76 -4.45 22.34
CA GLN A 266 35.32 -3.46 23.27
C GLN A 266 35.19 -2.02 22.84
N GLY A 267 34.05 -1.68 22.20
CA GLY A 267 33.82 -0.34 21.68
C GLY A 267 34.78 -0.15 20.51
N ARG A 268 35.68 0.82 20.64
CA ARG A 268 36.69 1.09 19.63
C ARG A 268 37.92 0.17 19.73
N ASP A 269 38.17 -0.35 20.93
CA ASP A 269 39.23 -1.36 21.13
C ASP A 269 38.92 -2.67 20.48
N ASP A 270 39.90 -3.55 20.44
CA ASP A 270 39.75 -4.84 19.76
C ASP A 270 38.57 -5.69 20.24
N THR A 271 38.09 -6.52 19.34
CA THR A 271 37.07 -7.51 19.67
C THR A 271 37.90 -8.72 20.06
N ILE A 272 37.38 -9.51 20.99
CA ILE A 272 38.09 -10.69 21.44
C ILE A 272 37.32 -11.97 21.18
N MET A 273 37.92 -12.88 20.42
CA MET A 273 37.32 -14.20 20.16
C MET A 273 38.13 -15.32 20.80
N ALA A 274 37.50 -16.14 21.62
CA ALA A 274 38.15 -17.27 22.25
C ALA A 274 37.47 -18.50 21.70
N THR A 275 38.26 -19.53 21.37
CA THR A 275 37.79 -20.80 20.82
C THR A 275 38.60 -21.83 21.61
N GLU A 276 38.26 -23.12 21.50
CA GLU A 276 39.01 -24.18 22.19
C GLU A 276 40.51 -23.98 21.97
N SER A 277 40.87 -23.70 20.71
CA SER A 277 42.26 -23.51 20.32
C SER A 277 42.97 -22.33 21.02
N GLU A 278 42.51 -21.10 20.79
CA GLU A 278 43.09 -19.91 21.44
C GLU A 278 42.12 -18.74 21.62
N VAL A 279 42.70 -17.61 22.05
CA VAL A 279 42.01 -16.32 22.18
C VAL A 279 42.73 -15.33 21.25
N THR A 280 42.00 -14.72 20.32
CA THR A 280 42.55 -13.77 19.34
C THR A 280 41.88 -12.40 19.37
N ALA A 281 42.64 -11.35 19.05
CA ALA A 281 42.08 -10.00 19.03
C ALA A 281 41.91 -9.46 17.60
N PHE A 282 40.87 -8.68 17.38
CA PHE A 282 40.60 -8.17 16.03
C PHE A 282 40.34 -6.68 16.07
N ALA A 283 41.19 -5.91 15.41
CA ALA A 283 41.05 -4.45 15.36
C ALA A 283 39.79 -4.04 14.61
N VAL A 284 39.13 -3.01 15.12
CA VAL A 284 37.92 -2.50 14.48
C VAL A 284 38.22 -1.56 13.32
N LEU A 285 37.25 -1.41 12.42
CA LEU A 285 37.38 -0.53 11.25
C LEU A 285 37.63 0.93 11.63
N ASP A 286 38.62 1.54 10.97
CA ASP A 286 38.97 2.94 11.22
C ASP A 286 37.83 3.91 10.98
N GLN A 287 36.68 3.58 11.57
CA GLN A 287 35.50 4.40 11.48
C GLN A 287 35.61 5.58 12.45
N ASP A 288 36.80 6.18 12.51
CA ASP A 288 37.09 7.32 13.37
C ASP A 288 36.10 8.47 13.22
N GLN A 289 36.39 9.59 13.87
CA GLN A 289 35.54 10.80 13.81
C GLN A 289 34.03 10.54 13.89
N LYS A 290 33.66 9.32 14.30
CA LYS A 290 32.26 8.92 14.38
C LYS A 290 31.51 9.48 15.58
N GLU A 291 32.25 10.10 16.49
CA GLU A 291 31.71 10.68 17.72
C GLU A 291 30.36 10.17 18.22
N ILE A 292 29.27 10.79 17.76
CA ILE A 292 27.95 10.36 18.17
C ILE A 292 27.61 8.99 17.60
N ILE A 293 28.15 7.94 18.25
CA ILE A 293 27.91 6.57 17.82
C ILE A 293 27.40 5.65 18.95
N ASP A 294 26.10 5.36 18.90
CA ASP A 294 25.45 4.48 19.85
C ASP A 294 26.25 3.17 20.07
N THR A 295 27.08 3.11 21.12
CA THR A 295 27.82 1.86 21.43
C THR A 295 26.91 0.62 21.52
N ASN A 296 25.79 0.77 22.21
CA ASN A 296 24.80 -0.30 22.30
C ASN A 296 24.28 -0.73 20.92
N GLY A 297 23.81 0.24 20.13
CA GLY A 297 23.30 0.00 18.80
C GLY A 297 24.40 -0.61 17.95
N ALA A 298 25.64 -0.19 18.23
CA ALA A 298 26.80 -0.69 17.51
C ALA A 298 26.98 -2.15 17.82
N GLY A 299 26.84 -2.49 19.10
CA GLY A 299 26.96 -3.87 19.53
C GLY A 299 25.98 -4.73 18.81
N ASP A 300 24.73 -4.28 18.67
CA ASP A 300 23.67 -5.07 18.08
C ASP A 300 23.93 -5.35 16.59
N ALA A 301 24.40 -4.31 15.90
CA ALA A 301 24.73 -4.36 14.47
C ALA A 301 25.92 -5.27 14.22
N PHE A 302 26.91 -5.22 15.11
CA PHE A 302 27.98 -6.20 15.12
C PHE A 302 27.42 -7.59 15.07
N VAL A 303 26.61 -7.96 16.06
CA VAL A 303 26.07 -9.34 16.06
C VAL A 303 25.28 -9.67 14.77
N GLY A 304 24.48 -8.71 14.29
CA GLY A 304 23.75 -8.90 13.03
C GLY A 304 24.71 -9.22 11.87
N GLY A 305 25.78 -8.42 11.74
CA GLY A 305 26.79 -8.68 10.70
C GLY A 305 27.35 -10.09 10.87
N PHE A 306 27.80 -10.39 12.08
CA PHE A 306 28.39 -11.70 12.35
C PHE A 306 27.43 -12.83 12.00
N LEU A 307 26.14 -12.66 12.35
CA LEU A 307 25.10 -13.67 12.06
C LEU A 307 24.84 -13.83 10.55
N SER A 308 24.82 -12.71 9.84
CA SER A 308 24.68 -12.73 8.39
C SER A 308 25.63 -13.73 7.70
N GLN A 309 26.92 -13.74 8.08
CA GLN A 309 27.90 -14.68 7.48
C GLN A 309 27.85 -16.08 8.04
N LEU A 310 27.82 -16.16 9.37
CA LEU A 310 27.73 -17.41 10.12
C LEU A 310 26.69 -18.34 9.53
N VAL A 311 25.56 -17.78 9.16
CA VAL A 311 24.49 -18.59 8.60
C VAL A 311 24.90 -19.40 7.36
N SER A 312 25.79 -18.83 6.55
CA SER A 312 26.28 -19.53 5.36
C SER A 312 27.69 -20.11 5.56
N ASP A 313 27.99 -20.48 6.79
CA ASP A 313 29.24 -21.13 7.10
C ASP A 313 30.54 -20.41 6.76
N LYS A 314 30.53 -19.09 6.62
CA LYS A 314 31.78 -18.40 6.37
C LYS A 314 32.74 -18.61 7.55
N PRO A 315 34.03 -18.41 7.34
CA PRO A 315 34.99 -18.62 8.43
C PRO A 315 34.74 -17.56 9.52
N LEU A 316 35.13 -17.82 10.76
CA LEU A 316 34.92 -16.91 11.89
C LEU A 316 35.48 -15.52 11.66
N THR A 317 36.70 -15.45 11.15
CA THR A 317 37.32 -14.17 10.82
C THR A 317 36.47 -13.34 9.82
N GLU A 318 35.71 -14.04 8.98
CA GLU A 318 34.86 -13.42 7.96
C GLU A 318 33.60 -12.89 8.69
N CYS A 319 33.06 -13.74 9.57
CA CYS A 319 31.97 -13.37 10.47
C CYS A 319 32.31 -12.09 11.27
N ILE A 320 33.47 -12.07 11.90
CA ILE A 320 33.90 -10.88 12.62
C ILE A 320 34.04 -9.62 11.71
N ARG A 321 34.51 -9.85 10.48
CA ARG A 321 34.75 -8.80 9.49
C ARG A 321 33.44 -8.11 9.11
N ALA A 322 32.42 -8.95 8.92
CA ALA A 322 31.06 -8.53 8.62
C ALA A 322 30.50 -7.78 9.83
N GLY A 323 30.73 -8.34 11.02
CA GLY A 323 30.32 -7.66 12.23
C GLY A 323 30.84 -6.24 12.30
N HIS A 324 32.14 -6.06 12.15
CA HIS A 324 32.75 -4.74 12.18
C HIS A 324 32.21 -3.81 11.10
N TYR A 325 31.82 -4.38 9.97
CA TYR A 325 31.30 -3.59 8.87
C TYR A 325 29.95 -3.05 9.25
N ALA A 326 29.01 -3.95 9.52
CA ALA A 326 27.66 -3.60 9.97
C ALA A 326 27.70 -2.51 11.06
N ALA A 327 28.57 -2.72 12.04
CA ALA A 327 28.79 -1.80 13.14
C ALA A 327 29.25 -0.38 12.73
N SER A 328 29.83 -0.24 11.55
CA SER A 328 30.28 1.08 11.04
C SER A 328 29.20 1.81 10.27
N ILE A 329 28.36 1.03 9.60
CA ILE A 329 27.34 1.55 8.72
C ILE A 329 26.06 1.87 9.43
N ILE A 330 25.38 0.82 9.87
CA ILE A 330 24.08 0.95 10.56
C ILE A 330 24.13 1.78 11.86
N ILE A 331 24.10 3.10 11.67
CA ILE A 331 24.20 4.06 12.74
C ILE A 331 22.92 4.89 12.91
N ARG A 332 22.21 4.67 14.02
CA ARG A 332 21.08 5.51 14.33
C ARG A 332 21.58 6.91 14.73
N ARG A 333 20.74 7.91 14.53
CA ARG A 333 21.13 9.27 14.84
C ARG A 333 19.98 10.17 15.28
N THR A 334 20.28 11.12 16.15
CA THR A 334 19.27 12.04 16.64
C THR A 334 19.07 13.20 15.64
N GLY A 335 17.86 13.72 15.59
CA GLY A 335 17.56 14.86 14.71
C GLY A 335 17.27 14.50 13.24
N CYS A 336 17.11 13.22 12.98
CA CYS A 336 16.85 12.75 11.64
C CYS A 336 15.41 12.94 11.15
N THR A 337 14.48 12.23 11.79
CA THR A 337 13.06 12.30 11.46
C THR A 337 12.39 13.61 11.90
N PHE A 338 11.22 13.88 11.31
CA PHE A 338 10.41 15.04 11.67
C PHE A 338 9.26 14.57 12.57
N PRO A 339 8.86 15.39 13.54
CA PRO A 339 7.77 14.94 14.42
C PRO A 339 6.52 14.80 13.56
N GLU A 340 5.69 13.83 13.90
CA GLU A 340 4.47 13.53 13.15
C GLU A 340 3.45 14.67 13.05
N LYS A 341 3.31 15.43 14.13
CA LYS A 341 2.39 16.54 14.16
C LYS A 341 3.11 17.76 14.68
N PRO A 342 2.91 18.90 14.02
CA PRO A 342 3.49 20.14 14.46
C PRO A 342 3.26 20.34 15.97
N ASP A 343 3.64 21.49 16.49
CA ASP A 343 3.38 21.81 17.89
C ASP A 343 3.37 23.31 17.95
N PHE A 344 3.10 23.93 16.80
CA PHE A 344 3.22 25.36 16.72
C PHE A 344 2.24 26.14 17.57
N HIS A 345 1.00 25.66 17.62
CA HIS A 345 -0.10 26.35 18.31
C HIS A 345 -0.98 27.30 17.47
N SER B 3 10.83 -23.29 -10.77
CA SER B 3 12.20 -23.62 -11.19
C SER B 3 12.51 -22.85 -12.48
N VAL B 4 11.81 -21.73 -12.65
CA VAL B 4 11.87 -20.90 -13.84
C VAL B 4 12.07 -19.47 -13.32
N ARG B 5 13.03 -18.72 -13.85
CA ARG B 5 13.27 -17.37 -13.33
C ARG B 5 12.29 -16.29 -13.79
N GLU B 6 12.57 -15.05 -13.41
CA GLU B 6 11.68 -13.98 -13.81
C GLU B 6 11.95 -13.56 -15.24
N ASN B 7 10.90 -13.09 -15.93
CA ASN B 7 11.11 -12.62 -17.29
C ASN B 7 11.35 -13.75 -18.31
N ILE B 8 11.13 -14.99 -17.87
CA ILE B 8 11.27 -16.15 -18.76
C ILE B 8 10.27 -16.16 -19.91
N LEU B 9 9.20 -15.38 -19.79
CA LEU B 9 8.18 -15.29 -20.83
C LEU B 9 8.10 -13.84 -21.18
N PHE B 10 8.19 -13.52 -22.46
CA PHE B 10 8.04 -12.11 -22.88
C PHE B 10 6.86 -11.95 -23.79
N GLY B 11 6.19 -10.79 -23.67
CA GLY B 11 5.02 -10.44 -24.50
C GLY B 11 4.94 -8.92 -24.62
N MET B 12 4.40 -8.47 -25.76
CA MET B 12 4.12 -7.06 -26.07
C MET B 12 2.87 -6.96 -26.97
N GLY B 13 2.08 -5.91 -26.75
CA GLY B 13 0.84 -5.75 -27.49
C GLY B 13 0.10 -4.51 -27.04
N ASN B 14 -1.15 -4.41 -27.46
CA ASN B 14 -1.98 -3.28 -27.09
C ASN B 14 -2.64 -3.42 -25.71
N PRO B 15 -2.23 -2.58 -24.73
CA PRO B 15 -2.86 -2.56 -23.41
C PRO B 15 -4.15 -1.75 -23.48
N LEU B 16 -5.28 -2.43 -23.57
CA LEU B 16 -6.60 -1.80 -23.66
C LEU B 16 -7.41 -2.05 -22.39
N LEU B 17 -8.40 -1.18 -22.17
CA LEU B 17 -9.36 -1.34 -21.08
C LEU B 17 -10.69 -1.65 -21.71
N ASP B 18 -11.22 -2.83 -21.42
CA ASP B 18 -12.47 -3.29 -22.00
C ASP B 18 -13.71 -2.58 -21.44
N ILE B 19 -14.56 -2.10 -22.32
CA ILE B 19 -15.80 -1.50 -21.88
C ILE B 19 -17.02 -2.29 -22.41
N SER B 20 -17.65 -3.04 -21.53
CA SER B 20 -18.69 -3.96 -21.95
C SER B 20 -20.03 -3.62 -21.37
N ALA B 21 -21.07 -3.87 -22.16
CA ALA B 21 -22.45 -3.61 -21.76
C ALA B 21 -23.33 -4.51 -22.60
N VAL B 22 -24.57 -4.72 -22.13
CA VAL B 22 -25.57 -5.44 -22.92
C VAL B 22 -26.30 -4.35 -23.70
N VAL B 23 -26.36 -4.53 -25.01
CA VAL B 23 -26.97 -3.54 -25.90
C VAL B 23 -28.17 -4.16 -26.66
N ASP B 24 -28.62 -3.44 -27.69
CA ASP B 24 -29.76 -3.87 -28.50
C ASP B 24 -29.47 -3.71 -29.99
N LYS B 25 -30.11 -4.57 -30.79
CA LYS B 25 -29.93 -4.55 -32.24
C LYS B 25 -30.01 -3.16 -32.86
N ASP B 26 -30.60 -2.20 -32.18
CA ASP B 26 -30.68 -0.88 -32.76
C ASP B 26 -29.32 -0.23 -32.59
N PHE B 27 -28.66 -0.61 -31.51
CA PHE B 27 -27.32 -0.11 -31.27
C PHE B 27 -26.36 -0.66 -32.34
N LEU B 28 -26.41 -1.97 -32.56
CA LEU B 28 -25.58 -2.61 -33.55
C LEU B 28 -25.80 -2.10 -34.96
N ASP B 29 -27.05 -1.87 -35.33
CA ASP B 29 -27.40 -1.38 -36.64
C ASP B 29 -27.03 0.08 -36.85
N LYS B 30 -27.03 0.87 -35.78
CA LYS B 30 -26.69 2.29 -35.96
C LYS B 30 -25.26 2.36 -36.42
N TYR B 31 -24.44 1.49 -35.86
CA TYR B 31 -23.02 1.45 -36.16
C TYR B 31 -22.66 0.28 -37.06
N SER B 32 -23.67 -0.24 -37.76
CA SER B 32 -23.50 -1.31 -38.74
C SER B 32 -22.49 -2.33 -38.27
N LEU B 33 -22.73 -2.85 -37.06
CA LEU B 33 -21.85 -3.85 -36.44
C LEU B 33 -22.45 -5.24 -36.64
N LYS B 34 -21.62 -6.28 -36.56
CA LYS B 34 -22.10 -7.66 -36.61
C LYS B 34 -22.11 -8.28 -35.20
N PRO B 35 -23.23 -8.88 -34.81
CA PRO B 35 -23.41 -9.50 -33.48
C PRO B 35 -22.16 -10.11 -32.81
N ASN B 36 -21.34 -10.80 -33.60
CA ASN B 36 -20.11 -11.42 -33.13
C ASN B 36 -19.00 -11.12 -34.15
N ASP B 37 -18.01 -10.34 -33.72
CA ASP B 37 -16.97 -9.87 -34.62
C ASP B 37 -15.92 -9.11 -33.82
N GLN B 38 -14.81 -8.78 -34.48
CA GLN B 38 -13.72 -8.05 -33.85
C GLN B 38 -13.16 -7.12 -34.88
N ILE B 39 -13.25 -5.83 -34.60
CA ILE B 39 -12.80 -4.83 -35.56
C ILE B 39 -12.09 -3.65 -34.93
N LEU B 40 -11.44 -2.86 -35.77
CA LEU B 40 -10.76 -1.67 -35.30
C LEU B 40 -11.78 -0.57 -35.58
N ALA B 41 -11.86 0.38 -34.64
CA ALA B 41 -12.74 1.52 -34.76
C ALA B 41 -12.36 2.36 -35.99
N GLU B 42 -13.39 2.95 -36.61
CA GLU B 42 -13.24 3.83 -37.76
C GLU B 42 -13.83 5.18 -37.38
N ASP B 43 -13.81 6.14 -38.29
CA ASP B 43 -14.38 7.45 -37.93
C ASP B 43 -15.87 7.34 -37.58
N LYS B 44 -16.57 6.47 -38.30
CA LYS B 44 -17.99 6.23 -38.09
C LYS B 44 -18.30 5.48 -36.81
N HIS B 45 -17.35 5.48 -35.88
CA HIS B 45 -17.53 4.75 -34.64
C HIS B 45 -17.30 5.69 -33.43
N LYS B 46 -16.67 6.84 -33.69
CA LYS B 46 -16.34 7.84 -32.65
C LYS B 46 -17.47 8.00 -31.67
N GLU B 47 -18.68 8.07 -32.23
CA GLU B 47 -19.93 8.22 -31.47
C GLU B 47 -20.30 7.00 -30.65
N LEU B 48 -19.79 5.84 -31.08
CA LEU B 48 -20.12 4.55 -30.48
C LEU B 48 -19.74 4.51 -29.01
N PHE B 49 -18.52 4.96 -28.72
CA PHE B 49 -17.98 4.89 -27.37
C PHE B 49 -18.69 5.77 -26.36
N ASP B 50 -19.07 6.98 -26.78
CA ASP B 50 -19.76 7.95 -25.93
C ASP B 50 -21.15 7.53 -25.49
N GLU B 51 -21.96 7.08 -26.44
CA GLU B 51 -23.33 6.66 -26.15
C GLU B 51 -23.47 5.26 -25.54
N LEU B 52 -22.43 4.43 -25.69
CA LEU B 52 -22.45 3.11 -25.10
C LEU B 52 -22.44 3.36 -23.59
N VAL B 53 -21.55 4.25 -23.16
CA VAL B 53 -21.42 4.54 -21.74
C VAL B 53 -22.58 5.36 -21.18
N LYS B 54 -23.08 6.27 -22.02
CA LYS B 54 -24.20 7.14 -21.68
C LYS B 54 -25.55 6.44 -21.66
N LYS B 55 -25.75 5.47 -22.55
CA LYS B 55 -27.06 4.82 -22.61
C LYS B 55 -27.16 3.42 -22.03
N PHE B 56 -26.02 2.82 -21.65
CA PHE B 56 -26.05 1.44 -21.14
C PHE B 56 -25.31 1.21 -19.83
N LYS B 57 -25.60 0.09 -19.18
CA LYS B 57 -24.94 -0.27 -17.93
C LYS B 57 -23.63 -0.99 -18.22
N VAL B 58 -22.63 -0.17 -18.51
CA VAL B 58 -21.30 -0.64 -18.85
C VAL B 58 -20.36 -0.99 -17.66
N GLU B 59 -19.41 -1.87 -17.90
CA GLU B 59 -18.42 -2.28 -16.87
C GLU B 59 -17.02 -2.22 -17.43
N TYR B 60 -16.03 -2.17 -16.53
CA TYR B 60 -14.63 -2.01 -16.91
C TYR B 60 -13.71 -3.15 -16.47
N HIS B 61 -12.85 -3.59 -17.38
CA HIS B 61 -11.95 -4.73 -17.12
C HIS B 61 -10.69 -4.57 -17.95
N ALA B 62 -9.52 -4.71 -17.34
CA ALA B 62 -8.30 -4.71 -18.14
C ALA B 62 -8.40 -5.77 -19.25
N GLY B 63 -7.98 -5.36 -20.43
CA GLY B 63 -7.99 -6.24 -21.60
C GLY B 63 -6.71 -6.15 -22.43
N GLY B 64 -6.86 -6.37 -23.73
CA GLY B 64 -5.74 -6.44 -24.64
C GLY B 64 -5.36 -7.92 -24.68
N SER B 65 -5.57 -8.51 -25.84
CA SER B 65 -5.32 -9.93 -26.03
C SER B 65 -3.96 -10.44 -25.45
N THR B 66 -2.84 -9.93 -25.95
CA THR B 66 -1.54 -10.33 -25.39
C THR B 66 -1.47 -10.16 -23.85
N GLN B 67 -1.94 -9.03 -23.36
CA GLN B 67 -1.92 -8.73 -21.94
C GLN B 67 -2.69 -9.78 -21.11
N ASN B 68 -3.83 -10.21 -21.62
CA ASN B 68 -4.64 -11.21 -20.97
C ASN B 68 -3.93 -12.57 -20.90
N SER B 69 -3.33 -13.01 -22.01
CA SER B 69 -2.62 -14.29 -22.05
C SER B 69 -1.40 -14.31 -21.13
N ILE B 70 -0.73 -13.16 -21.06
CA ILE B 70 0.46 -13.03 -20.21
C ILE B 70 0.03 -13.07 -18.74
N LYS B 71 -1.15 -12.52 -18.46
CA LYS B 71 -1.64 -12.55 -17.11
C LYS B 71 -1.96 -13.99 -16.66
N VAL B 72 -2.67 -14.73 -17.53
CA VAL B 72 -3.05 -16.14 -17.34
C VAL B 72 -1.84 -17.07 -17.27
N ALA B 73 -0.83 -16.76 -18.05
CA ALA B 73 0.40 -17.49 -18.06
C ALA B 73 0.97 -17.39 -16.66
N GLN B 74 1.08 -16.15 -16.19
CA GLN B 74 1.66 -15.82 -14.90
C GLN B 74 0.87 -16.58 -13.85
N TRP B 75 -0.44 -16.46 -13.94
CA TRP B 75 -1.32 -17.15 -13.00
C TRP B 75 -1.06 -18.66 -12.98
N MET B 76 -0.87 -19.32 -14.12
CA MET B 76 -0.59 -20.75 -14.03
C MET B 76 0.86 -20.96 -13.55
N ILE B 77 1.80 -20.11 -13.95
CA ILE B 77 3.11 -20.24 -13.36
C ILE B 77 3.05 -20.12 -11.83
N GLN B 78 2.45 -19.00 -11.38
CA GLN B 78 2.39 -18.74 -9.95
C GLN B 78 3.73 -18.17 -9.46
N GLN B 79 4.44 -19.00 -8.68
CA GLN B 79 5.81 -18.63 -8.31
C GLN B 79 6.80 -19.10 -9.38
N PRO B 80 7.79 -18.24 -9.68
CA PRO B 80 7.95 -16.98 -8.98
C PRO B 80 7.09 -15.88 -9.60
N HIS B 81 7.13 -14.71 -8.94
CA HIS B 81 6.39 -13.56 -9.45
C HIS B 81 7.10 -12.94 -10.66
N LYS B 82 6.51 -12.23 -11.62
CA LYS B 82 7.25 -11.52 -12.68
C LYS B 82 7.95 -12.49 -13.59
N ALA B 83 7.41 -13.71 -13.67
CA ALA B 83 7.98 -14.72 -14.58
C ALA B 83 7.67 -14.29 -15.99
N ALA B 84 6.63 -13.46 -16.13
CA ALA B 84 6.11 -13.00 -17.42
C ALA B 84 6.28 -11.50 -17.56
N THR B 85 6.85 -11.05 -18.68
CA THR B 85 7.05 -9.62 -18.98
C THR B 85 5.99 -9.07 -19.98
N PHE B 86 5.69 -7.77 -19.93
CA PHE B 86 4.70 -7.18 -20.86
C PHE B 86 4.94 -5.70 -21.18
N PHE B 87 5.18 -5.41 -22.48
CA PHE B 87 5.39 -4.03 -22.95
C PHE B 87 4.17 -3.47 -23.71
N GLY B 88 3.96 -2.15 -23.61
CA GLY B 88 2.90 -1.49 -24.36
C GLY B 88 2.78 0.00 -24.06
N CYS B 89 2.02 0.68 -24.90
CA CYS B 89 1.81 2.10 -24.69
C CYS B 89 0.47 2.37 -24.01
N ILE B 90 0.47 3.29 -23.06
CA ILE B 90 -0.78 3.66 -22.41
C ILE B 90 -0.74 5.18 -22.33
N GLY B 91 -1.84 5.75 -21.84
CA GLY B 91 -1.96 7.19 -21.70
C GLY B 91 -1.73 7.48 -20.22
N ILE B 92 -1.41 8.74 -19.91
CA ILE B 92 -1.18 9.10 -18.53
C ILE B 92 -2.55 9.56 -18.06
N ASP B 93 -3.37 8.62 -17.63
CA ASP B 93 -4.71 8.95 -17.20
C ASP B 93 -5.32 7.85 -16.31
N LYS B 94 -6.56 8.05 -15.85
CA LYS B 94 -7.26 7.07 -15.04
C LYS B 94 -7.19 5.59 -15.46
N PHE B 95 -7.55 5.30 -16.71
CA PHE B 95 -7.55 3.93 -17.28
C PHE B 95 -6.16 3.33 -17.36
N GLY B 96 -5.17 4.18 -17.64
CA GLY B 96 -3.78 3.78 -17.63
C GLY B 96 -3.45 3.31 -16.22
N GLU B 97 -3.73 4.15 -15.24
CA GLU B 97 -3.45 3.81 -13.84
C GLU B 97 -4.09 2.47 -13.45
N ILE B 98 -5.30 2.23 -13.97
CA ILE B 98 -6.07 1.01 -13.76
C ILE B 98 -5.37 -0.17 -14.38
N LEU B 99 -4.95 -0.04 -15.63
CA LEU B 99 -4.23 -1.11 -16.31
C LEU B 99 -2.96 -1.47 -15.59
N LYS B 100 -2.24 -0.47 -15.11
CA LYS B 100 -0.97 -0.76 -14.44
C LYS B 100 -1.26 -1.43 -13.07
N ARG B 101 -2.36 -1.03 -12.43
CA ARG B 101 -2.70 -1.63 -11.13
C ARG B 101 -2.97 -3.12 -11.30
N LYS B 102 -3.82 -3.40 -12.28
CA LYS B 102 -4.28 -4.73 -12.65
C LYS B 102 -3.18 -5.66 -13.08
N ALA B 103 -2.09 -5.06 -13.59
CA ALA B 103 -0.91 -5.81 -14.00
C ALA B 103 -0.10 -6.19 -12.77
N ALA B 104 0.05 -5.26 -11.85
CA ALA B 104 0.82 -5.50 -10.65
C ALA B 104 0.15 -6.57 -9.78
N GLU B 105 -1.19 -6.59 -9.78
CA GLU B 105 -1.99 -7.57 -9.03
C GLU B 105 -1.98 -8.94 -9.71
N ALA B 106 -1.45 -8.96 -10.92
CA ALA B 106 -1.32 -10.19 -11.68
C ALA B 106 0.11 -10.68 -11.54
N HIS B 107 0.97 -9.85 -10.93
CA HIS B 107 2.36 -10.21 -10.67
C HIS B 107 3.11 -10.23 -12.00
N VAL B 108 2.57 -9.53 -12.98
CA VAL B 108 3.24 -9.49 -14.28
C VAL B 108 4.24 -8.35 -14.17
N ASP B 109 5.43 -8.55 -14.75
CA ASP B 109 6.49 -7.51 -14.80
C ASP B 109 6.19 -6.58 -15.97
N ALA B 110 5.25 -5.66 -15.77
CA ALA B 110 4.82 -4.76 -16.84
C ALA B 110 5.67 -3.51 -16.95
N HIS B 111 6.00 -3.16 -18.20
CA HIS B 111 6.74 -1.92 -18.46
C HIS B 111 6.09 -1.20 -19.64
N TYR B 112 5.26 -0.21 -19.34
CA TYR B 112 4.58 0.53 -20.37
C TYR B 112 5.32 1.79 -20.77
N TYR B 113 5.02 2.25 -21.98
CA TYR B 113 5.51 3.56 -22.42
C TYR B 113 4.37 4.49 -22.08
N GLU B 114 4.66 5.57 -21.36
CA GLU B 114 3.56 6.47 -21.01
C GLU B 114 3.64 7.82 -21.72
N GLN B 115 2.48 8.38 -22.05
CA GLN B 115 2.39 9.67 -22.76
C GLN B 115 1.08 10.46 -22.54
N ASN B 116 1.12 11.75 -22.87
CA ASN B 116 0.00 12.64 -22.61
C ASN B 116 -0.87 12.97 -23.86
N GLU B 117 -0.28 12.85 -25.06
CA GLU B 117 -1.00 13.13 -26.30
C GLU B 117 -2.21 12.18 -26.50
N GLN B 118 -2.03 10.89 -26.27
CA GLN B 118 -3.11 9.96 -26.52
C GLN B 118 -3.60 9.35 -25.23
N PRO B 119 -4.92 9.23 -25.10
CA PRO B 119 -5.52 8.56 -23.96
C PRO B 119 -5.37 7.04 -24.10
N THR B 120 -5.42 6.34 -22.97
CA THR B 120 -5.31 4.89 -22.98
C THR B 120 -6.36 4.28 -23.90
N GLY B 121 -5.96 3.25 -24.64
CA GLY B 121 -6.82 2.62 -25.63
C GLY B 121 -7.95 1.85 -25.01
N THR B 122 -9.04 1.72 -25.75
CA THR B 122 -10.19 1.00 -25.21
C THR B 122 -10.80 0.13 -26.29
N CYS B 123 -11.49 -0.93 -25.84
CA CYS B 123 -12.23 -1.86 -26.69
C CYS B 123 -13.65 -2.03 -26.15
N ALA B 124 -14.64 -1.73 -26.99
CA ALA B 124 -16.05 -1.92 -26.65
C ALA B 124 -16.46 -3.39 -26.88
N ALA B 125 -17.15 -3.96 -25.92
CA ALA B 125 -17.63 -5.32 -26.06
C ALA B 125 -19.13 -5.25 -26.00
N CYS B 126 -19.75 -4.99 -27.16
CA CYS B 126 -21.20 -4.82 -27.30
C CYS B 126 -21.93 -6.17 -27.27
N ILE B 127 -22.49 -6.51 -26.12
CA ILE B 127 -23.13 -7.81 -25.92
C ILE B 127 -24.63 -7.92 -26.19
N THR B 128 -24.97 -8.92 -26.99
CA THR B 128 -26.37 -9.24 -27.27
C THR B 128 -26.52 -10.74 -27.10
N GLY B 129 -27.38 -11.14 -26.17
CA GLY B 129 -27.57 -12.53 -25.92
C GLY B 129 -26.24 -13.15 -25.58
N ASP B 130 -25.71 -13.94 -26.52
CA ASP B 130 -24.47 -14.69 -26.29
C ASP B 130 -23.43 -14.25 -27.29
N ASN B 131 -23.72 -13.16 -27.98
CA ASN B 131 -22.83 -12.65 -29.02
C ASN B 131 -22.06 -11.46 -28.51
N ARG B 132 -20.85 -11.28 -29.02
CA ARG B 132 -19.98 -10.19 -28.57
C ARG B 132 -19.38 -9.48 -29.74
N SER B 133 -19.66 -8.20 -29.84
CA SER B 133 -19.21 -7.43 -30.97
C SER B 133 -18.16 -6.45 -30.39
N LEU B 134 -16.89 -6.68 -30.71
CA LEU B 134 -15.79 -5.83 -30.17
C LEU B 134 -15.24 -4.90 -31.20
N ILE B 135 -15.18 -3.64 -30.80
CA ILE B 135 -14.57 -2.57 -31.59
C ILE B 135 -13.47 -1.98 -30.73
N ALA B 136 -12.23 -1.99 -31.22
CA ALA B 136 -11.08 -1.43 -30.48
C ALA B 136 -10.76 -0.01 -30.92
N ASN B 137 -10.59 0.91 -29.97
CA ASN B 137 -10.12 2.28 -30.26
C ASN B 137 -8.72 2.31 -29.62
N LEU B 138 -7.69 1.95 -30.39
CA LEU B 138 -6.35 1.74 -29.83
C LEU B 138 -5.89 2.98 -29.09
N ALA B 139 -6.00 4.12 -29.74
CA ALA B 139 -5.63 5.39 -29.12
C ALA B 139 -4.15 5.34 -28.73
N ALA B 140 -3.86 5.23 -27.43
CA ALA B 140 -2.48 5.18 -26.96
C ALA B 140 -1.81 3.87 -27.35
N ALA B 141 -2.55 2.76 -27.45
CA ALA B 141 -1.89 1.46 -27.75
C ALA B 141 -1.10 1.60 -29.04
N ASN B 142 -1.60 2.47 -29.90
CA ASN B 142 -1.01 2.70 -31.20
C ASN B 142 0.24 3.62 -31.22
N CYS B 143 0.64 4.16 -30.07
CA CYS B 143 1.81 5.03 -30.08
C CYS B 143 3.08 4.34 -29.68
N TYR B 144 3.19 3.05 -29.97
CA TYR B 144 4.39 2.32 -29.58
C TYR B 144 5.42 2.41 -30.69
N LYS B 145 6.61 2.86 -30.33
CA LYS B 145 7.70 3.00 -31.26
C LYS B 145 8.89 2.24 -30.66
N LYS B 146 9.50 1.36 -31.40
CA LYS B 146 10.59 0.59 -30.80
C LYS B 146 11.76 1.49 -30.35
N GLU B 147 12.04 2.55 -31.12
CA GLU B 147 13.17 3.43 -30.84
C GLU B 147 13.04 4.18 -29.51
N LYS B 148 11.81 4.44 -29.10
CA LYS B 148 11.56 5.07 -27.80
C LYS B 148 11.20 4.14 -26.65
N HIS B 149 11.25 2.82 -26.84
CA HIS B 149 10.95 1.94 -25.71
C HIS B 149 11.70 0.62 -25.75
N LEU B 150 11.31 -0.23 -26.70
CA LEU B 150 11.89 -1.56 -26.91
C LEU B 150 13.44 -1.50 -27.01
N ASP B 151 13.94 -0.50 -27.74
CA ASP B 151 15.38 -0.26 -27.91
C ASP B 151 16.14 0.29 -26.67
N LEU B 152 15.42 0.74 -25.64
CA LEU B 152 16.11 1.24 -24.44
C LEU B 152 16.76 0.07 -23.75
N GLU B 153 18.05 0.17 -23.45
CA GLU B 153 18.77 -0.92 -22.80
C GLU B 153 18.07 -1.61 -21.61
N LYS B 154 17.42 -0.83 -20.75
CA LYS B 154 16.74 -1.41 -19.61
C LYS B 154 15.61 -2.33 -20.03
N ASN B 155 14.85 -1.92 -21.04
CA ASN B 155 13.75 -2.72 -21.56
C ASN B 155 14.30 -3.88 -22.44
N TRP B 156 15.16 -3.57 -23.40
CA TRP B 156 15.66 -4.62 -24.29
C TRP B 156 16.38 -5.74 -23.54
N MET B 157 16.93 -5.40 -22.38
CA MET B 157 17.56 -6.37 -21.47
C MET B 157 16.54 -7.46 -21.12
N LEU B 158 15.39 -7.01 -20.57
CA LEU B 158 14.28 -7.88 -20.18
C LEU B 158 13.92 -8.91 -21.27
N VAL B 159 13.78 -8.39 -22.51
CA VAL B 159 13.55 -9.19 -23.72
C VAL B 159 14.58 -10.34 -23.92
N GLU B 160 15.85 -10.07 -23.66
CA GLU B 160 16.90 -11.09 -23.79
C GLU B 160 16.79 -12.21 -22.74
N LYS B 161 16.02 -11.97 -21.70
CA LYS B 161 15.91 -12.95 -20.63
C LYS B 161 14.94 -14.09 -21.01
N ALA B 162 14.08 -13.77 -21.96
CA ALA B 162 12.96 -14.59 -22.35
C ALA B 162 13.36 -15.83 -23.14
N ARG B 163 12.76 -16.98 -22.78
CA ARG B 163 12.97 -18.26 -23.45
C ARG B 163 11.90 -18.41 -24.50
N VAL B 164 10.79 -17.74 -24.21
CA VAL B 164 9.58 -17.80 -25.04
C VAL B 164 9.08 -16.37 -25.17
N CYS B 165 8.74 -15.98 -26.40
CA CYS B 165 8.12 -14.69 -26.66
C CYS B 165 6.76 -14.91 -27.31
N TYR B 166 5.80 -14.05 -27.02
CA TYR B 166 4.47 -14.18 -27.60
C TYR B 166 3.89 -12.81 -27.82
N ILE B 167 3.52 -12.55 -29.09
CA ILE B 167 2.86 -11.32 -29.51
C ILE B 167 1.61 -11.66 -30.34
N ALA B 168 0.48 -11.07 -29.99
CA ALA B 168 -0.80 -11.30 -30.70
C ALA B 168 -0.71 -10.49 -31.97
N GLY B 169 -1.24 -11.06 -33.06
CA GLY B 169 -1.19 -10.48 -34.41
C GLY B 169 -1.69 -9.03 -34.41
N PHE B 170 -2.63 -8.76 -33.49
CA PHE B 170 -3.19 -7.42 -33.31
C PHE B 170 -2.12 -6.36 -33.33
N PHE B 171 -1.04 -6.58 -32.59
CA PHE B 171 0.06 -5.62 -32.52
C PHE B 171 0.80 -5.35 -33.87
N LEU B 172 0.46 -6.10 -34.92
CA LEU B 172 1.07 -5.90 -36.24
C LEU B 172 0.55 -4.63 -36.86
N THR B 173 -0.65 -4.18 -36.47
CA THR B 173 -1.23 -2.94 -37.02
C THR B 173 -0.53 -1.79 -36.33
N VAL B 174 0.19 -2.07 -35.25
CA VAL B 174 0.81 -0.96 -34.51
C VAL B 174 2.26 -0.74 -34.80
N SER B 175 3.08 -1.76 -34.57
CA SER B 175 4.53 -1.67 -34.77
C SER B 175 5.13 -2.99 -35.28
N PRO B 176 5.02 -3.24 -36.58
CA PRO B 176 5.54 -4.48 -37.15
C PRO B 176 7.04 -4.56 -36.90
N GLU B 177 7.65 -3.39 -36.74
CA GLU B 177 9.12 -3.30 -36.61
C GLU B 177 9.59 -3.85 -35.29
N SER B 178 8.81 -3.58 -34.24
CA SER B 178 9.08 -4.11 -32.92
C SER B 178 8.92 -5.66 -32.94
N VAL B 179 7.79 -6.13 -33.47
CA VAL B 179 7.57 -7.57 -33.63
C VAL B 179 8.73 -8.20 -34.37
N LEU B 180 9.08 -7.61 -35.52
CA LEU B 180 10.23 -8.09 -36.32
C LEU B 180 11.55 -8.10 -35.55
N LYS B 181 11.86 -7.04 -34.80
CA LYS B 181 13.10 -7.03 -34.02
C LYS B 181 13.14 -8.18 -33.01
N VAL B 182 12.00 -8.42 -32.36
CA VAL B 182 11.84 -9.45 -31.32
C VAL B 182 11.91 -10.86 -31.95
N ALA B 183 11.11 -11.08 -33.00
CA ALA B 183 11.15 -12.39 -33.67
C ALA B 183 12.49 -12.73 -34.32
N HIS B 184 13.20 -11.74 -34.88
CA HIS B 184 14.53 -11.98 -35.41
C HIS B 184 15.47 -12.43 -34.28
N HIS B 185 15.44 -11.70 -33.18
CA HIS B 185 16.23 -12.02 -31.99
C HIS B 185 16.06 -13.45 -31.51
N ALA B 186 14.81 -13.90 -31.38
CA ALA B 186 14.50 -15.29 -31.01
C ALA B 186 15.15 -16.26 -32.02
N SER B 187 15.08 -15.92 -33.31
CA SER B 187 15.68 -16.77 -34.34
C SER B 187 17.20 -16.97 -34.14
N GLU B 188 17.92 -15.85 -34.31
CA GLU B 188 19.34 -15.79 -34.11
C GLU B 188 19.78 -16.47 -32.82
N ASN B 189 18.97 -16.41 -31.77
CA ASN B 189 19.32 -17.01 -30.49
C ASN B 189 18.55 -18.27 -30.15
N ASN B 190 17.81 -18.78 -31.12
CA ASN B 190 17.08 -20.03 -30.96
C ASN B 190 16.16 -20.02 -29.76
N ARG B 191 15.46 -18.91 -29.60
CA ARG B 191 14.41 -18.79 -28.58
C ARG B 191 13.12 -19.10 -29.30
N ILE B 192 12.06 -19.31 -28.53
CA ILE B 192 10.75 -19.62 -29.12
C ILE B 192 9.92 -18.35 -29.35
N PHE B 193 9.62 -18.11 -30.63
CA PHE B 193 8.74 -17.01 -31.05
C PHE B 193 7.33 -17.52 -31.37
N THR B 194 6.36 -16.89 -30.75
CA THR B 194 4.97 -17.30 -30.93
C THR B 194 4.10 -16.10 -31.28
N LEU B 195 3.08 -16.39 -32.10
CA LEU B 195 2.20 -15.34 -32.66
C LEU B 195 0.75 -15.79 -32.76
N ASN B 196 -0.16 -14.85 -32.77
CA ASN B 196 -1.55 -15.20 -32.90
C ASN B 196 -2.10 -14.57 -34.20
N LEU B 197 -3.09 -15.22 -34.81
CA LEU B 197 -3.71 -14.66 -35.99
C LEU B 197 -4.65 -13.57 -35.54
N SER B 198 -5.05 -13.64 -34.26
CA SER B 198 -5.87 -12.62 -33.58
C SER B 198 -7.27 -12.39 -34.05
N ALA B 199 -7.42 -12.09 -35.33
CA ALA B 199 -8.75 -11.72 -35.85
C ALA B 199 -8.62 -11.83 -37.37
N PRO B 200 -9.73 -12.02 -38.07
CA PRO B 200 -9.69 -12.18 -39.54
C PRO B 200 -9.08 -10.95 -40.16
N PHE B 201 -9.44 -9.78 -39.63
CA PHE B 201 -8.94 -8.49 -40.11
C PHE B 201 -7.43 -8.29 -40.27
N ILE B 202 -6.66 -9.10 -39.57
CA ILE B 202 -5.21 -9.10 -39.68
C ILE B 202 -4.79 -9.88 -40.94
N SER B 203 -5.63 -10.81 -41.34
CA SER B 203 -5.28 -11.65 -42.50
C SER B 203 -5.69 -10.91 -43.75
N GLN B 204 -6.77 -10.14 -43.61
CA GLN B 204 -7.35 -9.36 -44.70
C GLN B 204 -6.64 -8.05 -45.03
N PHE B 205 -6.22 -7.33 -44.00
CA PHE B 205 -5.61 -6.03 -44.19
C PHE B 205 -4.13 -5.87 -43.83
N TYR B 206 -3.57 -6.82 -43.11
CA TYR B 206 -2.16 -6.72 -42.68
C TYR B 206 -1.36 -7.94 -43.08
N LYS B 207 -1.72 -8.54 -44.19
CA LYS B 207 -1.01 -9.73 -44.61
C LYS B 207 0.47 -9.42 -44.80
N GLU B 208 0.78 -8.23 -45.27
CA GLU B 208 2.19 -7.93 -45.52
C GLU B 208 3.10 -8.05 -44.29
N SER B 209 2.73 -7.35 -43.21
CA SER B 209 3.43 -7.44 -41.92
C SER B 209 3.32 -8.86 -41.34
N LEU B 210 2.18 -9.51 -41.57
CA LEU B 210 2.00 -10.87 -41.07
C LEU B 210 2.95 -11.86 -41.75
N MET B 211 2.92 -11.86 -43.07
CA MET B 211 3.72 -12.79 -43.86
C MET B 211 5.19 -12.44 -43.83
N LYS B 212 5.50 -11.28 -43.29
CA LYS B 212 6.90 -10.87 -43.19
C LYS B 212 7.42 -11.45 -41.88
N VAL B 213 6.50 -11.68 -40.96
CA VAL B 213 6.88 -12.21 -39.66
C VAL B 213 6.74 -13.74 -39.62
N MET B 214 5.78 -14.25 -40.39
CA MET B 214 5.52 -15.69 -40.40
C MET B 214 6.74 -16.59 -40.48
N PRO B 215 7.76 -16.18 -41.24
CA PRO B 215 8.90 -17.05 -41.39
C PRO B 215 9.66 -17.24 -40.09
N TYR B 216 9.31 -16.45 -39.06
CA TYR B 216 10.01 -16.50 -37.77
C TYR B 216 9.17 -17.22 -36.69
N VAL B 217 7.89 -17.40 -37.00
CA VAL B 217 6.95 -17.99 -36.06
C VAL B 217 7.20 -19.46 -35.85
N ASP B 218 7.63 -19.82 -34.63
CA ASP B 218 7.87 -21.21 -34.22
C ASP B 218 6.49 -21.85 -33.90
N ILE B 219 5.65 -21.07 -33.24
CA ILE B 219 4.29 -21.53 -32.96
C ILE B 219 3.22 -20.50 -33.37
N LEU B 220 2.29 -20.90 -34.24
CA LEU B 220 1.16 -20.03 -34.62
C LEU B 220 -0.12 -20.47 -33.96
N PHE B 221 -0.77 -19.56 -33.27
CA PHE B 221 -2.08 -19.81 -32.68
C PHE B 221 -3.16 -19.07 -33.49
N GLY B 222 -4.41 -19.40 -33.20
CA GLY B 222 -5.58 -18.73 -33.80
C GLY B 222 -6.77 -19.66 -33.67
N ASN B 223 -7.95 -19.16 -34.03
CA ASN B 223 -9.17 -19.96 -33.95
C ASN B 223 -9.58 -20.44 -35.32
N GLU B 224 -10.79 -21.00 -35.43
CA GLU B 224 -11.21 -21.49 -36.75
C GLU B 224 -11.51 -20.40 -37.78
N THR B 225 -12.16 -19.31 -37.36
CA THR B 225 -12.52 -18.25 -38.29
C THR B 225 -11.25 -17.55 -38.79
N GLU B 226 -10.27 -17.43 -37.91
CA GLU B 226 -9.02 -16.78 -38.27
C GLU B 226 -8.21 -17.62 -39.26
N ALA B 227 -8.19 -18.93 -39.01
CA ALA B 227 -7.49 -19.91 -39.85
C ALA B 227 -8.14 -19.95 -41.21
N ALA B 228 -9.49 -19.86 -41.26
CA ALA B 228 -10.23 -19.89 -42.53
C ALA B 228 -9.86 -18.66 -43.34
N THR B 229 -9.99 -17.50 -42.70
CA THR B 229 -9.63 -16.24 -43.35
C THR B 229 -8.21 -16.27 -43.86
N PHE B 230 -7.30 -16.78 -43.04
CA PHE B 230 -5.89 -16.77 -43.40
C PHE B 230 -5.70 -17.61 -44.63
N ALA B 231 -6.35 -18.78 -44.66
CA ALA B 231 -6.29 -19.68 -45.80
C ALA B 231 -6.70 -18.93 -47.08
N ARG B 232 -7.91 -18.40 -47.06
CA ARG B 232 -8.44 -17.72 -48.22
C ARG B 232 -7.50 -16.61 -48.74
N GLU B 233 -7.02 -15.79 -47.81
CA GLU B 233 -6.16 -14.67 -48.14
C GLU B 233 -4.83 -15.16 -48.67
N GLN B 234 -4.41 -16.36 -48.26
CA GLN B 234 -3.11 -16.87 -48.73
C GLN B 234 -3.19 -17.73 -49.98
N GLY B 235 -4.40 -17.96 -50.52
CA GLY B 235 -4.59 -18.88 -51.65
C GLY B 235 -4.39 -20.40 -51.31
N PHE B 236 -4.74 -20.82 -50.09
CA PHE B 236 -4.68 -22.21 -49.65
C PHE B 236 -5.69 -23.08 -50.39
N GLU B 237 -6.85 -22.48 -50.70
CA GLU B 237 -7.85 -23.21 -51.46
C GLU B 237 -8.38 -24.42 -50.68
N THR B 238 -8.71 -24.19 -49.40
CA THR B 238 -9.20 -25.28 -48.57
C THR B 238 -9.94 -24.75 -47.34
N LYS B 239 -11.11 -25.26 -46.98
CA LYS B 239 -11.84 -24.79 -45.80
C LYS B 239 -11.62 -25.81 -44.75
N ASP B 240 -10.74 -26.75 -45.00
CA ASP B 240 -10.54 -27.85 -44.06
C ASP B 240 -9.50 -27.41 -43.03
N ILE B 241 -9.90 -27.45 -41.76
CA ILE B 241 -9.04 -26.95 -40.70
C ILE B 241 -7.68 -27.63 -40.55
N LYS B 242 -7.69 -28.95 -40.45
CA LYS B 242 -6.44 -29.70 -40.34
C LYS B 242 -5.55 -29.44 -41.56
N GLU B 243 -6.14 -29.37 -42.75
CA GLU B 243 -5.41 -29.07 -43.98
C GLU B 243 -4.82 -27.65 -43.96
N ILE B 244 -5.55 -26.71 -43.38
CA ILE B 244 -5.00 -25.37 -43.24
C ILE B 244 -3.88 -25.41 -42.20
N ALA B 245 -4.10 -26.18 -41.14
CA ALA B 245 -3.13 -26.30 -40.07
C ALA B 245 -1.87 -26.99 -40.61
N LYS B 246 -2.05 -27.82 -41.62
CA LYS B 246 -0.93 -28.49 -42.29
C LYS B 246 -0.16 -27.59 -43.28
N LYS B 247 -0.88 -26.80 -44.09
CA LYS B 247 -0.15 -25.95 -45.04
C LYS B 247 0.48 -24.80 -44.28
N THR B 248 -0.17 -24.34 -43.25
CA THR B 248 0.42 -23.24 -42.52
C THR B 248 1.73 -23.67 -41.91
N GLN B 249 1.74 -24.86 -41.30
CA GLN B 249 2.94 -25.35 -40.62
C GLN B 249 4.10 -25.51 -41.59
N ALA B 250 3.77 -25.72 -42.87
CA ALA B 250 4.77 -25.96 -43.89
C ALA B 250 5.31 -24.69 -44.55
N LEU B 251 4.77 -23.54 -44.19
CA LEU B 251 5.23 -22.27 -44.76
C LEU B 251 6.75 -22.12 -44.53
N PRO B 252 7.43 -21.42 -45.43
CA PRO B 252 8.88 -21.23 -45.26
C PRO B 252 9.22 -20.73 -43.88
N LYS B 253 10.22 -21.33 -43.27
CA LYS B 253 10.66 -20.93 -41.94
C LYS B 253 12.11 -20.44 -41.97
N MET B 254 12.39 -19.39 -41.19
CA MET B 254 13.73 -18.79 -41.16
C MET B 254 14.67 -19.67 -40.38
N ASN B 255 14.32 -19.94 -39.13
CA ASN B 255 15.12 -20.83 -38.28
C ASN B 255 14.75 -22.31 -38.41
N SER B 256 15.60 -23.06 -39.11
CA SER B 256 15.44 -24.51 -39.33
C SER B 256 15.80 -25.38 -38.10
N LYS B 257 16.12 -24.77 -36.98
CA LYS B 257 16.44 -25.54 -35.80
C LYS B 257 15.14 -25.96 -35.08
N ARG B 258 14.05 -25.23 -35.36
CA ARG B 258 12.73 -25.50 -34.78
C ARG B 258 11.72 -25.55 -35.90
N GLN B 259 11.07 -26.69 -36.05
CA GLN B 259 10.05 -26.95 -37.06
C GLN B 259 8.76 -26.34 -36.53
N ARG B 260 8.06 -25.53 -37.32
CA ARG B 260 6.85 -24.86 -36.83
C ARG B 260 5.80 -25.75 -36.24
N ILE B 261 4.98 -25.16 -35.37
CA ILE B 261 3.82 -25.83 -34.77
C ILE B 261 2.63 -24.91 -34.97
N VAL B 262 1.46 -25.49 -35.16
CA VAL B 262 0.29 -24.69 -35.40
C VAL B 262 -0.79 -25.20 -34.51
N ILE B 263 -1.42 -24.27 -33.78
CA ILE B 263 -2.54 -24.56 -32.91
C ILE B 263 -3.79 -23.73 -33.19
N PHE B 264 -4.81 -24.36 -33.77
CA PHE B 264 -6.12 -23.73 -33.96
C PHE B 264 -7.19 -24.21 -32.94
N THR B 265 -7.88 -23.25 -32.31
CA THR B 265 -8.92 -23.58 -31.38
C THR B 265 -10.23 -23.44 -32.13
N GLN B 266 -11.23 -24.23 -31.75
CA GLN B 266 -12.52 -24.23 -32.39
C GLN B 266 -13.67 -24.12 -31.43
N GLY B 267 -13.53 -23.31 -30.38
CA GLY B 267 -14.60 -23.11 -29.42
C GLY B 267 -14.81 -24.37 -28.61
N ARG B 268 -15.97 -25.00 -28.79
CA ARG B 268 -16.30 -26.24 -28.11
C ARG B 268 -15.90 -27.48 -28.92
N ASP B 269 -15.34 -27.26 -30.11
CA ASP B 269 -14.88 -28.33 -30.98
C ASP B 269 -13.40 -28.58 -30.79
N ASP B 270 -12.91 -29.73 -31.20
CA ASP B 270 -11.49 -30.02 -30.98
C ASP B 270 -10.52 -28.88 -31.34
N THR B 271 -9.38 -28.90 -30.67
CA THR B 271 -8.32 -27.98 -30.89
C THR B 271 -7.44 -28.78 -31.81
N ILE B 272 -6.96 -28.15 -32.88
CA ILE B 272 -6.10 -28.84 -33.83
C ILE B 272 -4.67 -28.37 -33.70
N MET B 273 -3.74 -29.29 -33.82
CA MET B 273 -2.29 -28.98 -33.81
C MET B 273 -1.61 -29.73 -34.95
N ALA B 274 -0.83 -28.99 -35.74
CA ALA B 274 -0.06 -29.57 -36.81
C ALA B 274 1.39 -29.42 -36.42
N THR B 275 2.18 -30.46 -36.68
CA THR B 275 3.60 -30.44 -36.46
C THR B 275 4.13 -31.00 -37.77
N GLU B 276 5.43 -31.21 -37.82
CA GLU B 276 6.10 -31.76 -39.00
C GLU B 276 5.60 -33.17 -39.29
N SER B 277 5.48 -33.93 -38.23
CA SER B 277 5.00 -35.29 -38.32
C SER B 277 3.57 -35.29 -38.80
N GLU B 278 2.66 -34.72 -37.98
CA GLU B 278 1.22 -34.84 -38.23
C GLU B 278 0.27 -33.73 -37.72
N VAL B 279 -1.02 -33.98 -37.98
CA VAL B 279 -2.13 -33.13 -37.52
C VAL B 279 -2.96 -33.95 -36.54
N THR B 280 -3.18 -33.40 -35.36
CA THR B 280 -3.91 -34.11 -34.32
C THR B 280 -5.00 -33.20 -33.72
N ALA B 281 -6.03 -33.81 -33.16
CA ALA B 281 -7.12 -33.07 -32.55
C ALA B 281 -7.19 -33.46 -31.09
N PHE B 282 -7.68 -32.56 -30.26
CA PHE B 282 -7.70 -32.68 -28.82
C PHE B 282 -9.02 -32.12 -28.33
N ALA B 283 -9.91 -33.01 -27.87
CA ALA B 283 -11.21 -32.57 -27.40
C ALA B 283 -11.03 -31.67 -26.24
N VAL B 284 -11.94 -30.72 -26.12
CA VAL B 284 -11.92 -29.75 -25.03
C VAL B 284 -12.41 -30.41 -23.74
N LEU B 285 -12.13 -29.75 -22.62
CA LEU B 285 -12.64 -30.13 -21.29
C LEU B 285 -14.20 -30.05 -21.19
N ASP B 286 -14.84 -31.08 -20.64
CA ASP B 286 -16.30 -31.06 -20.44
C ASP B 286 -16.77 -29.92 -19.52
N GLN B 287 -16.53 -28.69 -19.98
CA GLN B 287 -16.96 -27.50 -19.26
C GLN B 287 -18.33 -27.08 -19.80
N ASP B 288 -19.21 -28.05 -19.96
CA ASP B 288 -20.56 -27.83 -20.49
C ASP B 288 -21.35 -26.81 -19.68
N GLN B 289 -22.64 -26.67 -20.00
CA GLN B 289 -23.55 -25.74 -19.32
C GLN B 289 -22.98 -24.33 -19.09
N LYS B 290 -21.77 -24.09 -19.61
CA LYS B 290 -21.05 -22.84 -19.42
C LYS B 290 -21.69 -21.61 -20.06
N GLU B 291 -22.63 -21.85 -20.98
CA GLU B 291 -23.31 -20.79 -21.72
C GLU B 291 -22.57 -19.45 -21.92
N ILE B 292 -22.84 -18.46 -21.08
CA ILE B 292 -22.19 -17.16 -21.25
C ILE B 292 -20.67 -17.19 -21.14
N ILE B 293 -20.04 -17.99 -21.99
CA ILE B 293 -18.58 -18.07 -22.02
C ILE B 293 -17.88 -17.30 -23.17
N ASP B 294 -17.39 -16.10 -22.85
CA ASP B 294 -16.64 -15.27 -23.79
C ASP B 294 -15.62 -16.17 -24.53
N THR B 295 -15.93 -16.47 -25.79
CA THR B 295 -15.07 -17.28 -26.64
C THR B 295 -13.72 -16.57 -26.83
N ASN B 296 -13.80 -15.28 -27.13
CA ASN B 296 -12.60 -14.50 -27.31
C ASN B 296 -11.69 -14.56 -26.06
N GLY B 297 -12.26 -14.26 -24.90
CA GLY B 297 -11.53 -14.39 -23.66
C GLY B 297 -11.02 -15.82 -23.49
N ALA B 298 -11.77 -16.83 -23.90
CA ALA B 298 -11.32 -18.22 -23.75
C ALA B 298 -10.11 -18.41 -24.64
N GLY B 299 -10.17 -17.81 -25.82
CA GLY B 299 -9.02 -17.90 -26.73
C GLY B 299 -7.76 -17.47 -26.00
N ASP B 300 -7.77 -16.25 -25.46
CA ASP B 300 -6.63 -15.68 -24.73
C ASP B 300 -6.09 -16.50 -23.55
N ALA B 301 -7.01 -17.14 -22.84
CA ALA B 301 -6.68 -17.94 -21.69
C ALA B 301 -6.05 -19.25 -22.17
N PHE B 302 -6.62 -19.80 -23.24
CA PHE B 302 -6.01 -21.00 -23.84
C PHE B 302 -4.53 -20.77 -24.03
N VAL B 303 -4.15 -19.73 -24.80
CA VAL B 303 -2.72 -19.37 -25.07
C VAL B 303 -1.85 -19.17 -23.79
N GLY B 304 -2.35 -18.42 -22.80
CA GLY B 304 -1.63 -18.24 -21.53
C GLY B 304 -1.41 -19.63 -20.84
N GLY B 305 -2.41 -20.50 -20.81
CA GLY B 305 -2.21 -21.82 -20.24
C GLY B 305 -1.18 -22.60 -21.07
N PHE B 306 -1.21 -22.46 -22.39
CA PHE B 306 -0.26 -23.18 -23.26
C PHE B 306 1.15 -22.67 -22.96
N LEU B 307 1.29 -21.35 -22.96
CA LEU B 307 2.55 -20.67 -22.69
C LEU B 307 3.14 -21.02 -21.32
N SER B 308 2.26 -21.07 -20.29
CA SER B 308 2.63 -21.44 -18.92
C SER B 308 3.43 -22.73 -18.77
N GLN B 309 3.18 -23.70 -19.66
CA GLN B 309 3.86 -24.98 -19.63
C GLN B 309 5.08 -24.98 -20.53
N LEU B 310 4.92 -24.43 -21.74
CA LEU B 310 5.90 -24.39 -22.83
C LEU B 310 7.15 -23.73 -22.37
N VAL B 311 6.98 -22.88 -21.37
CA VAL B 311 8.02 -22.03 -20.80
C VAL B 311 8.98 -22.85 -19.95
N SER B 312 8.50 -24.05 -19.59
CA SER B 312 9.30 -25.03 -18.85
C SER B 312 9.44 -26.33 -19.61
N ASP B 313 9.41 -26.26 -20.94
CA ASP B 313 9.62 -27.41 -21.79
C ASP B 313 8.70 -28.60 -21.66
N LYS B 314 7.46 -28.42 -21.23
CA LYS B 314 6.57 -29.57 -21.08
C LYS B 314 6.15 -30.07 -22.44
N PRO B 315 5.73 -31.32 -22.54
CA PRO B 315 5.31 -31.85 -23.83
C PRO B 315 4.11 -31.08 -24.38
N LEU B 316 4.08 -30.84 -25.68
CA LEU B 316 2.93 -30.15 -26.30
C LEU B 316 1.53 -30.63 -25.83
N THR B 317 1.43 -31.90 -25.43
CA THR B 317 0.15 -32.51 -25.02
C THR B 317 -0.22 -31.91 -23.70
N GLU B 318 0.80 -31.67 -22.91
CA GLU B 318 0.66 -31.04 -21.62
C GLU B 318 0.35 -29.53 -21.74
N CYS B 319 0.94 -28.86 -22.75
CA CYS B 319 0.65 -27.45 -23.02
C CYS B 319 -0.82 -27.32 -23.41
N ILE B 320 -1.24 -28.13 -24.38
CA ILE B 320 -2.65 -28.13 -24.82
C ILE B 320 -3.58 -28.39 -23.67
N ARG B 321 -3.14 -29.24 -22.74
CA ARG B 321 -3.94 -29.59 -21.59
C ARG B 321 -4.11 -28.39 -20.65
N ALA B 322 -3.02 -27.62 -20.39
CA ALA B 322 -3.09 -26.40 -19.55
C ALA B 322 -3.86 -25.28 -20.22
N GLY B 323 -3.80 -25.22 -21.54
CA GLY B 323 -4.57 -24.26 -22.30
C GLY B 323 -6.09 -24.56 -22.14
N HIS B 324 -6.45 -25.83 -22.26
CA HIS B 324 -7.86 -26.20 -22.05
C HIS B 324 -8.28 -25.87 -20.65
N TYR B 325 -7.43 -26.16 -19.69
CA TYR B 325 -7.75 -25.88 -18.29
C TYR B 325 -7.98 -24.37 -18.10
N ALA B 326 -7.00 -23.55 -18.48
CA ALA B 326 -7.11 -22.07 -18.43
C ALA B 326 -8.42 -21.59 -19.01
N ALA B 327 -8.73 -22.03 -20.23
CA ALA B 327 -9.96 -21.61 -20.85
C ALA B 327 -11.25 -21.86 -20.04
N SER B 328 -11.30 -22.98 -19.32
CA SER B 328 -12.47 -23.38 -18.51
C SER B 328 -12.60 -22.67 -17.18
N ILE B 329 -11.50 -22.10 -16.69
CA ILE B 329 -11.46 -21.48 -15.38
C ILE B 329 -11.56 -20.00 -15.52
N ILE B 330 -10.49 -19.38 -16.01
CA ILE B 330 -10.49 -17.92 -16.19
C ILE B 330 -11.59 -17.41 -17.15
N ILE B 331 -12.74 -17.08 -16.54
CA ILE B 331 -13.94 -16.67 -17.27
C ILE B 331 -14.48 -15.34 -16.82
N ARG B 332 -14.32 -14.32 -17.66
CA ARG B 332 -14.88 -13.03 -17.32
C ARG B 332 -16.41 -13.05 -17.46
N ARG B 333 -17.10 -12.37 -16.54
CA ARG B 333 -18.57 -12.36 -16.52
C ARG B 333 -19.21 -11.00 -16.32
N THR B 334 -20.47 -10.89 -16.72
CA THR B 334 -21.19 -9.62 -16.61
C THR B 334 -21.90 -9.47 -15.27
N GLY B 335 -22.02 -8.24 -14.80
CA GLY B 335 -22.69 -7.95 -13.54
C GLY B 335 -21.98 -8.39 -12.27
N CYS B 336 -20.65 -8.53 -12.34
CA CYS B 336 -19.91 -8.96 -11.16
C CYS B 336 -19.63 -7.77 -10.26
N THR B 337 -18.92 -6.79 -10.84
CA THR B 337 -18.51 -5.56 -10.15
C THR B 337 -19.55 -4.43 -9.99
N PHE B 338 -19.42 -3.68 -8.90
CA PHE B 338 -20.34 -2.58 -8.61
C PHE B 338 -19.87 -1.22 -9.15
N PRO B 339 -20.82 -0.42 -9.64
CA PRO B 339 -20.47 0.90 -10.16
C PRO B 339 -19.74 1.66 -9.07
N GLU B 340 -18.66 2.36 -9.44
CA GLU B 340 -17.84 3.14 -8.50
C GLU B 340 -18.61 4.17 -7.69
N LYS B 341 -19.55 4.84 -8.35
CA LYS B 341 -20.42 5.80 -7.71
C LYS B 341 -21.84 5.34 -7.98
N PRO B 342 -22.74 5.68 -7.09
CA PRO B 342 -24.16 5.34 -7.26
C PRO B 342 -24.86 6.40 -8.15
N ASP B 343 -25.84 5.97 -8.94
CA ASP B 343 -26.58 6.87 -9.83
C ASP B 343 -28.01 6.82 -9.31
N PHE B 344 -28.23 7.45 -8.14
CA PHE B 344 -29.53 7.41 -7.49
C PHE B 344 -30.30 8.75 -7.59
N HIS B 345 -29.55 9.84 -7.53
CA HIS B 345 -30.13 11.19 -7.69
C HIS B 345 -31.07 11.51 -6.51
N SER C 3 -22.48 16.63 3.64
CA SER C 3 -22.89 17.47 4.78
C SER C 3 -23.21 16.73 6.10
N VAL C 4 -22.69 15.51 6.22
CA VAL C 4 -22.82 14.71 7.45
C VAL C 4 -21.40 14.34 7.83
N ARG C 5 -21.08 14.34 9.13
CA ARG C 5 -19.72 14.01 9.58
C ARG C 5 -19.42 12.54 9.64
N GLU C 6 -18.18 12.25 10.04
CA GLU C 6 -17.76 10.87 10.21
C GLU C 6 -18.41 10.24 11.43
N ASN C 7 -18.72 8.96 11.34
CA ASN C 7 -19.30 8.28 12.49
C ASN C 7 -20.75 8.71 12.79
N ILE C 8 -21.44 9.20 11.77
CA ILE C 8 -22.84 9.59 11.92
C ILE C 8 -23.71 8.33 12.00
N LEU C 9 -23.16 7.23 11.51
CA LEU C 9 -23.87 5.97 11.49
C LEU C 9 -23.02 5.05 12.33
N PHE C 10 -23.67 4.31 13.22
CA PHE C 10 -22.99 3.29 13.98
C PHE C 10 -23.65 1.94 13.83
N GLY C 11 -22.84 0.92 13.57
CA GLY C 11 -23.33 -0.46 13.52
C GLY C 11 -22.31 -1.39 14.20
N MET C 12 -22.81 -2.55 14.62
CA MET C 12 -21.95 -3.63 15.12
C MET C 12 -22.61 -4.97 14.77
N GLY C 13 -21.82 -6.05 14.78
CA GLY C 13 -22.39 -7.32 14.38
C GLY C 13 -21.33 -8.34 14.17
N ASN C 14 -21.62 -9.33 13.34
CA ASN C 14 -20.72 -10.46 13.15
C ASN C 14 -19.86 -10.33 11.89
N PRO C 15 -18.59 -9.99 12.07
CA PRO C 15 -17.76 -9.90 10.90
C PRO C 15 -17.49 -11.35 10.45
N LEU C 16 -18.05 -11.71 9.31
CA LEU C 16 -17.85 -13.06 8.81
C LEU C 16 -17.25 -13.08 7.41
N LEU C 17 -16.56 -14.18 7.07
CA LEU C 17 -16.08 -14.39 5.71
C LEU C 17 -16.97 -15.40 5.03
N ASP C 18 -17.55 -14.99 3.92
CA ASP C 18 -18.39 -15.87 3.14
C ASP C 18 -17.57 -16.82 2.27
N ILE C 19 -17.90 -18.10 2.40
CA ILE C 19 -17.31 -19.18 1.65
C ILE C 19 -18.49 -19.78 0.90
N SER C 20 -18.52 -19.55 -0.41
CA SER C 20 -19.66 -20.01 -1.24
C SER C 20 -19.17 -20.84 -2.39
N ALA C 21 -20.05 -21.70 -2.88
CA ALA C 21 -19.74 -22.67 -3.92
C ALA C 21 -21.08 -23.31 -4.34
N VAL C 22 -21.19 -23.66 -5.61
CA VAL C 22 -22.33 -24.44 -6.06
C VAL C 22 -22.13 -25.91 -5.56
N VAL C 23 -23.22 -26.52 -5.09
CA VAL C 23 -23.15 -27.89 -4.59
C VAL C 23 -24.29 -28.75 -5.15
N ASP C 24 -24.44 -29.96 -4.57
CA ASP C 24 -25.44 -30.91 -5.03
C ASP C 24 -26.34 -31.40 -3.91
N LYS C 25 -27.54 -31.84 -4.28
CA LYS C 25 -28.52 -32.33 -3.33
C LYS C 25 -27.96 -33.40 -2.41
N ASP C 26 -26.86 -34.02 -2.79
CA ASP C 26 -26.29 -35.05 -1.92
C ASP C 26 -25.51 -34.41 -0.76
N PHE C 27 -24.91 -33.25 -1.02
CA PHE C 27 -24.23 -32.48 0.00
C PHE C 27 -25.24 -31.92 1.00
N LEU C 28 -26.34 -31.41 0.46
CA LEU C 28 -27.40 -30.84 1.29
C LEU C 28 -27.95 -31.84 2.29
N ASP C 29 -28.32 -33.01 1.77
CA ASP C 29 -28.90 -34.10 2.54
C ASP C 29 -27.92 -34.63 3.56
N LYS C 30 -26.66 -34.74 3.18
CA LYS C 30 -25.63 -35.20 4.11
C LYS C 30 -25.66 -34.41 5.45
N TYR C 31 -25.91 -33.11 5.36
CA TYR C 31 -25.94 -32.28 6.55
C TYR C 31 -27.34 -31.87 6.89
N SER C 32 -28.31 -32.49 6.24
CA SER C 32 -29.71 -32.18 6.49
C SER C 32 -29.92 -30.66 6.43
N LEU C 33 -29.72 -30.12 5.23
CA LEU C 33 -29.89 -28.68 4.99
C LEU C 33 -30.98 -28.44 3.96
N LYS C 34 -31.75 -27.38 4.19
CA LYS C 34 -32.85 -26.99 3.28
C LYS C 34 -32.23 -26.09 2.26
N PRO C 35 -32.62 -26.30 0.99
CA PRO C 35 -32.03 -25.62 -0.18
C PRO C 35 -31.79 -24.13 0.01
N ASN C 36 -32.80 -23.48 0.61
CA ASN C 36 -32.80 -22.05 0.88
C ASN C 36 -33.06 -21.94 2.36
N ASP C 37 -32.07 -21.47 3.12
CA ASP C 37 -32.19 -21.31 4.56
C ASP C 37 -31.02 -20.52 5.14
N GLN C 38 -31.12 -20.16 6.42
CA GLN C 38 -30.10 -19.40 7.19
C GLN C 38 -29.99 -19.96 8.63
N ILE C 39 -28.90 -20.65 8.94
CA ILE C 39 -28.86 -21.26 10.25
C ILE C 39 -27.51 -21.11 10.91
N LEU C 40 -27.48 -21.33 12.20
CA LEU C 40 -26.23 -21.33 12.96
C LEU C 40 -25.69 -22.79 13.01
N ALA C 41 -24.43 -22.96 12.65
CA ALA C 41 -23.73 -24.24 12.63
C ALA C 41 -23.81 -24.90 13.98
N GLU C 42 -24.27 -26.15 14.02
CA GLU C 42 -24.26 -26.94 15.27
C GLU C 42 -22.96 -27.76 15.40
N ASP C 43 -23.08 -29.01 15.81
CA ASP C 43 -21.92 -29.90 15.91
C ASP C 43 -21.90 -30.91 14.77
N LYS C 44 -23.08 -31.27 14.29
CA LYS C 44 -23.22 -32.15 13.13
C LYS C 44 -22.67 -31.46 11.87
N HIS C 45 -22.37 -30.16 11.98
CA HIS C 45 -21.97 -29.34 10.84
C HIS C 45 -20.48 -29.10 10.67
N LYS C 46 -19.69 -29.37 11.71
CA LYS C 46 -18.24 -29.17 11.67
C LYS C 46 -17.57 -29.76 10.40
N GLU C 47 -18.07 -30.90 9.95
CA GLU C 47 -17.57 -31.58 8.76
C GLU C 47 -17.89 -30.82 7.49
N LEU C 48 -19.05 -30.18 7.47
CA LEU C 48 -19.54 -29.42 6.33
C LEU C 48 -18.50 -28.44 5.77
N PHE C 49 -17.84 -27.70 6.66
CA PHE C 49 -16.95 -26.65 6.26
C PHE C 49 -15.67 -27.11 5.61
N ASP C 50 -15.17 -28.24 6.10
CA ASP C 50 -13.96 -28.83 5.55
C ASP C 50 -14.20 -29.41 4.17
N GLU C 51 -15.18 -30.31 4.04
CA GLU C 51 -15.41 -30.89 2.72
C GLU C 51 -15.90 -29.91 1.68
N LEU C 52 -16.59 -28.86 2.09
CA LEU C 52 -17.05 -27.87 1.11
C LEU C 52 -15.84 -27.31 0.34
N VAL C 53 -14.84 -26.84 1.07
CA VAL C 53 -13.62 -26.31 0.45
C VAL C 53 -12.86 -27.40 -0.33
N LYS C 54 -12.68 -28.56 0.31
CA LYS C 54 -12.01 -29.68 -0.33
C LYS C 54 -12.68 -30.23 -1.60
N LYS C 55 -14.01 -30.42 -1.59
CA LYS C 55 -14.72 -30.98 -2.74
C LYS C 55 -15.19 -30.02 -3.84
N PHE C 56 -15.48 -28.77 -3.49
CA PHE C 56 -16.06 -27.85 -4.48
C PHE C 56 -15.28 -26.58 -4.81
N LYS C 57 -15.77 -25.86 -5.81
CA LYS C 57 -15.06 -24.66 -6.23
C LYS C 57 -15.62 -23.50 -5.42
N VAL C 58 -14.98 -23.24 -4.29
CA VAL C 58 -15.40 -22.17 -3.42
C VAL C 58 -14.82 -20.80 -3.70
N GLU C 59 -15.58 -19.77 -3.31
CA GLU C 59 -15.14 -18.40 -3.44
C GLU C 59 -15.13 -17.77 -2.05
N TYR C 60 -14.47 -16.62 -1.93
CA TYR C 60 -14.43 -15.92 -0.66
C TYR C 60 -14.89 -14.46 -0.79
N HIS C 61 -15.70 -14.00 0.17
CA HIS C 61 -16.22 -12.63 0.18
C HIS C 61 -16.47 -12.15 1.62
N ALA C 62 -16.05 -10.92 1.92
CA ALA C 62 -16.29 -10.33 3.23
C ALA C 62 -17.79 -10.27 3.42
N GLY C 63 -18.25 -10.74 4.57
CA GLY C 63 -19.69 -10.82 4.83
C GLY C 63 -20.07 -10.31 6.21
N GLY C 64 -21.09 -10.91 6.79
CA GLY C 64 -21.65 -10.42 8.04
C GLY C 64 -22.74 -9.46 7.57
N SER C 65 -23.97 -9.69 8.05
CA SER C 65 -25.12 -8.91 7.58
C SER C 65 -24.93 -7.42 7.87
N THR C 66 -24.75 -7.06 9.13
CA THR C 66 -24.61 -5.67 9.52
C THR C 66 -23.45 -5.06 8.83
N GLN C 67 -22.33 -5.75 8.87
CA GLN C 67 -21.12 -5.29 8.16
C GLN C 67 -21.40 -4.89 6.70
N ASN C 68 -22.07 -5.77 5.96
CA ASN C 68 -22.44 -5.52 4.57
C ASN C 68 -23.23 -4.21 4.43
N SER C 69 -24.24 -4.06 5.30
CA SER C 69 -25.17 -2.92 5.30
C SER C 69 -24.44 -1.64 5.54
N ILE C 70 -23.63 -1.60 6.61
CA ILE C 70 -22.72 -0.46 6.90
C ILE C 70 -21.83 -0.09 5.67
N LYS C 71 -21.36 -1.09 4.91
CA LYS C 71 -20.57 -0.82 3.73
C LYS C 71 -21.38 -0.20 2.59
N VAL C 72 -22.53 -0.77 2.29
CA VAL C 72 -23.42 -0.23 1.25
C VAL C 72 -23.79 1.21 1.59
N ALA C 73 -24.10 1.46 2.88
CA ALA C 73 -24.46 2.79 3.36
C ALA C 73 -23.32 3.79 3.14
N GLN C 74 -22.11 3.38 3.47
CA GLN C 74 -20.93 4.22 3.26
C GLN C 74 -20.82 4.53 1.78
N TRP C 75 -20.90 3.51 0.98
CA TRP C 75 -20.83 3.68 -0.46
C TRP C 75 -21.86 4.73 -0.91
N MET C 76 -23.06 4.70 -0.34
CA MET C 76 -24.10 5.61 -0.77
C MET C 76 -23.81 7.02 -0.28
N ILE C 77 -23.18 7.08 0.89
CA ILE C 77 -22.93 8.36 1.57
C ILE C 77 -21.77 9.02 0.88
N GLN C 78 -20.97 8.17 0.24
CA GLN C 78 -19.82 8.58 -0.57
C GLN C 78 -19.02 9.68 0.08
N GLN C 79 -19.72 10.77 0.27
CA GLN C 79 -19.25 12.00 0.91
C GLN C 79 -18.01 11.95 1.81
N PRO C 80 -18.17 12.01 3.14
CA PRO C 80 -16.96 11.97 3.98
C PRO C 80 -16.68 10.50 4.28
N HIS C 81 -15.40 10.14 4.16
CA HIS C 81 -14.97 8.78 4.40
C HIS C 81 -15.21 8.48 5.88
N LYS C 82 -15.45 7.23 6.21
CA LYS C 82 -15.67 6.88 7.60
C LYS C 82 -16.92 7.50 8.20
N ALA C 83 -17.92 7.77 7.35
CA ALA C 83 -19.25 8.26 7.83
C ALA C 83 -19.97 7.16 8.64
N ALA C 84 -19.63 5.88 8.36
CA ALA C 84 -20.20 4.70 9.04
C ALA C 84 -19.18 3.91 9.88
N THR C 85 -19.53 3.64 11.14
CA THR C 85 -18.68 2.92 12.08
C THR C 85 -19.08 1.45 12.21
N PHE C 86 -18.09 0.58 12.45
CA PHE C 86 -18.36 -0.85 12.64
C PHE C 86 -17.48 -1.53 13.72
N PHE C 87 -18.14 -2.25 14.63
CA PHE C 87 -17.44 -2.99 15.67
C PHE C 87 -17.72 -4.48 15.57
N GLY C 88 -16.69 -5.28 15.79
CA GLY C 88 -16.95 -6.70 15.79
C GLY C 88 -15.71 -7.38 16.29
N CYS C 89 -15.81 -8.71 16.48
CA CYS C 89 -14.70 -9.54 16.93
C CYS C 89 -14.19 -10.45 15.81
N ILE C 90 -12.91 -10.29 15.44
CA ILE C 90 -12.28 -11.15 14.43
C ILE C 90 -11.12 -11.91 15.07
N GLY C 91 -10.57 -12.86 14.34
CA GLY C 91 -9.46 -13.62 14.90
C GLY C 91 -8.25 -12.95 14.34
N ILE C 92 -7.10 -13.26 14.90
CA ILE C 92 -5.84 -12.73 14.37
C ILE C 92 -5.31 -13.76 13.35
N ASP C 93 -5.84 -13.69 12.14
CA ASP C 93 -5.54 -14.68 11.13
C ASP C 93 -5.73 -14.13 9.73
N LYS C 94 -5.52 -14.96 8.71
CA LYS C 94 -5.63 -14.51 7.31
C LYS C 94 -7.02 -13.85 7.06
N PHE C 95 -8.09 -14.62 7.24
CA PHE C 95 -9.46 -14.13 7.11
C PHE C 95 -9.76 -12.79 7.78
N GLY C 96 -9.29 -12.65 9.02
CA GLY C 96 -9.37 -11.44 9.79
C GLY C 96 -8.69 -10.29 9.04
N GLU C 97 -7.51 -10.58 8.49
CA GLU C 97 -6.73 -9.57 7.76
C GLU C 97 -7.44 -9.10 6.47
N ILE C 98 -8.06 -10.05 5.77
CA ILE C 98 -8.95 -9.76 4.64
C ILE C 98 -10.17 -8.89 5.06
N LEU C 99 -10.86 -9.26 6.15
CA LEU C 99 -11.99 -8.44 6.62
C LEU C 99 -11.59 -6.98 6.87
N LYS C 100 -10.45 -6.77 7.54
CA LYS C 100 -9.98 -5.41 7.80
C LYS C 100 -9.67 -4.66 6.53
N ARG C 101 -8.98 -5.33 5.61
CA ARG C 101 -8.63 -4.72 4.34
C ARG C 101 -9.89 -4.34 3.57
N LYS C 102 -10.85 -5.23 3.51
CA LYS C 102 -12.08 -4.97 2.77
C LYS C 102 -12.86 -3.85 3.42
N ALA C 103 -12.78 -3.78 4.74
CA ALA C 103 -13.48 -2.72 5.50
C ALA C 103 -12.91 -1.39 5.15
N ALA C 104 -11.58 -1.33 5.11
CA ALA C 104 -10.85 -0.13 4.78
C ALA C 104 -11.16 0.39 3.35
N GLU C 105 -11.01 -0.50 2.36
CA GLU C 105 -11.36 -0.23 0.97
C GLU C 105 -12.75 0.37 0.84
N ALA C 106 -13.64 -0.04 1.75
CA ALA C 106 -15.03 0.42 1.75
C ALA C 106 -15.13 1.77 2.46
N HIS C 107 -14.00 2.24 2.96
CA HIS C 107 -13.91 3.56 3.63
C HIS C 107 -14.71 3.57 4.93
N VAL C 108 -14.87 2.39 5.50
CA VAL C 108 -15.67 2.26 6.71
C VAL C 108 -14.75 2.41 7.89
N ASP C 109 -15.14 3.21 8.88
CA ASP C 109 -14.34 3.34 10.09
C ASP C 109 -14.53 2.10 11.02
N ALA C 110 -13.91 0.99 10.62
CA ALA C 110 -13.99 -0.28 11.33
C ALA C 110 -12.99 -0.45 12.45
N HIS C 111 -13.49 -0.87 13.61
CA HIS C 111 -12.72 -1.14 14.82
C HIS C 111 -13.17 -2.52 15.33
N TYR C 112 -12.19 -3.41 15.38
CA TYR C 112 -12.43 -4.79 15.67
C TYR C 112 -11.79 -5.20 16.96
N TYR C 113 -12.40 -6.18 17.61
CA TYR C 113 -11.82 -6.79 18.77
C TYR C 113 -11.05 -7.95 18.11
N GLU C 114 -9.75 -8.05 18.36
CA GLU C 114 -8.98 -9.10 17.71
C GLU C 114 -8.47 -10.00 18.79
N GLN C 115 -8.50 -11.32 18.55
CA GLN C 115 -8.02 -12.33 19.50
C GLN C 115 -7.48 -13.62 18.85
N ASN C 116 -6.66 -14.36 19.58
CA ASN C 116 -6.07 -15.58 19.01
C ASN C 116 -6.80 -16.86 19.40
N GLU C 117 -7.60 -16.80 20.46
CA GLU C 117 -8.30 -18.01 20.89
C GLU C 117 -9.17 -18.52 19.76
N GLN C 118 -10.06 -17.67 19.25
CA GLN C 118 -10.95 -18.06 18.15
C GLN C 118 -10.52 -17.52 16.78
N PRO C 119 -10.70 -18.35 15.74
CA PRO C 119 -10.44 -17.94 14.36
C PRO C 119 -11.63 -17.12 13.85
N THR C 120 -11.35 -16.18 12.95
CA THR C 120 -12.38 -15.34 12.36
C THR C 120 -13.50 -16.25 11.89
N GLY C 121 -14.75 -15.85 12.18
CA GLY C 121 -15.94 -16.62 11.84
C GLY C 121 -16.16 -16.67 10.32
N THR C 122 -16.87 -17.69 9.88
CA THR C 122 -17.13 -17.87 8.45
C THR C 122 -18.58 -18.26 8.28
N CYS C 123 -19.06 -18.14 7.05
CA CYS C 123 -20.44 -18.49 6.71
C CYS C 123 -20.36 -19.30 5.44
N ALA C 124 -21.00 -20.45 5.38
CA ALA C 124 -21.04 -21.21 4.13
C ALA C 124 -22.31 -20.86 3.37
N ALA C 125 -22.13 -20.76 2.05
CA ALA C 125 -23.25 -20.43 1.19
C ALA C 125 -23.31 -21.54 0.14
N CYS C 126 -24.03 -22.59 0.53
CA CYS C 126 -24.30 -23.76 -0.29
C CYS C 126 -25.38 -23.49 -1.35
N ILE C 127 -24.91 -23.23 -2.57
CA ILE C 127 -25.81 -22.92 -3.67
C ILE C 127 -26.23 -24.13 -4.53
N THR C 128 -27.54 -24.27 -4.73
CA THR C 128 -28.09 -25.21 -5.69
C THR C 128 -29.13 -24.43 -6.47
N GLY C 129 -29.04 -24.47 -7.79
CA GLY C 129 -29.94 -23.71 -8.63
C GLY C 129 -29.92 -22.25 -8.19
N ASP C 130 -31.10 -21.73 -7.86
CA ASP C 130 -31.27 -20.35 -7.46
C ASP C 130 -31.45 -20.29 -5.96
N ASN C 131 -31.23 -21.43 -5.31
CA ASN C 131 -31.35 -21.54 -3.88
C ASN C 131 -30.01 -21.34 -3.18
N ARG C 132 -30.06 -20.84 -1.96
CA ARG C 132 -28.88 -20.63 -1.17
C ARG C 132 -29.15 -21.10 0.26
N SER C 133 -28.24 -21.88 0.77
CA SER C 133 -28.36 -22.40 2.11
C SER C 133 -27.17 -21.91 2.95
N LEU C 134 -27.41 -20.98 3.88
CA LEU C 134 -26.39 -20.40 4.73
C LEU C 134 -26.27 -21.02 6.10
N ILE C 135 -25.03 -21.41 6.44
CA ILE C 135 -24.70 -21.94 7.76
C ILE C 135 -23.57 -21.13 8.34
N ALA C 136 -23.85 -20.35 9.38
CA ALA C 136 -22.79 -19.50 9.92
C ALA C 136 -22.05 -20.12 11.11
N ASN C 137 -20.73 -20.17 10.96
CA ASN C 137 -19.87 -20.65 12.04
C ASN C 137 -19.21 -19.41 12.66
N LEU C 138 -19.90 -18.76 13.57
CA LEU C 138 -19.45 -17.48 14.12
C LEU C 138 -18.03 -17.49 14.64
N ALA C 139 -17.67 -18.63 15.25
CA ALA C 139 -16.32 -18.81 15.84
C ALA C 139 -16.00 -17.48 16.54
N ALA C 140 -14.95 -16.78 16.12
CA ALA C 140 -14.61 -15.48 16.75
C ALA C 140 -15.71 -14.39 16.78
N ALA C 141 -16.57 -14.32 15.78
CA ALA C 141 -17.63 -13.29 15.82
C ALA C 141 -18.49 -13.45 17.12
N ASN C 142 -18.40 -14.63 17.72
CA ASN C 142 -19.08 -14.95 18.98
C ASN C 142 -18.31 -14.51 20.25
N CYS C 143 -17.13 -13.92 20.12
CA CYS C 143 -16.39 -13.51 21.31
C CYS C 143 -16.54 -12.05 21.74
N TYR C 144 -17.50 -11.34 21.17
CA TYR C 144 -17.68 -9.93 21.47
C TYR C 144 -18.25 -9.66 22.87
N LYS C 145 -17.46 -9.04 23.73
CA LYS C 145 -17.88 -8.74 25.09
C LYS C 145 -17.92 -7.23 25.21
N LYS C 146 -18.94 -6.67 25.83
CA LYS C 146 -19.08 -5.21 25.89
C LYS C 146 -18.04 -4.60 26.84
N GLU C 147 -17.70 -5.35 27.87
CA GLU C 147 -16.73 -4.87 28.83
C GLU C 147 -15.31 -4.85 28.26
N LYS C 148 -15.08 -5.60 27.20
CA LYS C 148 -13.75 -5.62 26.58
C LYS C 148 -13.59 -4.93 25.22
N HIS C 149 -14.55 -4.09 24.86
CA HIS C 149 -14.44 -3.37 23.61
C HIS C 149 -15.44 -2.24 23.56
N LEU C 150 -16.70 -2.60 23.67
CA LEU C 150 -17.77 -1.60 23.57
C LEU C 150 -17.68 -0.52 24.64
N ASP C 151 -17.35 -0.94 25.86
CA ASP C 151 -17.17 -0.05 27.02
C ASP C 151 -15.84 0.68 27.15
N LEU C 152 -14.93 0.55 26.19
CA LEU C 152 -13.66 1.28 26.29
C LEU C 152 -13.98 2.66 25.72
N GLU C 153 -13.43 3.72 26.33
CA GLU C 153 -13.73 5.08 25.91
C GLU C 153 -13.50 5.40 24.44
N LYS C 154 -12.37 4.98 23.89
CA LYS C 154 -12.04 5.32 22.52
C LYS C 154 -13.12 4.80 21.59
N ASN C 155 -13.67 3.63 21.94
CA ASN C 155 -14.71 2.98 21.13
C ASN C 155 -16.10 3.52 21.42
N TRP C 156 -16.50 3.49 22.67
CA TRP C 156 -17.82 4.00 23.08
C TRP C 156 -18.01 5.44 22.66
N MET C 157 -16.91 6.18 22.56
CA MET C 157 -16.97 7.56 22.13
C MET C 157 -17.43 7.66 20.66
N LEU C 158 -17.05 6.69 19.82
CA LEU C 158 -17.45 6.67 18.40
C LEU C 158 -18.97 6.43 18.26
N VAL C 159 -19.50 5.65 19.20
CA VAL C 159 -20.92 5.31 19.27
C VAL C 159 -21.71 6.54 19.69
N GLU C 160 -21.08 7.44 20.44
CA GLU C 160 -21.78 8.62 20.94
C GLU C 160 -21.93 9.65 19.83
N LYS C 161 -21.12 9.48 18.79
CA LYS C 161 -21.11 10.36 17.62
C LYS C 161 -22.29 10.08 16.68
N ALA C 162 -22.78 8.84 16.68
CA ALA C 162 -23.87 8.42 15.79
C ALA C 162 -25.22 9.15 15.93
N ARG C 163 -25.88 9.36 14.79
CA ARG C 163 -27.21 9.95 14.73
C ARG C 163 -28.13 8.80 14.62
N VAL C 164 -27.63 7.75 13.94
CA VAL C 164 -28.36 6.51 13.65
C VAL C 164 -27.53 5.27 14.05
N CYS C 165 -28.18 4.28 14.64
CA CYS C 165 -27.49 3.04 15.06
C CYS C 165 -28.18 1.91 14.38
N TYR C 166 -27.42 0.94 13.88
CA TYR C 166 -28.01 -0.24 13.26
C TYR C 166 -27.28 -1.48 13.72
N ILE C 167 -28.06 -2.50 14.07
CA ILE C 167 -27.53 -3.79 14.45
C ILE C 167 -28.51 -4.81 13.91
N ALA C 168 -27.98 -5.84 13.25
CA ALA C 168 -28.80 -6.92 12.77
C ALA C 168 -29.18 -7.87 13.95
N GLY C 169 -30.36 -8.48 13.85
CA GLY C 169 -30.86 -9.39 14.88
C GLY C 169 -29.88 -10.49 15.14
N PHE C 170 -29.07 -10.83 14.12
CA PHE C 170 -28.03 -11.88 14.25
C PHE C 170 -27.16 -11.70 15.48
N PHE C 171 -26.90 -10.45 15.86
CA PHE C 171 -26.01 -10.16 16.98
C PHE C 171 -26.57 -10.56 18.33
N LEU C 172 -27.90 -10.66 18.41
CA LEU C 172 -28.56 -11.06 19.65
C LEU C 172 -28.03 -12.43 20.14
N THR C 173 -27.68 -13.33 19.21
CA THR C 173 -27.09 -14.62 19.61
C THR C 173 -25.66 -14.49 20.12
N VAL C 174 -25.10 -13.28 20.13
CA VAL C 174 -23.73 -13.10 20.58
C VAL C 174 -23.58 -12.21 21.82
N SER C 175 -24.20 -11.02 21.78
CA SER C 175 -24.08 -10.05 22.88
C SER C 175 -25.34 -9.21 23.09
N PRO C 176 -26.38 -9.80 23.66
CA PRO C 176 -27.62 -9.05 23.94
C PRO C 176 -27.35 -7.83 24.83
N GLU C 177 -26.38 -7.96 25.73
CA GLU C 177 -25.91 -6.86 26.60
C GLU C 177 -25.38 -5.65 25.84
N SER C 178 -24.56 -5.89 24.80
CA SER C 178 -24.05 -4.76 24.03
C SER C 178 -25.18 -4.08 23.25
N VAL C 179 -26.08 -4.88 22.69
CA VAL C 179 -27.19 -4.38 21.89
C VAL C 179 -28.09 -3.47 22.74
N LEU C 180 -28.29 -3.87 24.00
CA LEU C 180 -29.09 -3.09 24.94
C LEU C 180 -28.43 -1.78 25.33
N LYS C 181 -27.16 -1.85 25.71
CA LYS C 181 -26.38 -0.68 26.02
C LYS C 181 -26.60 0.35 24.92
N VAL C 182 -26.32 -0.05 23.68
CA VAL C 182 -26.48 0.85 22.55
C VAL C 182 -27.91 1.35 22.50
N ALA C 183 -28.86 0.42 22.36
CA ALA C 183 -30.32 0.70 22.32
C ALA C 183 -30.75 1.64 23.42
N HIS C 184 -30.38 1.31 24.66
CA HIS C 184 -30.71 2.17 25.77
C HIS C 184 -30.19 3.62 25.61
N HIS C 185 -28.96 3.73 25.12
CA HIS C 185 -28.31 5.01 24.86
C HIS C 185 -29.10 5.78 23.83
N ALA C 186 -29.52 5.10 22.78
CA ALA C 186 -30.23 5.74 21.66
C ALA C 186 -31.45 6.44 22.24
N SER C 187 -32.16 5.68 23.10
CA SER C 187 -33.34 6.13 23.82
C SER C 187 -33.08 7.40 24.59
N GLU C 188 -32.25 7.26 25.62
CA GLU C 188 -31.89 8.40 26.48
C GLU C 188 -31.46 9.68 25.78
N ASN C 189 -30.90 9.55 24.59
CA ASN C 189 -30.41 10.72 23.85
C ASN C 189 -31.25 11.02 22.61
N ASN C 190 -32.33 10.28 22.45
CA ASN C 190 -33.22 10.44 21.30
C ASN C 190 -32.56 10.24 19.94
N ARG C 191 -31.70 9.25 19.81
CA ARG C 191 -31.11 8.99 18.51
C ARG C 191 -31.97 7.91 17.91
N ILE C 192 -31.81 7.63 16.63
CA ILE C 192 -32.59 6.57 16.01
C ILE C 192 -31.87 5.23 16.10
N PHE C 193 -32.51 4.27 16.77
CA PHE C 193 -32.00 2.90 16.90
C PHE C 193 -32.79 1.89 16.02
N THR C 194 -32.03 1.15 15.22
CA THR C 194 -32.60 0.27 14.25
C THR C 194 -32.05 -1.15 14.45
N LEU C 195 -32.87 -2.14 14.06
CA LEU C 195 -32.56 -3.55 14.20
C LEU C 195 -33.12 -4.30 13.02
N ASN C 196 -32.58 -5.50 12.80
CA ASN C 196 -33.04 -6.40 11.76
C ASN C 196 -33.52 -7.72 12.35
N LEU C 197 -34.57 -8.33 11.75
CA LEU C 197 -35.13 -9.62 12.22
C LEU C 197 -34.18 -10.73 11.78
N SER C 198 -33.38 -10.41 10.75
CA SER C 198 -32.26 -11.23 10.29
C SER C 198 -32.61 -12.58 9.75
N ALA C 199 -33.26 -13.39 10.56
CA ALA C 199 -33.57 -14.76 10.14
C ALA C 199 -34.77 -15.23 10.99
N PRO C 200 -35.36 -16.38 10.67
CA PRO C 200 -36.48 -16.86 11.46
C PRO C 200 -35.98 -17.38 12.82
N PHE C 201 -34.79 -17.98 12.82
CA PHE C 201 -34.28 -18.62 14.00
C PHE C 201 -34.12 -17.62 15.12
N ILE C 202 -33.89 -16.36 14.75
CA ILE C 202 -33.78 -15.35 15.79
C ILE C 202 -35.12 -15.27 16.55
N SER C 203 -36.24 -15.22 15.82
CA SER C 203 -37.57 -15.14 16.44
C SER C 203 -38.04 -16.45 17.10
N GLN C 204 -37.40 -17.56 16.78
CA GLN C 204 -37.84 -18.80 17.38
C GLN C 204 -37.05 -19.16 18.64
N PHE C 205 -35.75 -18.89 18.61
CA PHE C 205 -34.90 -19.26 19.71
C PHE C 205 -34.31 -18.07 20.48
N TYR C 206 -34.39 -16.85 19.93
CA TYR C 206 -33.84 -15.68 20.63
C TYR C 206 -34.90 -14.61 20.91
N LYS C 207 -36.15 -15.06 21.03
CA LYS C 207 -37.22 -14.09 21.27
C LYS C 207 -37.11 -13.38 22.63
N GLU C 208 -36.47 -14.04 23.58
CA GLU C 208 -36.24 -13.40 24.87
C GLU C 208 -35.42 -12.10 24.71
N SER C 209 -34.24 -12.20 24.09
CA SER C 209 -33.36 -11.04 23.85
C SER C 209 -33.91 -10.08 22.81
N LEU C 210 -34.62 -10.59 21.79
CA LEU C 210 -35.19 -9.74 20.74
C LEU C 210 -36.32 -8.88 21.30
N MET C 211 -37.07 -9.52 22.17
CA MET C 211 -38.21 -8.86 22.77
C MET C 211 -37.79 -7.85 23.84
N LYS C 212 -36.67 -8.14 24.49
CA LYS C 212 -36.09 -7.28 25.51
C LYS C 212 -35.57 -6.05 24.84
N VAL C 213 -35.12 -6.22 23.60
CA VAL C 213 -34.58 -5.12 22.79
C VAL C 213 -35.65 -4.35 21.99
N MET C 214 -36.72 -5.03 21.60
CA MET C 214 -37.79 -4.39 20.83
C MET C 214 -38.37 -3.02 21.29
N PRO C 215 -38.56 -2.79 22.59
CA PRO C 215 -39.18 -1.52 23.00
C PRO C 215 -38.28 -0.33 22.64
N TYR C 216 -37.01 -0.63 22.31
CA TYR C 216 -36.02 0.37 21.95
C TYR C 216 -35.81 0.56 20.47
N VAL C 217 -36.47 -0.27 19.68
CA VAL C 217 -36.33 -0.25 18.23
C VAL C 217 -37.20 0.83 17.55
N ASP C 218 -36.58 1.91 17.10
CA ASP C 218 -37.31 2.97 16.43
C ASP C 218 -37.70 2.56 15.02
N ILE C 219 -36.87 1.73 14.39
CA ILE C 219 -37.15 1.22 13.04
C ILE C 219 -36.75 -0.21 12.99
N LEU C 220 -37.70 -1.09 12.65
CA LEU C 220 -37.45 -2.51 12.55
C LEU C 220 -37.54 -3.02 11.09
N PHE C 221 -36.51 -3.74 10.64
CA PHE C 221 -36.47 -4.25 9.30
C PHE C 221 -36.57 -5.78 9.36
N GLY C 222 -36.81 -6.41 8.20
CA GLY C 222 -36.85 -7.87 8.10
C GLY C 222 -37.57 -8.20 6.82
N ASN C 223 -37.63 -9.47 6.46
CA ASN C 223 -38.27 -9.88 5.20
C ASN C 223 -39.57 -10.61 5.48
N GLU C 224 -40.28 -11.10 4.48
CA GLU C 224 -41.57 -11.72 4.74
C GLU C 224 -41.50 -12.99 5.59
N THR C 225 -40.54 -13.86 5.29
CA THR C 225 -40.44 -15.08 6.06
C THR C 225 -40.06 -14.80 7.51
N GLU C 226 -39.28 -13.73 7.74
CA GLU C 226 -38.90 -13.32 9.07
C GLU C 226 -40.06 -12.63 9.81
N ALA C 227 -40.89 -11.90 9.06
CA ALA C 227 -42.09 -11.24 9.56
C ALA C 227 -43.19 -12.29 9.92
N ALA C 228 -43.30 -13.34 9.12
CA ALA C 228 -44.32 -14.33 9.39
C ALA C 228 -43.93 -15.12 10.60
N THR C 229 -42.66 -15.48 10.70
CA THR C 229 -42.16 -16.27 11.82
C THR C 229 -42.29 -15.42 13.07
N PHE C 230 -41.99 -14.13 12.93
CA PHE C 230 -42.17 -13.22 14.07
C PHE C 230 -43.64 -13.19 14.56
N ALA C 231 -44.59 -13.04 13.63
CA ALA C 231 -45.99 -12.94 14.00
C ALA C 231 -46.47 -14.20 14.76
N ARG C 232 -45.96 -15.38 14.38
CA ARG C 232 -46.38 -16.65 14.98
C ARG C 232 -45.81 -16.75 16.39
N GLU C 233 -44.49 -16.67 16.46
CA GLU C 233 -43.82 -16.69 17.75
C GLU C 233 -44.43 -15.68 18.74
N GLN C 234 -44.85 -14.52 18.22
CA GLN C 234 -45.44 -13.50 19.06
C GLN C 234 -46.94 -13.66 19.24
N GLY C 235 -47.50 -14.72 18.66
CA GLY C 235 -48.94 -15.00 18.78
C GLY C 235 -49.86 -14.05 18.02
N PHE C 236 -49.32 -13.22 17.15
CA PHE C 236 -50.14 -12.31 16.37
C PHE C 236 -51.43 -12.87 15.75
N GLU C 237 -51.42 -14.15 15.40
CA GLU C 237 -52.60 -14.75 14.77
C GLU C 237 -52.96 -14.06 13.45
N THR C 238 -52.06 -14.11 12.47
CA THR C 238 -52.31 -13.49 11.19
C THR C 238 -51.12 -13.76 10.26
N LYS C 239 -51.41 -14.09 9.01
CA LYS C 239 -50.40 -14.39 8.02
C LYS C 239 -50.32 -13.23 7.04
N ASP C 240 -51.04 -12.15 7.36
CA ASP C 240 -51.09 -10.95 6.53
C ASP C 240 -49.93 -9.99 6.83
N ILE C 241 -49.00 -9.85 5.89
CA ILE C 241 -47.85 -8.96 6.09
C ILE C 241 -48.14 -7.53 6.61
N LYS C 242 -49.04 -6.82 5.92
CA LYS C 242 -49.44 -5.45 6.36
C LYS C 242 -50.00 -5.45 7.79
N GLU C 243 -50.84 -6.43 8.10
CA GLU C 243 -51.40 -6.59 9.44
C GLU C 243 -50.28 -6.96 10.43
N ILE C 244 -49.32 -7.76 9.99
CA ILE C 244 -48.18 -8.10 10.85
C ILE C 244 -47.29 -6.87 11.09
N ALA C 245 -47.11 -6.04 10.05
CA ALA C 245 -46.33 -4.81 10.18
C ALA C 245 -47.00 -3.91 11.16
N LYS C 246 -48.32 -3.80 11.06
CA LYS C 246 -49.14 -2.91 11.89
C LYS C 246 -49.11 -3.30 13.38
N LYS C 247 -49.20 -4.59 13.66
CA LYS C 247 -49.18 -5.07 15.03
C LYS C 247 -47.80 -4.90 15.66
N THR C 248 -46.78 -5.09 14.83
CA THR C 248 -45.38 -4.94 15.27
C THR C 248 -45.03 -3.47 15.54
N GLN C 249 -45.46 -2.58 14.67
CA GLN C 249 -45.18 -1.18 14.91
C GLN C 249 -45.80 -0.73 16.25
N ALA C 250 -46.92 -1.36 16.62
CA ALA C 250 -47.71 -0.96 17.79
C ALA C 250 -47.24 -1.60 19.07
N LEU C 251 -46.17 -2.37 19.02
CA LEU C 251 -45.59 -3.01 20.20
C LEU C 251 -45.10 -1.94 21.20
N PRO C 252 -45.11 -2.26 22.50
CA PRO C 252 -44.67 -1.29 23.49
C PRO C 252 -43.32 -0.65 23.10
N LYS C 253 -43.25 0.67 23.21
CA LYS C 253 -42.04 1.43 22.93
C LYS C 253 -41.59 2.25 24.16
N MET C 254 -40.30 2.21 24.48
CA MET C 254 -39.73 2.90 25.64
C MET C 254 -39.68 4.44 25.41
N ASN C 255 -39.06 4.87 24.32
CA ASN C 255 -38.99 6.29 23.99
C ASN C 255 -40.18 6.70 23.17
N SER C 256 -41.04 7.46 23.81
CA SER C 256 -42.25 7.98 23.21
C SER C 256 -42.07 9.15 22.21
N LYS C 257 -40.86 9.70 22.12
CA LYS C 257 -40.61 10.83 21.22
C LYS C 257 -40.70 10.38 19.78
N ARG C 258 -40.31 9.12 19.56
CA ARG C 258 -40.23 8.51 18.23
C ARG C 258 -41.20 7.35 18.10
N GLN C 259 -42.16 7.47 17.18
CA GLN C 259 -43.08 6.39 16.96
C GLN C 259 -42.32 5.34 16.14
N ARG C 260 -42.65 4.06 16.32
CA ARG C 260 -41.95 3.05 15.55
C ARG C 260 -42.17 3.13 14.03
N ILE C 261 -41.29 2.46 13.30
CA ILE C 261 -41.40 2.31 11.86
C ILE C 261 -40.95 0.89 11.53
N VAL C 262 -41.77 0.20 10.73
CA VAL C 262 -41.57 -1.23 10.41
C VAL C 262 -41.47 -1.46 8.90
N ILE C 263 -40.33 -1.97 8.48
CA ILE C 263 -40.16 -2.20 7.06
C ILE C 263 -39.87 -3.64 6.77
N PHE C 264 -40.69 -4.22 5.91
CA PHE C 264 -40.51 -5.60 5.54
C PHE C 264 -40.27 -5.67 4.04
N THR C 265 -39.27 -6.43 3.62
CA THR C 265 -39.07 -6.66 2.21
C THR C 265 -39.73 -8.00 1.81
N GLN C 266 -40.14 -8.11 0.54
CA GLN C 266 -40.75 -9.36 0.03
C GLN C 266 -40.21 -9.75 -1.34
N GLY C 267 -38.88 -9.66 -1.50
CA GLY C 267 -38.21 -10.01 -2.72
C GLY C 267 -38.57 -9.06 -3.85
N ARG C 268 -39.21 -9.60 -4.87
CA ARG C 268 -39.67 -8.85 -6.01
C ARG C 268 -41.05 -8.28 -5.73
N ASP C 269 -41.57 -8.59 -4.56
CA ASP C 269 -42.87 -8.10 -4.17
C ASP C 269 -42.73 -6.84 -3.32
N ASP C 270 -43.65 -5.89 -3.48
CA ASP C 270 -43.71 -4.63 -2.73
C ASP C 270 -43.17 -4.65 -1.31
N THR C 271 -42.46 -3.57 -0.98
CA THR C 271 -41.93 -3.37 0.38
C THR C 271 -43.04 -2.80 1.26
N ILE C 272 -43.15 -3.31 2.47
CA ILE C 272 -44.17 -2.82 3.37
C ILE C 272 -43.61 -1.93 4.49
N MET C 273 -44.16 -0.72 4.57
CA MET C 273 -43.80 0.19 5.66
C MET C 273 -45.03 0.50 6.45
N ALA C 274 -44.91 0.34 7.77
CA ALA C 274 -45.98 0.61 8.71
C ALA C 274 -45.52 1.73 9.63
N THR C 275 -46.36 2.77 9.72
CA THR C 275 -46.13 3.89 10.64
C THR C 275 -47.31 4.00 11.62
N GLU C 276 -47.26 5.00 12.48
CA GLU C 276 -48.34 5.19 13.44
C GLU C 276 -49.60 5.54 12.61
N SER C 277 -49.34 6.26 11.52
CA SER C 277 -50.38 6.69 10.60
C SER C 277 -51.03 5.55 9.86
N GLU C 278 -50.21 4.81 9.11
CA GLU C 278 -50.71 3.71 8.27
C GLU C 278 -49.63 2.72 7.79
N VAL C 279 -50.10 1.75 7.01
CA VAL C 279 -49.25 0.78 6.33
C VAL C 279 -49.36 1.04 4.83
N THR C 280 -48.22 1.24 4.18
CA THR C 280 -48.13 1.51 2.75
C THR C 280 -47.23 0.49 2.08
N ALA C 281 -47.43 0.30 0.78
CA ALA C 281 -46.68 -0.66 0.00
C ALA C 281 -45.89 0.09 -1.04
N PHE C 282 -44.70 -0.41 -1.37
CA PHE C 282 -43.83 0.24 -2.34
C PHE C 282 -43.32 -0.76 -3.34
N ALA C 283 -43.59 -0.50 -4.60
CA ALA C 283 -43.18 -1.42 -5.63
C ALA C 283 -41.68 -1.36 -5.79
N VAL C 284 -41.11 -2.49 -6.22
CA VAL C 284 -39.69 -2.61 -6.42
C VAL C 284 -39.23 -2.16 -7.80
N LEU C 285 -37.95 -1.78 -7.90
CA LEU C 285 -37.34 -1.35 -9.15
C LEU C 285 -37.34 -2.45 -10.22
N ASP C 286 -37.92 -2.17 -11.39
CA ASP C 286 -38.00 -3.13 -12.50
C ASP C 286 -36.67 -3.76 -12.89
N GLN C 287 -35.92 -4.20 -11.90
CA GLN C 287 -34.62 -4.83 -12.13
C GLN C 287 -34.77 -6.24 -12.70
N ASP C 288 -35.89 -6.48 -13.40
CA ASP C 288 -36.21 -7.80 -13.98
C ASP C 288 -35.00 -8.57 -14.58
N GLN C 289 -35.27 -9.77 -15.08
CA GLN C 289 -34.25 -10.63 -15.70
C GLN C 289 -33.07 -10.98 -14.79
N LYS C 290 -33.01 -10.33 -13.62
CA LYS C 290 -31.90 -10.49 -12.68
C LYS C 290 -31.54 -11.91 -12.25
N GLU C 291 -32.52 -12.81 -12.32
CA GLU C 291 -32.36 -14.21 -11.90
C GLU C 291 -31.37 -14.48 -10.74
N ILE C 292 -30.11 -14.71 -11.07
CA ILE C 292 -29.06 -15.03 -10.09
C ILE C 292 -28.88 -13.87 -9.08
N ILE C 293 -29.91 -13.62 -8.28
CA ILE C 293 -29.85 -12.53 -7.32
C ILE C 293 -29.99 -13.00 -5.89
N ASP C 294 -28.89 -12.89 -5.14
CA ASP C 294 -28.85 -13.26 -3.74
C ASP C 294 -29.92 -12.45 -2.96
N THR C 295 -31.07 -13.07 -2.73
CA THR C 295 -32.16 -12.42 -2.00
C THR C 295 -31.71 -11.87 -0.65
N ASN C 296 -30.84 -12.60 0.01
CA ASN C 296 -30.31 -12.20 1.29
C ASN C 296 -29.41 -10.98 1.13
N GLY C 297 -28.42 -11.10 0.25
CA GLY C 297 -27.50 -9.98 -0.01
C GLY C 297 -28.27 -8.69 -0.41
N ALA C 298 -29.37 -8.88 -1.13
CA ALA C 298 -30.20 -7.74 -1.52
C ALA C 298 -30.85 -7.07 -0.30
N GLY C 299 -31.29 -7.89 0.68
CA GLY C 299 -31.90 -7.35 1.89
C GLY C 299 -30.89 -6.50 2.64
N ASP C 300 -29.62 -6.94 2.66
CA ASP C 300 -28.55 -6.24 3.38
C ASP C 300 -28.22 -4.93 2.69
N ALA C 301 -28.16 -4.98 1.36
CA ALA C 301 -27.97 -3.82 0.51
C ALA C 301 -29.16 -2.81 0.60
N PHE C 302 -30.39 -3.32 0.68
CA PHE C 302 -31.54 -2.45 0.86
C PHE C 302 -31.37 -1.62 2.13
N VAL C 303 -31.07 -2.29 3.22
CA VAL C 303 -30.93 -1.60 4.49
C VAL C 303 -29.89 -0.50 4.38
N GLY C 304 -28.73 -0.84 3.81
CA GLY C 304 -27.63 0.11 3.68
C GLY C 304 -28.11 1.32 2.89
N GLY C 305 -28.86 1.10 1.82
CA GLY C 305 -29.38 2.22 1.05
C GLY C 305 -30.34 3.08 1.91
N PHE C 306 -31.27 2.43 2.61
CA PHE C 306 -32.20 3.16 3.47
C PHE C 306 -31.42 4.01 4.44
N LEU C 307 -30.48 3.38 5.16
CA LEU C 307 -29.70 4.06 6.19
C LEU C 307 -28.95 5.27 5.65
N SER C 308 -28.46 5.13 4.40
CA SER C 308 -27.69 6.16 3.75
C SER C 308 -28.44 7.47 3.57
N GLN C 309 -29.77 7.42 3.72
CA GLN C 309 -30.58 8.63 3.57
C GLN C 309 -31.07 9.00 4.96
N LEU C 310 -31.54 8.01 5.70
CA LEU C 310 -32.10 8.21 7.04
C LEU C 310 -31.14 9.07 7.85
N VAL C 311 -29.87 8.85 7.59
CA VAL C 311 -28.78 9.50 8.28
C VAL C 311 -28.76 11.03 8.10
N SER C 312 -29.37 11.50 7.01
CA SER C 312 -29.43 12.93 6.74
C SER C 312 -30.88 13.41 6.72
N ASP C 313 -31.74 12.70 7.44
CA ASP C 313 -33.14 13.03 7.55
C ASP C 313 -34.00 13.06 6.32
N LYS C 314 -33.58 12.40 5.24
CA LYS C 314 -34.40 12.33 4.03
C LYS C 314 -35.72 11.68 4.42
N PRO C 315 -36.78 11.98 3.68
CA PRO C 315 -38.11 11.45 3.99
C PRO C 315 -38.06 9.93 3.80
N LEU C 316 -38.92 9.23 4.54
CA LEU C 316 -39.02 7.78 4.51
C LEU C 316 -39.20 7.21 3.11
N THR C 317 -40.00 7.90 2.31
CA THR C 317 -40.25 7.47 0.95
C THR C 317 -38.92 7.47 0.22
N GLU C 318 -38.04 8.41 0.62
CA GLU C 318 -36.74 8.60 -0.02
C GLU C 318 -35.71 7.58 0.50
N CYS C 319 -35.96 7.15 1.73
CA CYS C 319 -35.14 6.16 2.38
C CYS C 319 -35.39 4.82 1.66
N ILE C 320 -36.67 4.57 1.36
CA ILE C 320 -37.08 3.35 0.66
C ILE C 320 -36.55 3.32 -0.75
N ARG C 321 -36.53 4.51 -1.37
CA ARG C 321 -36.09 4.67 -2.74
C ARG C 321 -34.66 4.25 -2.95
N ALA C 322 -33.79 4.70 -2.04
CA ALA C 322 -32.34 4.40 -2.08
C ALA C 322 -32.03 2.97 -1.61
N GLY C 323 -32.88 2.45 -0.73
CA GLY C 323 -32.83 1.03 -0.37
C GLY C 323 -33.16 0.17 -1.60
N HIS C 324 -34.21 0.50 -2.35
CA HIS C 324 -34.52 -0.29 -3.56
C HIS C 324 -33.41 -0.16 -4.60
N TYR C 325 -32.78 1.01 -4.64
CA TYR C 325 -31.72 1.30 -5.60
C TYR C 325 -30.45 0.53 -5.30
N ALA C 326 -30.01 0.58 -4.05
CA ALA C 326 -28.79 -0.11 -3.61
C ALA C 326 -28.92 -1.63 -3.82
N ALA C 327 -30.13 -2.14 -3.56
CA ALA C 327 -30.51 -3.54 -3.71
C ALA C 327 -30.30 -4.03 -5.13
N SER C 328 -30.57 -3.14 -6.09
CA SER C 328 -30.52 -3.43 -7.53
C SER C 328 -29.11 -3.44 -8.10
N ILE C 329 -28.30 -2.51 -7.64
CA ILE C 329 -26.92 -2.43 -8.08
C ILE C 329 -26.01 -3.46 -7.41
N ILE C 330 -25.79 -3.25 -6.10
CA ILE C 330 -24.95 -4.11 -5.26
C ILE C 330 -25.42 -5.58 -5.24
N ILE C 331 -24.86 -6.33 -6.20
CA ILE C 331 -25.22 -7.72 -6.42
C ILE C 331 -24.00 -8.63 -6.45
N ARG C 332 -23.87 -9.44 -5.41
CA ARG C 332 -22.77 -10.38 -5.34
C ARG C 332 -23.02 -11.61 -6.22
N ARG C 333 -21.99 -12.03 -6.96
CA ARG C 333 -22.14 -13.13 -7.89
C ARG C 333 -21.03 -14.18 -7.86
N THR C 334 -21.38 -15.35 -8.40
CA THR C 334 -20.47 -16.49 -8.46
C THR C 334 -19.62 -16.37 -9.72
N GLY C 335 -18.38 -16.80 -9.64
CA GLY C 335 -17.54 -16.80 -10.82
C GLY C 335 -17.21 -15.39 -11.28
N CYS C 336 -16.69 -14.59 -10.36
CA CYS C 336 -16.23 -13.26 -10.69
C CYS C 336 -14.73 -13.22 -10.48
N THR C 337 -14.31 -13.74 -9.32
CA THR C 337 -12.90 -13.75 -8.91
C THR C 337 -12.23 -15.06 -9.36
N PHE C 338 -10.90 -15.04 -9.52
CA PHE C 338 -10.18 -16.28 -9.85
C PHE C 338 -9.53 -16.80 -8.57
N PRO C 339 -9.20 -18.08 -8.58
CA PRO C 339 -8.61 -18.76 -7.43
C PRO C 339 -7.23 -18.16 -7.25
N GLU C 340 -6.84 -17.89 -5.99
CA GLU C 340 -5.54 -17.28 -5.71
C GLU C 340 -4.42 -18.07 -6.37
N LYS C 341 -4.46 -19.38 -6.18
CA LYS C 341 -3.43 -20.25 -6.72
C LYS C 341 -4.17 -21.04 -7.78
N PRO C 342 -3.48 -21.53 -8.79
CA PRO C 342 -4.15 -22.38 -9.77
C PRO C 342 -4.24 -23.80 -9.19
N ASP C 343 -5.00 -24.66 -9.84
CA ASP C 343 -5.06 -26.06 -9.42
C ASP C 343 -4.92 -26.97 -10.63
N PHE C 344 -3.70 -26.98 -11.16
CA PHE C 344 -3.41 -27.69 -12.36
C PHE C 344 -2.62 -28.96 -12.06
N HIS C 345 -1.62 -28.81 -11.19
CA HIS C 345 -0.67 -29.88 -10.85
C HIS C 345 0.35 -29.88 -12.00
N SER D 3 -10.49 23.86 9.81
CA SER D 3 -11.64 24.59 9.27
C SER D 3 -11.29 25.32 7.95
N VAL D 4 -10.38 24.70 7.18
CA VAL D 4 -9.95 25.16 5.88
C VAL D 4 -10.20 23.99 4.91
N ARG D 5 -10.58 24.28 3.67
CA ARG D 5 -10.81 23.21 2.68
C ARG D 5 -9.57 22.86 1.90
N GLU D 6 -9.69 21.81 1.12
CA GLU D 6 -8.57 21.33 0.34
C GLU D 6 -8.24 22.32 -0.73
N ASN D 7 -6.98 22.31 -1.13
CA ASN D 7 -6.54 23.16 -2.21
C ASN D 7 -6.57 24.63 -1.86
N ILE D 8 -6.69 24.94 -0.58
CA ILE D 8 -6.72 26.33 -0.15
C ILE D 8 -5.38 26.98 -0.45
N LEU D 9 -4.31 26.21 -0.33
CA LEU D 9 -2.94 26.65 -0.62
C LEU D 9 -2.44 26.14 -1.97
N PHE D 10 -1.98 27.03 -2.85
CA PHE D 10 -1.42 26.62 -4.18
C PHE D 10 0.04 26.95 -4.42
N GLY D 11 0.82 25.97 -4.86
CA GLY D 11 2.26 26.20 -5.10
C GLY D 11 2.69 25.40 -6.31
N MET D 12 3.70 25.90 -6.98
CA MET D 12 4.24 25.25 -8.18
C MET D 12 5.69 25.67 -8.24
N GLY D 13 6.53 24.74 -8.66
CA GLY D 13 7.96 24.99 -8.75
C GLY D 13 8.71 23.85 -9.44
N ASN D 14 9.98 23.68 -9.10
CA ASN D 14 10.80 22.63 -9.66
C ASN D 14 10.85 21.45 -8.69
N PRO D 15 10.20 20.34 -9.08
CA PRO D 15 10.27 19.11 -8.29
C PRO D 15 11.66 18.51 -8.52
N LEU D 16 12.50 18.50 -7.49
CA LEU D 16 13.83 17.91 -7.63
C LEU D 16 14.13 16.84 -6.58
N LEU D 17 15.08 15.97 -6.89
CA LEU D 17 15.57 14.99 -5.91
C LEU D 17 16.96 15.47 -5.47
N ASP D 18 17.10 15.73 -4.19
CA ASP D 18 18.41 16.11 -3.68
C ASP D 18 19.26 14.86 -3.55
N ILE D 19 20.48 14.99 -4.03
CA ILE D 19 21.49 13.94 -3.95
C ILE D 19 22.56 14.64 -3.14
N SER D 20 22.74 14.16 -1.92
CA SER D 20 23.67 14.79 -0.99
C SER D 20 24.83 13.89 -0.52
N ALA D 21 25.92 14.50 -0.11
CA ALA D 21 27.07 13.73 0.29
C ALA D 21 28.15 14.68 0.76
N VAL D 22 28.94 14.20 1.73
CA VAL D 22 30.10 14.91 2.20
C VAL D 22 31.27 14.73 1.22
N VAL D 23 31.76 15.83 0.69
CA VAL D 23 32.89 15.82 -0.22
C VAL D 23 34.17 16.43 0.41
N ASP D 24 35.11 16.83 -0.45
CA ASP D 24 36.36 17.47 -0.03
C ASP D 24 36.59 18.74 -0.87
N LYS D 25 37.51 19.59 -0.43
CA LYS D 25 37.76 20.81 -1.17
C LYS D 25 38.22 20.54 -2.59
N ASP D 26 38.91 19.41 -2.78
CA ASP D 26 39.38 19.04 -4.12
C ASP D 26 38.20 18.91 -5.10
N PHE D 27 37.11 18.38 -4.57
CA PHE D 27 35.90 18.24 -5.37
C PHE D 27 35.31 19.60 -5.77
N LEU D 28 35.18 20.52 -4.80
CA LEU D 28 34.64 21.85 -5.08
C LEU D 28 35.48 22.63 -6.05
N ASP D 29 36.82 22.56 -5.88
CA ASP D 29 37.77 23.26 -6.75
C ASP D 29 37.76 22.70 -8.17
N LYS D 30 37.71 21.38 -8.26
CA LYS D 30 37.52 20.66 -9.54
C LYS D 30 36.39 21.22 -10.42
N TYR D 31 35.33 21.69 -9.78
CA TYR D 31 34.18 22.28 -10.47
C TYR D 31 34.09 23.77 -10.18
N SER D 32 35.11 24.29 -9.49
CA SER D 32 35.19 25.71 -9.20
C SER D 32 33.92 26.16 -8.56
N LEU D 33 33.49 25.42 -7.53
CA LEU D 33 32.30 25.75 -6.74
C LEU D 33 32.70 26.33 -5.41
N LYS D 34 31.93 27.31 -4.92
CA LYS D 34 32.06 27.87 -3.55
C LYS D 34 31.49 26.92 -2.51
N PRO D 35 32.15 26.84 -1.34
CA PRO D 35 31.76 25.90 -0.25
C PRO D 35 30.33 26.09 0.32
N ASN D 36 29.79 27.29 0.13
CA ASN D 36 28.43 27.57 0.52
C ASN D 36 27.89 28.40 -0.67
N ASP D 37 26.93 27.84 -1.43
CA ASP D 37 26.28 28.54 -2.55
C ASP D 37 24.99 27.89 -3.00
N GLN D 38 24.32 28.50 -3.97
CA GLN D 38 23.18 27.90 -4.71
C GLN D 38 23.23 28.37 -6.17
N ILE D 39 23.41 27.44 -7.11
CA ILE D 39 23.54 27.84 -8.50
C ILE D 39 22.86 26.85 -9.39
N LEU D 40 22.52 27.22 -10.62
CA LEU D 40 22.07 26.26 -11.60
C LEU D 40 23.30 25.62 -12.31
N ALA D 41 23.13 24.37 -12.75
CA ALA D 41 24.20 23.65 -13.44
C ALA D 41 24.37 24.20 -14.85
N GLU D 42 25.61 24.47 -15.22
CA GLU D 42 25.98 24.88 -16.58
C GLU D 42 26.54 23.58 -17.20
N ASP D 43 27.02 23.63 -18.43
CA ASP D 43 27.72 22.53 -19.07
C ASP D 43 29.02 22.01 -18.42
N LYS D 44 29.88 22.89 -17.89
CA LYS D 44 31.12 22.44 -17.24
C LYS D 44 30.87 21.55 -16.02
N HIS D 45 29.60 21.46 -15.58
CA HIS D 45 29.20 20.77 -14.36
C HIS D 45 28.71 19.38 -14.56
N LYS D 46 28.18 19.09 -15.75
CA LYS D 46 27.66 17.73 -16.08
C LYS D 46 28.42 16.53 -15.49
N GLU D 47 29.74 16.64 -15.48
CA GLU D 47 30.62 15.62 -14.95
C GLU D 47 30.34 15.41 -13.45
N LEU D 48 30.11 16.51 -12.72
CA LEU D 48 29.98 16.52 -11.27
C LEU D 48 28.94 15.56 -10.79
N PHE D 49 27.87 15.43 -11.54
CA PHE D 49 26.77 14.61 -11.07
C PHE D 49 27.02 13.14 -11.06
N ASP D 50 27.87 12.68 -11.99
CA ASP D 50 28.28 11.28 -12.11
C ASP D 50 29.38 10.90 -11.10
N GLU D 51 30.43 11.72 -11.00
CA GLU D 51 31.48 11.37 -10.05
C GLU D 51 31.09 11.54 -8.60
N LEU D 52 30.15 12.46 -8.36
CA LEU D 52 29.60 12.64 -7.05
C LEU D 52 28.98 11.32 -6.60
N VAL D 53 28.18 10.73 -7.47
CA VAL D 53 27.55 9.43 -7.20
C VAL D 53 28.56 8.27 -7.05
N LYS D 54 29.51 8.19 -7.98
CA LYS D 54 30.57 7.17 -7.97
C LYS D 54 31.56 7.31 -6.81
N LYS D 55 32.11 8.50 -6.62
CA LYS D 55 33.10 8.67 -5.57
C LYS D 55 32.69 8.74 -4.10
N PHE D 56 31.53 9.32 -3.81
CA PHE D 56 31.13 9.53 -2.41
C PHE D 56 29.90 8.76 -1.97
N LYS D 57 29.69 8.71 -0.65
CA LYS D 57 28.55 8.04 -0.03
C LYS D 57 27.37 8.96 -0.07
N VAL D 58 26.61 8.85 -1.15
CA VAL D 58 25.49 9.74 -1.43
C VAL D 58 24.13 9.33 -0.82
N GLU D 59 23.24 10.29 -0.60
CA GLU D 59 21.89 10.05 -0.05
C GLU D 59 20.86 10.80 -0.88
N TYR D 60 19.68 10.20 -1.04
CA TYR D 60 18.59 10.81 -1.82
C TYR D 60 17.40 11.25 -0.96
N HIS D 61 16.86 12.45 -1.23
CA HIS D 61 15.71 12.99 -0.49
C HIS D 61 14.88 13.79 -1.49
N ALA D 62 13.54 13.85 -1.33
CA ALA D 62 12.70 14.66 -2.22
C ALA D 62 12.99 16.12 -1.94
N GLY D 63 13.21 16.90 -3.00
CA GLY D 63 13.59 18.30 -2.87
C GLY D 63 12.70 19.28 -3.67
N GLY D 64 13.27 20.43 -3.97
CA GLY D 64 12.49 21.45 -4.63
C GLY D 64 12.16 22.45 -3.51
N SER D 65 12.39 23.72 -3.76
CA SER D 65 12.15 24.67 -2.70
C SER D 65 10.67 24.83 -2.46
N THR D 66 9.91 25.16 -3.51
CA THR D 66 8.47 25.34 -3.36
C THR D 66 7.84 24.07 -2.89
N GLN D 67 8.33 22.95 -3.39
CA GLN D 67 7.81 21.63 -3.03
C GLN D 67 7.94 21.35 -1.56
N ASN D 68 9.13 21.66 -1.03
CA ASN D 68 9.44 21.46 0.39
C ASN D 68 8.50 22.29 1.30
N SER D 69 8.33 23.57 0.96
CA SER D 69 7.51 24.48 1.75
C SER D 69 6.07 24.05 1.77
N ILE D 70 5.61 23.58 0.61
CA ILE D 70 4.23 23.09 0.47
C ILE D 70 4.04 21.86 1.36
N LYS D 71 5.05 20.99 1.46
CA LYS D 71 4.97 19.82 2.37
C LYS D 71 4.97 20.29 3.82
N VAL D 72 5.86 21.20 4.20
CA VAL D 72 5.82 21.74 5.58
C VAL D 72 4.51 22.45 5.97
N ALA D 73 3.89 23.14 5.02
CA ALA D 73 2.63 23.82 5.18
C ALA D 73 1.51 22.77 5.36
N GLN D 74 1.58 21.69 4.59
CA GLN D 74 0.55 20.66 4.66
C GLN D 74 0.69 19.95 5.99
N TRP D 75 1.94 19.78 6.42
CA TRP D 75 2.23 19.15 7.70
C TRP D 75 1.74 19.98 8.86
N MET D 76 1.91 21.30 8.81
CA MET D 76 1.40 22.16 9.88
C MET D 76 -0.12 22.24 9.91
N ILE D 77 -0.74 22.34 8.74
CA ILE D 77 -2.17 22.43 8.66
C ILE D 77 -2.74 21.12 9.20
N GLN D 78 -2.11 20.00 8.88
CA GLN D 78 -2.53 18.71 9.44
C GLN D 78 -3.95 18.32 9.04
N GLN D 79 -4.90 19.14 9.45
CA GLN D 79 -6.35 18.95 9.26
C GLN D 79 -6.83 18.24 7.99
N PRO D 80 -7.29 18.98 6.95
CA PRO D 80 -7.74 18.28 5.74
C PRO D 80 -6.53 17.93 4.93
N HIS D 81 -6.42 16.66 4.54
CA HIS D 81 -5.35 16.21 3.69
C HIS D 81 -5.61 16.93 2.38
N LYS D 82 -4.58 17.11 1.57
CA LYS D 82 -4.80 17.84 0.35
C LYS D 82 -5.23 19.29 0.59
N ALA D 83 -4.70 19.90 1.65
CA ALA D 83 -5.02 21.32 1.88
C ALA D 83 -4.14 22.12 0.94
N ALA D 84 -2.99 21.52 0.59
CA ALA D 84 -1.97 22.15 -0.27
C ALA D 84 -1.86 21.52 -1.64
N THR D 85 -1.82 22.35 -2.68
CA THR D 85 -1.63 21.90 -4.07
C THR D 85 -0.22 22.18 -4.64
N PHE D 86 0.28 21.26 -5.47
CA PHE D 86 1.61 21.43 -6.08
C PHE D 86 1.59 21.00 -7.52
N PHE D 87 2.13 21.83 -8.41
CA PHE D 87 2.29 21.48 -9.83
C PHE D 87 3.76 21.60 -10.22
N GLY D 88 4.25 20.65 -11.04
CA GLY D 88 5.60 20.74 -11.57
C GLY D 88 5.79 19.70 -12.67
N CYS D 89 6.93 19.76 -13.34
CA CYS D 89 7.24 18.79 -14.39
C CYS D 89 8.31 17.82 -13.89
N ILE D 90 8.02 16.53 -13.97
CA ILE D 90 9.03 15.51 -13.64
C ILE D 90 9.32 14.61 -14.85
N GLY D 91 10.32 13.75 -14.74
CA GLY D 91 10.58 12.77 -15.78
C GLY D 91 9.76 11.50 -15.47
N ILE D 92 9.60 10.63 -16.45
CA ILE D 92 8.91 9.36 -16.16
C ILE D 92 10.02 8.32 -15.87
N ASP D 93 10.43 8.25 -14.59
CA ASP D 93 11.55 7.42 -14.16
C ASP D 93 11.51 7.18 -12.64
N LYS D 94 12.42 6.36 -12.14
CA LYS D 94 12.52 6.04 -10.73
C LYS D 94 12.46 7.30 -9.84
N PHE D 95 13.38 8.25 -10.03
CA PHE D 95 13.38 9.53 -9.26
C PHE D 95 12.02 10.19 -9.24
N GLY D 96 11.40 10.26 -10.41
CA GLY D 96 10.05 10.79 -10.57
C GLY D 96 9.12 10.02 -9.66
N GLU D 97 9.19 8.70 -9.70
CA GLU D 97 8.30 7.88 -8.83
C GLU D 97 8.49 8.13 -7.31
N ILE D 98 9.73 8.32 -6.89
CA ILE D 98 10.01 8.64 -5.49
C ILE D 98 9.36 10.01 -5.17
N LEU D 99 9.49 10.98 -6.08
CA LEU D 99 8.89 12.30 -5.84
C LEU D 99 7.35 12.22 -5.60
N LYS D 100 6.64 11.52 -6.47
CA LYS D 100 5.20 11.35 -6.29
C LYS D 100 4.82 10.68 -4.97
N ARG D 101 5.37 9.50 -4.72
CA ARG D 101 5.16 8.80 -3.46
C ARG D 101 5.44 9.71 -2.28
N LYS D 102 6.62 10.33 -2.27
CA LYS D 102 6.95 11.26 -1.18
C LYS D 102 5.91 12.36 -0.99
N ALA D 103 5.44 12.88 -2.13
CA ALA D 103 4.40 13.89 -2.14
C ALA D 103 3.06 13.39 -1.55
N ALA D 104 2.70 12.15 -1.88
CA ALA D 104 1.47 11.53 -1.39
C ALA D 104 1.56 11.26 0.11
N GLU D 105 2.72 10.80 0.56
CA GLU D 105 2.94 10.54 1.98
C GLU D 105 2.91 11.80 2.85
N ALA D 106 3.11 12.93 2.17
CA ALA D 106 3.06 14.23 2.81
C ALA D 106 1.63 14.77 2.73
N HIS D 107 0.72 13.98 2.14
CA HIS D 107 -0.69 14.32 1.98
C HIS D 107 -0.89 15.55 1.16
N VAL D 108 -0.06 15.77 0.16
CA VAL D 108 -0.16 16.97 -0.63
C VAL D 108 -0.91 16.55 -1.89
N ASP D 109 -1.77 17.43 -2.39
CA ASP D 109 -2.48 17.17 -3.64
C ASP D 109 -1.58 17.55 -4.87
N ALA D 110 -0.53 16.74 -5.08
CA ALA D 110 0.43 16.98 -6.14
C ALA D 110 0.01 16.49 -7.52
N HIS D 111 0.18 17.37 -8.51
CA HIS D 111 -0.21 17.12 -9.89
C HIS D 111 0.96 17.56 -10.72
N TYR D 112 1.57 16.58 -11.37
CA TYR D 112 2.79 16.78 -12.10
C TYR D 112 2.53 16.53 -13.54
N TYR D 113 3.35 17.14 -14.37
CA TYR D 113 3.33 16.88 -15.78
C TYR D 113 4.49 15.92 -15.94
N GLU D 114 4.23 14.77 -16.55
CA GLU D 114 5.26 13.76 -16.71
C GLU D 114 5.63 13.54 -18.17
N GLN D 115 6.93 13.43 -18.45
CA GLN D 115 7.38 13.23 -19.82
C GLN D 115 8.64 12.36 -19.85
N ASN D 116 8.93 11.81 -21.03
CA ASN D 116 10.04 10.89 -21.19
C ASN D 116 11.32 11.59 -21.71
N GLU D 117 11.15 12.65 -22.50
CA GLU D 117 12.29 13.35 -23.08
C GLU D 117 13.37 13.76 -22.06
N GLN D 118 12.92 14.31 -20.92
CA GLN D 118 13.82 14.78 -19.87
C GLN D 118 13.61 14.02 -18.57
N PRO D 119 14.72 13.65 -17.92
CA PRO D 119 14.67 12.88 -16.68
C PRO D 119 14.48 13.84 -15.52
N THR D 120 13.70 13.40 -14.50
CA THR D 120 13.38 14.18 -13.29
C THR D 120 14.60 14.89 -12.83
N GLY D 121 14.46 16.21 -12.58
CA GLY D 121 15.53 17.09 -12.12
C GLY D 121 16.17 16.66 -10.82
N THR D 122 17.34 17.22 -10.58
CA THR D 122 18.10 16.88 -9.39
C THR D 122 18.88 18.08 -8.92
N CYS D 123 19.25 18.05 -7.65
CA CYS D 123 20.09 19.07 -7.02
C CYS D 123 21.18 18.35 -6.30
N ALA D 124 22.41 18.85 -6.42
CA ALA D 124 23.50 18.24 -5.67
C ALA D 124 23.77 19.08 -4.45
N ALA D 125 23.81 18.43 -3.29
CA ALA D 125 24.16 19.15 -2.06
C ALA D 125 25.54 18.71 -1.71
N CYS D 126 26.51 19.46 -2.19
CA CYS D 126 27.90 19.13 -1.90
C CYS D 126 28.31 19.73 -0.58
N ILE D 127 28.36 18.88 0.45
CA ILE D 127 28.68 19.25 1.82
C ILE D 127 30.17 19.18 2.23
N THR D 128 30.63 20.23 2.91
CA THR D 128 31.94 20.25 3.52
C THR D 128 31.79 20.85 4.94
N GLY D 129 31.88 20.00 5.96
CA GLY D 129 31.69 20.46 7.34
C GLY D 129 30.30 21.12 7.43
N ASP D 130 30.20 22.36 7.90
CA ASP D 130 28.88 22.98 7.95
C ASP D 130 28.52 23.78 6.69
N ASN D 131 29.32 23.63 5.64
CA ASN D 131 29.04 24.27 4.37
C ASN D 131 28.19 23.36 3.43
N ARG D 132 27.47 24.00 2.52
CA ARG D 132 26.60 23.29 1.59
C ARG D 132 26.62 24.00 0.25
N SER D 133 27.11 23.31 -0.78
CA SER D 133 27.13 23.85 -2.14
C SER D 133 26.04 23.15 -2.97
N LEU D 134 25.04 23.89 -3.39
CA LEU D 134 23.90 23.32 -4.14
C LEU D 134 23.97 23.75 -5.63
N ILE D 135 24.02 22.74 -6.50
CA ILE D 135 24.06 22.93 -7.94
C ILE D 135 22.82 22.22 -8.42
N ALA D 136 21.90 22.95 -9.03
CA ALA D 136 20.69 22.28 -9.51
C ALA D 136 20.74 21.91 -11.02
N ASN D 137 20.42 20.63 -11.30
CA ASN D 137 20.28 20.15 -12.67
C ASN D 137 18.76 20.01 -12.92
N LEU D 138 18.17 21.13 -13.29
CA LEU D 138 16.74 21.24 -13.44
C LEU D 138 16.14 20.17 -14.33
N ALA D 139 16.82 19.84 -15.43
CA ALA D 139 16.39 18.79 -16.37
C ALA D 139 14.89 18.85 -16.57
N ALA D 140 14.15 17.81 -16.17
CA ALA D 140 12.67 17.80 -16.31
C ALA D 140 11.90 18.96 -15.64
N ALA D 141 12.38 19.44 -14.51
CA ALA D 141 11.76 20.57 -13.83
C ALA D 141 11.56 21.70 -14.84
N ASN D 142 12.51 21.85 -15.74
CA ASN D 142 12.52 22.91 -16.74
C ASN D 142 11.51 22.87 -17.88
N CYS D 143 10.95 21.70 -18.11
CA CYS D 143 9.96 21.44 -19.16
C CYS D 143 8.59 22.06 -19.00
N TYR D 144 8.25 22.48 -17.79
CA TYR D 144 6.92 23.01 -17.51
C TYR D 144 6.48 24.14 -18.44
N LYS D 145 5.39 23.89 -19.16
CA LYS D 145 4.80 24.86 -20.09
C LYS D 145 3.38 25.07 -19.66
N LYS D 146 2.99 26.32 -19.39
CA LYS D 146 1.64 26.65 -18.93
C LYS D 146 0.54 26.15 -19.86
N GLU D 147 0.79 26.20 -21.16
CA GLU D 147 -0.18 25.76 -22.14
C GLU D 147 -0.40 24.25 -22.13
N LYS D 148 0.54 23.49 -21.59
CA LYS D 148 0.38 22.02 -21.51
C LYS D 148 0.09 21.43 -20.14
N HIS D 149 -0.25 22.29 -19.18
CA HIS D 149 -0.58 21.81 -17.86
C HIS D 149 -1.41 22.82 -17.10
N LEU D 150 -0.75 23.91 -16.73
CA LEU D 150 -1.37 24.96 -15.96
C LEU D 150 -2.73 25.39 -16.54
N ASP D 151 -2.87 25.31 -17.87
CA ASP D 151 -4.05 25.82 -18.60
C ASP D 151 -5.14 24.78 -18.80
N LEU D 152 -4.82 23.51 -18.51
CA LEU D 152 -5.80 22.44 -18.66
C LEU D 152 -6.79 22.68 -17.55
N GLU D 153 -8.07 22.74 -17.91
CA GLU D 153 -9.16 22.99 -16.95
C GLU D 153 -9.09 22.25 -15.62
N LYS D 154 -8.99 20.91 -15.63
CA LYS D 154 -8.86 20.18 -14.38
C LYS D 154 -7.78 20.81 -13.46
N ASN D 155 -6.60 21.11 -14.02
CA ASN D 155 -5.50 21.73 -13.26
C ASN D 155 -5.76 23.20 -12.90
N TRP D 156 -6.16 24.02 -13.87
CA TRP D 156 -6.39 25.41 -13.56
C TRP D 156 -7.51 25.62 -12.53
N MET D 157 -8.42 24.65 -12.48
CA MET D 157 -9.52 24.56 -11.54
C MET D 157 -9.03 24.57 -10.06
N LEU D 158 -8.02 23.74 -9.74
CA LEU D 158 -7.41 23.73 -8.39
C LEU D 158 -6.67 25.06 -8.06
N VAL D 159 -6.15 25.74 -9.08
CA VAL D 159 -5.58 27.05 -8.82
C VAL D 159 -6.65 28.06 -8.35
N GLU D 160 -7.85 27.93 -8.93
CA GLU D 160 -8.99 28.77 -8.60
C GLU D 160 -9.56 28.54 -7.19
N LYS D 161 -9.21 27.41 -6.57
CA LYS D 161 -9.62 27.12 -5.19
C LYS D 161 -8.74 27.78 -4.12
N ALA D 162 -7.49 28.04 -4.46
CA ALA D 162 -6.55 28.69 -3.53
C ALA D 162 -6.89 30.12 -3.03
N ARG D 163 -6.67 30.32 -1.72
CA ARG D 163 -6.78 31.63 -1.11
C ARG D 163 -5.40 32.28 -1.17
N VAL D 164 -4.38 31.45 -0.94
CA VAL D 164 -2.96 31.83 -0.94
C VAL D 164 -2.18 31.02 -2.03
N CYS D 165 -1.32 31.69 -2.80
CA CYS D 165 -0.45 31.03 -3.78
C CYS D 165 0.99 31.34 -3.39
N TYR D 166 1.84 30.35 -3.55
CA TYR D 166 3.26 30.54 -3.26
C TYR D 166 4.17 29.92 -4.33
N ILE D 167 5.08 30.73 -4.84
CA ILE D 167 6.03 30.26 -5.85
C ILE D 167 7.44 30.75 -5.52
N ALA D 168 8.38 29.82 -5.39
CA ALA D 168 9.75 30.22 -5.14
C ALA D 168 10.24 30.94 -6.40
N GLY D 169 11.07 31.97 -6.23
CA GLY D 169 11.62 32.71 -7.37
C GLY D 169 12.48 31.79 -8.27
N PHE D 170 12.72 30.55 -7.85
CA PHE D 170 13.51 29.65 -8.65
C PHE D 170 12.70 29.35 -9.90
N PHE D 171 11.39 29.25 -9.75
CA PHE D 171 10.56 28.87 -10.87
C PHE D 171 10.51 29.94 -11.97
N LEU D 172 11.03 31.13 -11.66
CA LEU D 172 11.10 32.17 -12.69
C LEU D 172 12.05 31.81 -13.83
N THR D 173 13.08 30.97 -13.57
CA THR D 173 14.07 30.64 -14.63
C THR D 173 13.48 29.66 -15.61
N VAL D 174 12.29 29.12 -15.26
CA VAL D 174 11.66 28.06 -16.04
C VAL D 174 10.44 28.52 -16.79
N SER D 175 9.45 29.05 -16.07
CA SER D 175 8.22 29.52 -16.68
C SER D 175 7.68 30.81 -16.05
N PRO D 176 8.30 31.92 -16.42
CA PRO D 176 7.80 33.20 -15.95
C PRO D 176 6.32 33.35 -16.36
N GLU D 177 5.99 32.86 -17.55
CA GLU D 177 4.63 32.94 -18.09
C GLU D 177 3.58 32.34 -17.15
N SER D 178 3.91 31.20 -16.56
CA SER D 178 2.99 30.53 -15.63
C SER D 178 2.82 31.37 -14.36
N VAL D 179 3.95 31.73 -13.74
CA VAL D 179 3.94 32.58 -12.55
C VAL D 179 3.06 33.80 -12.81
N LEU D 180 3.25 34.42 -13.98
CA LEU D 180 2.53 35.63 -14.35
C LEU D 180 1.03 35.44 -14.43
N LYS D 181 0.64 34.33 -15.04
CA LYS D 181 -0.78 33.98 -15.14
C LYS D 181 -1.36 33.79 -13.74
N VAL D 182 -0.57 33.11 -12.88
CA VAL D 182 -0.96 32.84 -11.51
C VAL D 182 -1.03 34.12 -10.67
N ALA D 183 0.02 34.95 -10.72
CA ALA D 183 0.00 36.22 -9.97
C ALA D 183 -1.09 37.17 -10.49
N HIS D 184 -1.23 37.29 -11.81
CA HIS D 184 -2.32 38.08 -12.38
C HIS D 184 -3.71 37.68 -11.84
N HIS D 185 -3.93 36.38 -11.72
CA HIS D 185 -5.20 35.85 -11.22
C HIS D 185 -5.47 36.23 -9.78
N ALA D 186 -4.40 36.23 -8.98
CA ALA D 186 -4.50 36.55 -7.55
C ALA D 186 -4.98 37.97 -7.48
N SER D 187 -4.26 38.87 -8.12
CA SER D 187 -4.67 40.26 -8.11
C SER D 187 -6.16 40.46 -8.50
N GLU D 188 -6.52 40.13 -9.74
CA GLU D 188 -7.92 40.21 -10.21
C GLU D 188 -9.03 39.68 -9.27
N ASN D 189 -8.67 38.87 -8.29
CA ASN D 189 -9.68 38.26 -7.48
C ASN D 189 -9.30 38.44 -6.04
N ASN D 190 -8.34 39.30 -5.81
CA ASN D 190 -7.90 39.58 -4.47
C ASN D 190 -7.49 38.39 -3.62
N ARG D 191 -6.64 37.56 -4.20
CA ARG D 191 -6.08 36.41 -3.49
C ARG D 191 -4.70 36.85 -3.02
N ILE D 192 -4.07 36.06 -2.16
CA ILE D 192 -2.72 36.42 -1.74
C ILE D 192 -1.71 35.72 -2.60
N PHE D 193 -0.75 36.51 -3.12
CA PHE D 193 0.33 36.03 -3.93
C PHE D 193 1.65 36.29 -3.24
N THR D 194 2.38 35.21 -2.99
CA THR D 194 3.66 35.18 -2.31
C THR D 194 4.76 34.61 -3.21
N LEU D 195 5.97 35.14 -3.02
CA LEU D 195 7.11 34.72 -3.80
C LEU D 195 8.34 34.74 -2.91
N ASN D 196 9.36 34.02 -3.34
CA ASN D 196 10.60 33.95 -2.62
C ASN D 196 11.76 34.45 -3.52
N LEU D 197 12.73 35.16 -2.92
CA LEU D 197 13.92 35.61 -3.64
C LEU D 197 14.81 34.41 -4.05
N SER D 198 14.70 33.36 -3.26
CA SER D 198 15.31 32.07 -3.58
C SER D 198 16.81 31.96 -3.59
N ALA D 199 17.50 32.86 -4.28
CA ALA D 199 18.95 32.76 -4.41
C ALA D 199 19.44 34.03 -5.04
N PRO D 200 20.66 34.42 -4.73
CA PRO D 200 21.28 35.61 -5.34
C PRO D 200 21.17 35.67 -6.85
N PHE D 201 21.42 34.52 -7.50
CA PHE D 201 21.38 34.41 -8.96
C PHE D 201 20.11 34.88 -9.62
N ILE D 202 18.98 34.69 -8.94
CA ILE D 202 17.67 35.15 -9.42
C ILE D 202 17.66 36.69 -9.50
N SER D 203 18.31 37.33 -8.53
CA SER D 203 18.39 38.81 -8.53
C SER D 203 19.35 39.36 -9.62
N GLN D 204 20.48 38.68 -9.79
CA GLN D 204 21.44 38.97 -10.82
C GLN D 204 20.92 38.69 -12.24
N PHE D 205 20.76 37.42 -12.59
CA PHE D 205 20.34 37.05 -13.94
C PHE D 205 18.85 36.85 -14.32
N TYR D 206 17.94 37.09 -13.37
CA TYR D 206 16.50 36.96 -13.70
C TYR D 206 15.68 38.16 -13.25
N LYS D 207 16.33 39.33 -13.14
CA LYS D 207 15.64 40.52 -12.62
C LYS D 207 14.46 40.98 -13.45
N GLU D 208 14.57 40.79 -14.75
CA GLU D 208 13.48 41.15 -15.63
C GLU D 208 12.16 40.49 -15.21
N SER D 209 12.15 39.17 -15.17
CA SER D 209 11.01 38.39 -14.73
C SER D 209 10.61 38.74 -13.31
N LEU D 210 11.65 38.85 -12.46
CA LEU D 210 11.43 39.10 -11.05
C LEU D 210 10.66 40.37 -10.88
N MET D 211 11.07 41.39 -11.63
CA MET D 211 10.47 42.72 -11.50
C MET D 211 9.18 42.88 -12.28
N LYS D 212 8.98 41.97 -13.22
CA LYS D 212 7.75 41.95 -14.00
C LYS D 212 6.71 41.27 -13.15
N VAL D 213 7.19 40.42 -12.25
CA VAL D 213 6.32 39.71 -11.28
C VAL D 213 6.14 40.46 -9.94
N MET D 214 7.14 41.22 -9.52
CA MET D 214 7.07 41.96 -8.26
C MET D 214 5.77 42.73 -7.96
N PRO D 215 5.22 43.45 -8.94
CA PRO D 215 4.03 44.25 -8.62
C PRO D 215 2.84 43.41 -8.21
N TYR D 216 2.97 42.08 -8.22
CA TYR D 216 1.84 41.22 -7.89
C TYR D 216 2.02 40.57 -6.52
N VAL D 217 3.25 40.65 -6.03
CA VAL D 217 3.63 40.02 -4.78
C VAL D 217 3.06 40.75 -3.57
N ASP D 218 2.18 40.05 -2.88
CA ASP D 218 1.56 40.65 -1.72
C ASP D 218 2.50 40.41 -0.60
N ILE D 219 3.23 39.29 -0.66
CA ILE D 219 4.24 38.97 0.35
C ILE D 219 5.53 38.42 -0.28
N LEU D 220 6.63 39.12 -0.03
CA LEU D 220 7.89 38.59 -0.52
C LEU D 220 8.74 38.00 0.60
N PHE D 221 9.28 36.78 0.38
CA PHE D 221 10.15 36.13 1.37
C PHE D 221 11.56 36.15 0.84
N GLY D 222 12.52 35.78 1.70
CA GLY D 222 13.92 35.66 1.32
C GLY D 222 14.88 35.77 2.49
N ASN D 223 16.14 35.44 2.27
CA ASN D 223 17.13 35.56 3.33
C ASN D 223 18.04 36.80 3.16
N GLU D 224 18.93 37.04 4.14
CA GLU D 224 19.76 38.23 4.07
C GLU D 224 20.71 38.41 2.89
N THR D 225 21.35 37.35 2.40
CA THR D 225 22.26 37.48 1.25
C THR D 225 21.45 37.71 -0.04
N GLU D 226 20.22 37.21 -0.06
CA GLU D 226 19.31 37.41 -1.19
C GLU D 226 18.79 38.83 -1.19
N ALA D 227 18.36 39.32 -0.04
CA ALA D 227 17.87 40.70 0.04
C ALA D 227 19.01 41.67 -0.33
N ALA D 228 20.16 41.42 0.27
CA ALA D 228 21.33 42.19 0.06
C ALA D 228 21.60 42.27 -1.48
N THR D 229 21.64 41.11 -2.18
CA THR D 229 21.88 41.13 -3.62
C THR D 229 20.77 41.90 -4.35
N PHE D 230 19.54 41.73 -3.88
CA PHE D 230 18.39 42.38 -4.48
C PHE D 230 18.52 43.92 -4.44
N ALA D 231 18.83 44.41 -3.23
CA ALA D 231 19.19 45.80 -2.94
C ALA D 231 20.25 46.42 -3.86
N ARG D 232 21.27 45.66 -4.27
CA ARG D 232 22.31 46.17 -5.17
C ARG D 232 21.91 46.14 -6.64
N GLU D 233 21.24 45.06 -7.01
CA GLU D 233 20.83 44.90 -8.40
C GLU D 233 19.70 45.84 -8.73
N GLN D 234 19.01 46.32 -7.71
CA GLN D 234 17.89 47.26 -7.86
C GLN D 234 18.39 48.68 -7.53
N GLY D 235 19.69 48.78 -7.20
CA GLY D 235 20.34 50.04 -6.83
C GLY D 235 19.69 50.80 -5.66
N PHE D 236 19.31 50.08 -4.60
CA PHE D 236 18.71 50.72 -3.44
C PHE D 236 19.75 51.58 -2.77
N GLU D 237 21.01 51.21 -2.87
CA GLU D 237 22.05 51.99 -2.20
C GLU D 237 21.78 51.91 -0.71
N THR D 238 21.93 50.71 -0.14
CA THR D 238 21.72 50.49 1.29
C THR D 238 22.00 49.01 1.59
N LYS D 239 22.88 48.75 2.57
CA LYS D 239 23.28 47.40 2.95
C LYS D 239 22.43 46.96 4.10
N ASP D 240 21.65 47.90 4.62
CA ASP D 240 20.82 47.71 5.80
C ASP D 240 19.58 46.93 5.55
N ILE D 241 19.57 45.70 6.07
CA ILE D 241 18.44 44.79 5.95
C ILE D 241 17.06 45.44 6.11
N LYS D 242 16.79 46.05 7.28
CA LYS D 242 15.52 46.79 7.54
C LYS D 242 15.19 47.89 6.55
N GLU D 243 16.22 48.54 6.03
CA GLU D 243 16.05 49.63 5.06
C GLU D 243 15.74 49.03 3.66
N ILE D 244 16.35 47.89 3.38
CA ILE D 244 16.04 47.15 2.15
C ILE D 244 14.63 46.56 2.22
N ALA D 245 14.23 46.08 3.42
CA ALA D 245 12.89 45.51 3.65
C ALA D 245 11.83 46.60 3.48
N LYS D 246 12.19 47.79 3.97
CA LYS D 246 11.30 48.94 3.85
C LYS D 246 11.14 49.47 2.41
N LYS D 247 12.26 49.63 1.66
CA LYS D 247 12.18 50.04 0.26
C LYS D 247 11.46 49.02 -0.65
N THR D 248 11.69 47.73 -0.38
CA THR D 248 11.09 46.67 -1.19
C THR D 248 9.55 46.66 -1.02
N GLN D 249 9.09 46.91 0.20
CA GLN D 249 7.68 46.91 0.50
C GLN D 249 7.01 48.14 -0.11
N ALA D 250 7.79 49.11 -0.56
CA ALA D 250 7.19 50.31 -1.15
C ALA D 250 7.18 50.27 -2.66
N LEU D 251 7.86 49.30 -3.25
CA LEU D 251 7.90 49.15 -4.71
C LEU D 251 6.48 49.23 -5.24
N PRO D 252 6.33 49.69 -6.49
CA PRO D 252 4.99 49.75 -7.11
C PRO D 252 4.29 48.41 -6.98
N LYS D 253 3.04 48.46 -6.51
CA LYS D 253 2.18 47.29 -6.41
C LYS D 253 0.90 47.35 -7.30
N MET D 254 0.75 46.40 -8.22
CA MET D 254 -0.49 46.22 -9.01
C MET D 254 -1.88 46.20 -8.29
N ASN D 255 -2.03 45.39 -7.23
CA ASN D 255 -3.31 45.33 -6.48
C ASN D 255 -3.33 46.23 -5.24
N SER D 256 -4.04 47.34 -5.37
CA SER D 256 -4.19 48.30 -4.30
C SER D 256 -4.92 47.88 -3.04
N LYS D 257 -5.63 46.75 -3.08
CA LYS D 257 -6.44 46.28 -1.93
C LYS D 257 -5.61 45.69 -0.84
N ARG D 258 -4.40 45.25 -1.18
CA ARG D 258 -3.47 44.69 -0.18
C ARG D 258 -2.15 45.48 -0.23
N GLN D 259 -1.57 45.73 0.91
CA GLN D 259 -0.33 46.49 1.00
C GLN D 259 0.82 45.45 1.15
N ARG D 260 1.94 45.64 0.44
CA ARG D 260 2.97 44.61 0.53
C ARG D 260 3.33 44.13 1.95
N ILE D 261 4.01 43.00 2.02
CA ILE D 261 4.64 42.48 3.24
C ILE D 261 5.96 41.84 2.79
N VAL D 262 7.04 42.17 3.50
CA VAL D 262 8.40 41.70 3.16
C VAL D 262 9.01 41.07 4.41
N ILE D 263 9.46 39.83 4.26
CA ILE D 263 9.99 39.06 5.38
C ILE D 263 11.33 38.49 4.94
N PHE D 264 12.35 38.73 5.76
CA PHE D 264 13.73 38.37 5.46
C PHE D 264 14.32 37.59 6.62
N THR D 265 14.72 36.37 6.35
CA THR D 265 15.27 35.53 7.38
C THR D 265 16.76 35.80 7.45
N GLN D 266 17.33 35.58 8.62
CA GLN D 266 18.73 35.91 8.87
C GLN D 266 19.43 34.81 9.65
N GLY D 267 19.08 33.57 9.38
CA GLY D 267 19.72 32.46 10.06
C GLY D 267 19.34 32.36 11.53
N ARG D 268 20.32 32.65 12.39
CA ARG D 268 20.12 32.66 13.85
C ARG D 268 19.81 34.11 14.27
N ASP D 269 20.02 35.06 13.36
CA ASP D 269 19.61 36.40 13.66
C ASP D 269 18.13 36.62 13.43
N ASP D 270 17.62 37.72 13.98
CA ASP D 270 16.22 38.07 13.90
C ASP D 270 15.68 38.08 12.46
N THR D 271 14.41 37.71 12.32
CA THR D 271 13.66 37.74 11.07
C THR D 271 13.12 39.15 10.86
N ILE D 272 13.43 39.79 9.75
CA ILE D 272 12.87 41.12 9.50
C ILE D 272 11.52 41.08 8.76
N MET D 273 10.56 41.87 9.23
CA MET D 273 9.27 42.05 8.55
C MET D 273 8.99 43.52 8.39
N ALA D 274 8.66 43.91 7.17
CA ALA D 274 8.28 45.26 6.84
C ALA D 274 6.85 45.27 6.31
N THR D 275 6.02 46.14 6.88
CA THR D 275 4.66 46.38 6.42
C THR D 275 4.54 47.87 6.06
N GLU D 276 3.33 48.28 5.71
CA GLU D 276 3.08 49.66 5.28
C GLU D 276 3.40 50.62 6.43
N SER D 277 3.05 50.18 7.65
CA SER D 277 3.27 50.90 8.90
C SER D 277 4.75 50.91 9.28
N GLU D 278 5.35 49.72 9.44
CA GLU D 278 6.76 49.71 9.85
C GLU D 278 7.65 48.56 9.40
N VAL D 279 8.69 48.37 10.20
CA VAL D 279 9.69 47.33 10.03
C VAL D 279 9.92 46.77 11.44
N THR D 280 9.87 45.46 11.61
CA THR D 280 10.04 44.86 12.94
C THR D 280 10.89 43.61 12.91
N ALA D 281 11.60 43.37 14.00
CA ALA D 281 12.46 42.22 14.07
C ALA D 281 11.79 41.17 14.95
N PHE D 282 12.10 39.90 14.71
CA PHE D 282 11.54 38.82 15.49
C PHE D 282 12.67 37.86 15.78
N ALA D 283 12.87 37.58 17.06
CA ALA D 283 13.92 36.66 17.50
C ALA D 283 13.64 35.20 17.18
N VAL D 284 14.67 34.49 16.72
CA VAL D 284 14.56 33.06 16.46
C VAL D 284 14.54 32.17 17.69
N LEU D 285 13.63 31.19 17.69
CA LEU D 285 13.47 30.23 18.78
C LEU D 285 14.83 29.69 19.22
N ASP D 286 15.08 29.71 20.53
CA ASP D 286 16.35 29.21 21.07
C ASP D 286 16.66 27.74 20.79
N GLN D 287 16.72 27.40 19.51
CA GLN D 287 17.02 26.04 19.07
C GLN D 287 18.54 25.88 19.02
N ASP D 288 19.23 26.47 19.99
CA ASP D 288 20.69 26.45 20.01
C ASP D 288 21.27 25.02 19.90
N GLN D 289 22.62 24.91 19.87
CA GLN D 289 23.35 23.63 19.79
C GLN D 289 23.06 22.77 18.55
N LYS D 290 22.17 23.30 17.70
CA LYS D 290 21.71 22.64 16.47
C LYS D 290 22.79 22.40 15.42
N GLU D 291 23.85 23.20 15.47
CA GLU D 291 25.01 23.09 14.56
C GLU D 291 24.74 22.64 13.11
N ILE D 292 24.65 21.32 12.90
CA ILE D 292 24.40 20.74 11.59
C ILE D 292 22.95 21.03 11.18
N ILE D 293 22.69 22.30 10.87
CA ILE D 293 21.37 22.72 10.39
C ILE D 293 21.58 23.18 8.96
N ASP D 294 20.69 22.73 8.09
CA ASP D 294 20.69 23.12 6.69
C ASP D 294 20.00 24.49 6.72
N THR D 295 20.74 25.55 6.45
CA THR D 295 20.18 26.92 6.48
C THR D 295 19.19 27.18 5.34
N ASN D 296 19.36 26.43 4.25
CA ASN D 296 18.46 26.48 3.11
C ASN D 296 17.21 25.65 3.38
N GLY D 297 17.34 24.49 3.98
CA GLY D 297 16.17 23.72 4.33
C GLY D 297 15.39 24.41 5.47
N ALA D 298 16.05 25.27 6.25
CA ALA D 298 15.35 26.00 7.31
C ALA D 298 14.53 27.15 6.68
N GLY D 299 15.10 27.75 5.63
CA GLY D 299 14.40 28.79 4.85
C GLY D 299 13.07 28.22 4.30
N ASP D 300 13.15 27.14 3.52
CA ASP D 300 11.96 26.45 3.01
C ASP D 300 10.92 26.03 4.09
N ALA D 301 11.40 25.56 5.23
CA ALA D 301 10.51 25.17 6.30
C ALA D 301 9.86 26.40 6.96
N PHE D 302 10.59 27.50 7.05
CA PHE D 302 10.01 28.69 7.67
C PHE D 302 8.83 29.12 6.88
N VAL D 303 8.95 29.14 5.57
CA VAL D 303 7.88 29.57 4.68
C VAL D 303 6.66 28.66 4.84
N GLY D 304 6.88 27.34 4.74
CA GLY D 304 5.83 26.37 4.95
C GLY D 304 5.12 26.66 6.29
N GLY D 305 5.87 26.94 7.34
CA GLY D 305 5.25 27.29 8.59
C GLY D 305 4.42 28.60 8.54
N PHE D 306 4.99 29.66 8.00
CA PHE D 306 4.30 30.96 7.84
C PHE D 306 3.04 30.75 6.96
N LEU D 307 3.18 29.99 5.87
CA LEU D 307 2.05 29.72 5.00
C LEU D 307 0.91 28.99 5.77
N SER D 308 1.29 28.04 6.60
CA SER D 308 0.34 27.24 7.33
C SER D 308 -0.68 28.07 8.08
N GLN D 309 -0.25 29.21 8.64
CA GLN D 309 -1.16 30.08 9.37
C GLN D 309 -1.78 31.16 8.47
N LEU D 310 -1.02 31.62 7.47
CA LEU D 310 -1.48 32.71 6.61
C LEU D 310 -2.82 32.31 5.99
N VAL D 311 -2.88 31.03 5.70
CA VAL D 311 -3.97 30.44 4.96
C VAL D 311 -5.28 30.50 5.74
N SER D 312 -5.16 30.61 7.06
CA SER D 312 -6.35 30.78 7.88
C SER D 312 -6.50 32.18 8.49
N ASP D 313 -5.80 33.15 7.90
CA ASP D 313 -5.89 34.56 8.26
C ASP D 313 -5.33 34.95 9.60
N LYS D 314 -4.50 34.11 10.17
CA LYS D 314 -3.92 34.41 11.48
C LYS D 314 -3.10 35.71 11.43
N PRO D 315 -2.88 36.34 12.60
CA PRO D 315 -2.07 37.55 12.60
C PRO D 315 -0.65 37.19 12.12
N LEU D 316 0.00 38.15 11.46
CA LEU D 316 1.35 37.94 10.98
C LEU D 316 2.28 37.44 12.07
N THR D 317 2.08 37.97 13.28
CA THR D 317 2.88 37.60 14.45
C THR D 317 2.79 36.13 14.65
N GLU D 318 1.62 35.60 14.30
CA GLU D 318 1.34 34.17 14.45
C GLU D 318 1.91 33.35 13.34
N CYS D 319 1.91 33.92 12.14
CA CYS D 319 2.52 33.27 10.98
C CYS D 319 4.02 33.09 11.15
N ILE D 320 4.68 34.16 11.57
CA ILE D 320 6.12 34.14 11.77
C ILE D 320 6.47 33.11 12.82
N ARG D 321 5.67 33.06 13.87
CA ARG D 321 5.90 32.08 14.94
C ARG D 321 5.92 30.66 14.45
N ALA D 322 4.94 30.28 13.63
CA ALA D 322 4.92 28.92 13.08
C ALA D 322 6.11 28.71 12.14
N GLY D 323 6.56 29.77 11.45
CA GLY D 323 7.68 29.73 10.55
C GLY D 323 8.96 29.42 11.32
N HIS D 324 9.14 30.07 12.46
CA HIS D 324 10.27 29.79 13.34
C HIS D 324 10.15 28.33 13.84
N TYR D 325 8.94 27.94 14.19
CA TYR D 325 8.68 26.62 14.70
C TYR D 325 9.02 25.49 13.70
N ALA D 326 8.44 25.60 12.51
CA ALA D 326 8.70 24.63 11.45
C ALA D 326 10.20 24.56 11.14
N ALA D 327 10.85 25.73 11.13
CA ALA D 327 12.28 25.80 10.82
C ALA D 327 13.15 25.00 11.79
N SER D 328 12.82 25.05 13.09
CA SER D 328 13.51 24.34 14.18
C SER D 328 13.26 22.85 14.24
N ILE D 329 12.08 22.44 13.81
CA ILE D 329 11.71 21.03 13.88
C ILE D 329 12.18 20.33 12.62
N ILE D 330 11.55 20.72 11.51
CA ILE D 330 11.84 20.13 10.21
C ILE D 330 13.31 20.32 9.80
N ILE D 331 14.11 19.34 10.19
CA ILE D 331 15.56 19.34 9.99
C ILE D 331 15.97 18.10 9.22
N ARG D 332 16.49 18.31 8.03
CA ARG D 332 17.01 17.20 7.23
C ARG D 332 18.45 16.94 7.64
N ARG D 333 18.85 15.68 7.64
CA ARG D 333 20.18 15.35 8.12
C ARG D 333 20.97 14.42 7.19
N THR D 334 22.23 14.21 7.58
CA THR D 334 23.15 13.31 6.89
C THR D 334 23.14 12.04 7.72
N GLY D 335 23.38 10.91 7.09
CA GLY D 335 23.47 9.65 7.82
C GLY D 335 22.22 9.36 8.61
N CYS D 336 21.09 9.32 7.91
CA CYS D 336 19.82 8.96 8.50
C CYS D 336 19.36 7.62 7.90
N THR D 337 19.32 7.58 6.57
CA THR D 337 18.86 6.43 5.80
C THR D 337 20.01 5.46 5.51
N PHE D 338 19.68 4.23 5.14
CA PHE D 338 20.62 3.20 4.71
C PHE D 338 20.64 3.05 3.19
N PRO D 339 21.79 2.57 2.69
CA PRO D 339 21.94 2.28 1.27
C PRO D 339 20.99 1.17 0.82
N GLU D 340 20.12 1.51 -0.15
CA GLU D 340 19.20 0.51 -0.66
C GLU D 340 19.83 -0.88 -0.67
N LYS D 341 21.00 -0.95 -1.34
CA LYS D 341 21.75 -2.20 -1.37
C LYS D 341 23.10 -2.04 -0.67
N PRO D 342 23.41 -2.99 0.23
CA PRO D 342 24.67 -2.95 0.96
C PRO D 342 25.86 -3.22 0.04
N ASP D 343 27.04 -2.74 0.49
CA ASP D 343 28.24 -2.95 -0.31
C ASP D 343 29.35 -3.62 0.50
N PHE D 344 29.08 -4.88 0.89
CA PHE D 344 30.10 -5.64 1.62
C PHE D 344 30.82 -6.63 0.70
N HIS D 345 30.43 -6.59 -0.59
CA HIS D 345 31.05 -7.47 -1.57
C HIS D 345 31.11 -8.91 -1.06
#